data_4DJM
#
_entry.id   4DJM
#
_cell.length_a   59.450
_cell.length_b   98.410
_cell.length_c   100.880
_cell.angle_alpha   84.20
_cell.angle_beta   89.80
_cell.angle_gamma   83.80
#
_symmetry.space_group_name_H-M   'P 1'
#
_entity_poly.entity_id   1
_entity_poly.type   'polypeptide(L)'
_entity_poly.pdbx_seq_one_letter_code
;AA(MSE)AGGEGN(MSE)SASATETNARVFSLHLGATRVVYNPASSGETLTVINDQDYP(MSE)LVQSEVLSEDQKSPAP
FVVTPPLFRLDGQQSSRLRIVRTGGEFPPDRESLQWICVKGIPPKEGDRWAEGKDGEKKADKVSLNVQLSVSSCIKLFVR
PPAVKGRPDDVAGKVEWQRAGNRLKGVNPTPFYINLSTLTVGGKEVKEREYIAPFSSREYPLPAGASGKVQWKVITDYGG
TSKQFEAELKG
;
_entity_poly.pdbx_strand_id   A,B,C,D,E,F,G,H
#
# COMPACT_ATOMS: atom_id res chain seq x y z
N ARG A 20 15.12 -19.83 21.38
CA ARG A 20 15.92 -20.84 22.16
C ARG A 20 15.24 -21.27 23.50
N VAL A 21 14.99 -22.59 23.63
CA VAL A 21 14.18 -23.09 24.79
C VAL A 21 14.89 -24.07 25.73
N PHE A 22 14.77 -23.80 27.01
CA PHE A 22 15.45 -24.61 27.99
C PHE A 22 14.43 -25.35 28.83
N SER A 23 14.18 -26.60 28.46
CA SER A 23 13.34 -27.48 29.24
C SER A 23 13.92 -28.89 29.29
N LEU A 24 13.62 -29.59 30.36
CA LEU A 24 14.02 -30.95 30.49
C LEU A 24 12.88 -31.93 30.11
N HIS A 25 13.22 -33.08 29.56
CA HIS A 25 12.34 -34.24 29.63
C HIS A 25 12.66 -35.03 30.94
N LEU A 26 11.64 -35.44 31.69
CA LEU A 26 11.80 -36.37 32.85
C LEU A 26 11.67 -37.83 32.44
N GLY A 27 12.37 -38.71 33.15
CA GLY A 27 12.43 -40.15 32.82
C GLY A 27 11.22 -40.91 33.30
N ALA A 28 10.40 -40.23 34.08
CA ALA A 28 9.15 -40.81 34.57
C ALA A 28 8.04 -39.75 34.71
N THR A 29 6.81 -40.18 34.85
CA THR A 29 5.65 -39.27 35.02
C THR A 29 5.29 -39.06 36.50
N ARG A 30 5.87 -39.87 37.40
CA ARG A 30 5.68 -39.67 38.84
C ARG A 30 6.81 -40.38 39.56
N VAL A 31 7.01 -40.11 40.83
CA VAL A 31 7.94 -40.86 41.63
C VAL A 31 7.21 -41.44 42.83
N VAL A 32 7.50 -42.69 43.19
CA VAL A 32 6.97 -43.24 44.44
C VAL A 32 8.08 -43.50 45.48
N TYR A 33 8.01 -42.68 46.54
CA TYR A 33 9.05 -42.49 47.50
C TYR A 33 8.78 -43.26 48.78
N ASN A 34 9.70 -44.16 49.12
CA ASN A 34 9.62 -44.97 50.40
C ASN A 34 10.25 -44.23 51.60
N PRO A 35 9.42 -43.84 52.58
CA PRO A 35 10.03 -42.99 53.62
C PRO A 35 10.82 -43.79 54.65
N ALA A 36 10.68 -45.14 54.68
CA ALA A 36 11.59 -46.02 55.48
C ALA A 36 12.89 -46.28 54.72
N SER A 37 13.05 -45.68 53.53
CA SER A 37 14.21 -45.94 52.70
C SER A 37 15.12 -44.72 52.56
N SER A 38 16.06 -44.66 51.62
CA SER A 38 17.07 -43.63 51.71
C SER A 38 17.01 -42.66 50.61
N GLY A 39 15.99 -42.71 49.80
CA GLY A 39 15.89 -41.84 48.63
C GLY A 39 15.47 -42.51 47.33
N GLU A 40 15.10 -41.71 46.33
CA GLU A 40 14.61 -42.22 45.05
C GLU A 40 15.43 -41.56 43.96
N THR A 41 15.48 -42.13 42.77
CA THR A 41 16.21 -41.44 41.73
C THR A 41 15.26 -40.97 40.65
N LEU A 42 15.66 -39.93 39.94
CA LEU A 42 14.87 -39.50 38.79
C LEU A 42 15.82 -39.10 37.67
N THR A 43 15.51 -39.56 36.45
CA THR A 43 16.36 -39.25 35.31
C THR A 43 15.90 -37.97 34.64
N VAL A 44 16.82 -37.01 34.40
CA VAL A 44 16.48 -35.88 33.51
C VAL A 44 17.21 -35.97 32.18
N ILE A 45 16.53 -35.67 31.10
CA ILE A 45 17.23 -35.71 29.85
C ILE A 45 17.09 -34.33 29.19
N ASN A 46 18.23 -33.82 28.72
CA ASN A 46 18.29 -32.74 27.80
C ASN A 46 18.44 -33.25 26.38
N ASP A 47 17.41 -33.23 25.53
CA ASP A 47 17.62 -33.68 24.13
C ASP A 47 17.53 -32.62 23.01
N GLN A 48 18.07 -31.45 23.36
CA GLN A 48 18.43 -30.40 22.43
C GLN A 48 19.93 -30.50 22.15
N ASP A 49 20.43 -29.62 21.28
CA ASP A 49 21.84 -29.62 20.91
C ASP A 49 22.72 -28.84 21.87
N TYR A 50 22.14 -27.85 22.53
CA TYR A 50 22.88 -26.94 23.41
C TYR A 50 22.88 -27.45 24.87
N PRO A 51 23.89 -27.03 25.65
CA PRO A 51 23.90 -27.18 27.11
C PRO A 51 22.75 -26.42 27.77
N MSE A 52 22.42 -26.83 28.99
CA MSE A 52 21.60 -26.06 29.90
C MSE A 52 21.90 -26.41 31.31
O MSE A 52 22.63 -27.36 31.61
CB MSE A 52 20.11 -26.22 29.63
CG MSE A 52 19.62 -27.63 29.64
SE MSE A 52 17.72 -27.81 29.09
CE MSE A 52 17.93 -27.77 27.13
N LEU A 53 21.30 -25.64 32.17
CA LEU A 53 21.43 -25.71 33.61
C LEU A 53 20.08 -26.27 34.16
N VAL A 54 20.17 -27.32 34.94
CA VAL A 54 19.00 -27.95 35.49
C VAL A 54 18.87 -27.47 36.93
N GLN A 55 17.75 -26.88 37.30
CA GLN A 55 17.51 -26.65 38.72
C GLN A 55 16.31 -27.45 39.14
N SER A 56 16.36 -27.91 40.39
CA SER A 56 15.40 -28.85 40.90
C SER A 56 14.97 -28.53 42.30
N GLU A 57 13.69 -28.65 42.57
CA GLU A 57 13.22 -28.49 43.92
C GLU A 57 12.06 -29.43 44.23
N VAL A 58 11.78 -29.64 45.51
CA VAL A 58 10.56 -30.29 45.93
C VAL A 58 9.62 -29.41 46.73
N LEU A 59 8.36 -29.35 46.29
CA LEU A 59 7.34 -28.44 46.84
C LEU A 59 6.18 -29.15 47.56
N SER A 60 5.52 -28.42 48.46
CA SER A 60 4.18 -28.79 49.00
C SER A 60 3.13 -29.36 48.01
N GLU A 61 2.14 -30.01 48.58
CA GLU A 61 1.01 -30.38 47.79
C GLU A 61 0.52 -29.18 46.98
N ASP A 62 0.52 -27.98 47.60
CA ASP A 62 0.05 -26.74 46.92
C ASP A 62 1.01 -26.17 45.83
N GLN A 63 2.25 -26.65 45.77
CA GLN A 63 3.22 -26.07 44.83
C GLN A 63 3.67 -24.65 45.26
N LYS A 64 3.34 -24.24 46.49
CA LYS A 64 3.66 -22.93 47.03
C LYS A 64 4.93 -23.02 47.94
N SER A 65 4.79 -23.61 49.12
CA SER A 65 5.90 -23.81 50.04
C SER A 65 6.93 -24.90 49.58
N PRO A 66 8.15 -24.89 50.16
CA PRO A 66 9.20 -25.94 50.01
C PRO A 66 8.89 -27.22 50.81
N ALA A 67 9.29 -28.38 50.29
CA ALA A 67 9.02 -29.61 51.01
C ALA A 67 10.33 -30.06 51.72
N PRO A 68 10.19 -30.83 52.81
CA PRO A 68 11.42 -31.21 53.51
C PRO A 68 12.13 -32.36 52.74
N PHE A 69 12.59 -32.05 51.53
CA PHE A 69 13.37 -32.94 50.70
C PHE A 69 14.40 -32.03 50.06
N VAL A 70 15.33 -32.63 49.34
CA VAL A 70 16.43 -31.97 48.68
C VAL A 70 16.64 -32.75 47.38
N VAL A 71 17.10 -32.09 46.32
CA VAL A 71 17.66 -32.84 45.18
C VAL A 71 19.21 -32.68 45.15
N THR A 72 19.88 -33.79 44.82
CA THR A 72 21.35 -33.84 44.64
C THR A 72 21.54 -34.30 43.23
N PRO A 73 22.15 -33.45 42.39
CA PRO A 73 22.53 -32.05 42.68
C PRO A 73 21.39 -31.02 42.44
N PRO A 74 21.33 -29.94 43.25
CA PRO A 74 20.18 -29.01 42.98
C PRO A 74 20.29 -28.14 41.69
N LEU A 75 21.50 -28.02 41.13
CA LEU A 75 21.83 -27.04 40.11
C LEU A 75 23.07 -27.55 39.36
N PHE A 76 22.96 -27.89 38.06
CA PHE A 76 24.15 -28.36 37.29
C PHE A 76 24.03 -28.30 35.76
N ARG A 77 25.17 -28.31 35.08
CA ARG A 77 25.18 -28.21 33.62
C ARG A 77 24.95 -29.59 33.05
N LEU A 78 24.20 -29.68 31.97
CA LEU A 78 23.95 -30.96 31.34
C LEU A 78 24.14 -30.78 29.83
N ASP A 79 25.15 -31.42 29.25
CA ASP A 79 25.46 -31.13 27.83
C ASP A 79 24.26 -31.58 27.00
N GLY A 80 24.08 -30.96 25.84
CA GLY A 80 23.07 -31.39 24.88
C GLY A 80 23.16 -32.89 24.65
N GLN A 81 22.15 -33.48 24.02
CA GLN A 81 22.06 -34.93 23.78
C GLN A 81 22.43 -35.85 24.97
N GLN A 82 22.16 -35.39 26.18
CA GLN A 82 22.63 -36.10 27.36
C GLN A 82 21.57 -36.36 28.46
N SER A 83 21.81 -37.38 29.30
CA SER A 83 21.00 -37.63 30.54
C SER A 83 21.78 -37.63 31.86
N SER A 84 21.06 -37.49 32.95
CA SER A 84 21.66 -37.58 34.24
C SER A 84 20.59 -38.00 35.17
N ARG A 85 21.00 -38.59 36.26
CA ARG A 85 20.08 -39.14 37.21
C ARG A 85 20.29 -38.34 38.45
N LEU A 86 19.17 -37.79 38.96
CA LEU A 86 19.08 -37.02 40.21
C LEU A 86 18.66 -37.90 41.38
N ARG A 87 19.07 -37.48 42.57
CA ARG A 87 18.74 -38.15 43.82
C ARG A 87 17.76 -37.32 44.64
N ILE A 88 16.57 -37.84 44.96
CA ILE A 88 15.68 -37.07 45.82
C ILE A 88 15.68 -37.66 47.21
N VAL A 89 15.92 -36.83 48.24
CA VAL A 89 16.09 -37.35 49.60
C VAL A 89 15.26 -36.56 50.56
N ARG A 90 14.36 -37.26 51.26
CA ARG A 90 13.58 -36.66 52.33
C ARG A 90 14.46 -36.22 53.46
N THR A 91 14.10 -35.11 54.08
CA THR A 91 15.00 -34.39 54.99
C THR A 91 14.46 -34.17 56.37
N GLY A 92 13.16 -34.39 56.52
CA GLY A 92 12.42 -34.01 57.70
C GLY A 92 10.98 -34.19 57.38
N GLY A 93 10.12 -33.42 58.04
CA GLY A 93 8.65 -33.49 57.80
C GLY A 93 7.97 -34.68 58.44
N GLU A 94 6.70 -34.52 58.78
CA GLU A 94 5.88 -35.61 59.32
C GLU A 94 4.97 -36.15 58.23
N PHE A 95 4.92 -37.47 58.11
CA PHE A 95 4.09 -38.15 57.11
C PHE A 95 3.29 -39.32 57.71
N PRO A 96 1.98 -39.40 57.36
CA PRO A 96 1.14 -40.42 57.91
C PRO A 96 1.69 -41.78 57.61
N PRO A 97 1.58 -42.71 58.56
CA PRO A 97 2.18 -44.02 58.32
C PRO A 97 1.21 -44.92 57.59
N ASP A 98 -0.02 -44.44 57.39
CA ASP A 98 -1.14 -45.27 56.92
C ASP A 98 -1.73 -44.87 55.53
N ARG A 99 -1.16 -43.80 54.92
CA ARG A 99 -1.63 -43.25 53.65
C ARG A 99 -0.55 -42.50 52.91
N GLU A 100 -0.84 -42.28 51.61
CA GLU A 100 0.03 -41.57 50.71
C GLU A 100 -0.07 -40.10 51.01
N SER A 101 1.02 -39.39 50.77
CA SER A 101 1.07 -37.97 50.92
C SER A 101 1.71 -37.40 49.63
N LEU A 102 1.11 -36.36 49.06
CA LEU A 102 1.55 -35.95 47.69
C LEU A 102 2.50 -34.74 47.72
N GLN A 103 3.52 -34.79 46.88
CA GLN A 103 4.39 -33.66 46.83
C GLN A 103 4.75 -33.42 45.36
N TRP A 104 5.54 -32.37 45.09
CA TRP A 104 5.91 -32.11 43.73
C TRP A 104 7.40 -31.88 43.54
N ILE A 105 8.01 -32.60 42.58
CA ILE A 105 9.40 -32.42 42.10
C ILE A 105 9.31 -31.58 40.82
N CYS A 106 10.08 -30.49 40.76
CA CYS A 106 10.07 -29.53 39.64
C CYS A 106 11.46 -29.31 39.11
N VAL A 107 11.55 -29.39 37.78
CA VAL A 107 12.80 -29.33 37.09
C VAL A 107 12.81 -28.23 36.03
N LYS A 108 13.61 -27.23 36.29
CA LYS A 108 13.63 -26.00 35.52
C LYS A 108 14.92 -26.00 34.69
N GLY A 109 14.76 -25.85 33.39
CA GLY A 109 15.89 -25.63 32.49
C GLY A 109 16.27 -24.14 32.42
N ILE A 110 17.36 -23.77 33.07
CA ILE A 110 17.90 -22.39 33.04
C ILE A 110 19.12 -22.30 32.08
N PRO A 111 19.29 -21.14 31.42
CA PRO A 111 20.44 -20.94 30.47
C PRO A 111 21.79 -20.89 31.19
N PRO A 112 22.87 -21.47 30.60
CA PRO A 112 24.25 -21.27 31.22
C PRO A 112 24.76 -19.82 31.20
N VAL A 131 21.72 -1.70 19.34
CA VAL A 131 20.50 -2.38 19.86
C VAL A 131 20.27 -3.92 19.57
N SER A 132 20.31 -4.73 20.64
CA SER A 132 20.18 -6.21 20.61
C SER A 132 19.05 -6.82 21.44
N LEU A 133 18.53 -7.92 20.94
CA LEU A 133 17.43 -8.47 21.64
C LEU A 133 17.69 -9.93 21.78
N ASN A 134 18.00 -10.38 22.97
CA ASN A 134 18.00 -11.80 23.13
C ASN A 134 16.86 -12.34 23.99
N VAL A 135 16.53 -13.62 23.79
CA VAL A 135 15.23 -14.13 24.17
C VAL A 135 15.34 -15.57 24.58
N GLN A 136 14.77 -15.92 25.72
CA GLN A 136 14.84 -17.31 26.13
C GLN A 136 13.54 -17.85 26.72
N LEU A 137 13.22 -19.09 26.35
CA LEU A 137 12.08 -19.77 26.91
C LEU A 137 12.57 -20.79 27.96
N SER A 138 12.12 -20.61 29.18
CA SER A 138 12.67 -21.34 30.31
C SER A 138 11.57 -22.13 31.02
N VAL A 139 11.53 -23.45 30.87
CA VAL A 139 10.38 -24.21 31.38
C VAL A 139 10.61 -25.00 32.66
N SER A 140 9.53 -25.23 33.39
CA SER A 140 9.54 -25.87 34.67
C SER A 140 8.51 -26.96 34.56
N SER A 141 8.97 -28.21 34.36
CA SER A 141 8.15 -29.44 34.33
C SER A 141 7.88 -29.94 35.76
N CYS A 142 6.65 -30.02 36.23
CA CYS A 142 6.46 -30.68 37.53
C CYS A 142 5.94 -32.13 37.49
N ILE A 143 6.52 -33.02 38.29
CA ILE A 143 5.82 -34.29 38.53
C ILE A 143 5.51 -34.60 39.93
N LYS A 144 4.59 -35.56 40.11
CA LYS A 144 4.14 -35.96 41.42
C LYS A 144 5.11 -36.88 42.13
N LEU A 145 5.23 -36.60 43.42
CA LEU A 145 5.96 -37.46 44.31
C LEU A 145 4.97 -38.03 45.34
N PHE A 146 4.82 -39.34 45.39
CA PHE A 146 3.94 -39.91 46.40
C PHE A 146 4.81 -40.54 47.45
N VAL A 147 4.64 -40.11 48.68
CA VAL A 147 5.32 -40.70 49.83
C VAL A 147 4.41 -41.87 50.19
N ARG A 148 4.90 -43.10 50.06
CA ARG A 148 4.08 -44.30 50.27
C ARG A 148 4.72 -45.06 51.41
N PRO A 149 4.21 -44.89 52.65
CA PRO A 149 4.74 -45.63 53.82
C PRO A 149 4.73 -47.13 53.52
N PRO A 150 5.69 -47.90 54.09
CA PRO A 150 5.71 -49.36 53.86
C PRO A 150 4.45 -50.15 54.30
N ALA A 151 3.65 -49.62 55.25
CA ALA A 151 2.34 -50.18 55.66
C ALA A 151 1.21 -50.20 54.58
N VAL A 152 1.36 -49.36 53.55
CA VAL A 152 0.38 -49.20 52.53
C VAL A 152 0.80 -50.13 51.41
N LYS A 153 -0.06 -51.05 51.02
CA LYS A 153 0.43 -52.19 50.22
C LYS A 153 -0.17 -52.35 48.83
N GLY A 154 0.63 -52.93 47.93
CA GLY A 154 0.29 -53.15 46.52
C GLY A 154 0.26 -51.85 45.77
N ARG A 155 -0.44 -51.83 44.63
CA ARG A 155 -0.49 -50.63 43.80
C ARG A 155 -1.87 -49.93 43.79
N PRO A 156 -1.91 -48.61 43.49
CA PRO A 156 -3.20 -47.89 43.56
C PRO A 156 -4.26 -48.59 42.73
N ASP A 157 -3.89 -49.03 41.52
CA ASP A 157 -4.82 -49.74 40.62
C ASP A 157 -5.21 -51.13 41.08
N ASP A 158 -4.56 -51.66 42.11
CA ASP A 158 -5.01 -52.92 42.68
C ASP A 158 -6.35 -52.69 43.36
N VAL A 159 -6.51 -51.50 43.92
CA VAL A 159 -7.68 -51.20 44.69
C VAL A 159 -8.41 -49.93 44.24
N ALA A 160 -8.11 -49.39 43.06
CA ALA A 160 -8.86 -48.22 42.58
C ALA A 160 -10.35 -48.46 42.25
N GLY A 161 -10.69 -49.71 41.92
CA GLY A 161 -12.05 -50.09 41.66
C GLY A 161 -12.97 -49.96 42.86
N LYS A 162 -12.41 -49.73 44.04
CA LYS A 162 -13.23 -49.66 45.26
C LYS A 162 -13.88 -48.30 45.48
N VAL A 163 -13.58 -47.34 44.59
CA VAL A 163 -14.02 -45.96 44.73
C VAL A 163 -15.49 -45.82 44.45
N GLU A 164 -16.23 -45.17 45.35
CA GLU A 164 -17.66 -45.03 45.19
C GLU A 164 -18.08 -43.66 44.70
N TRP A 165 -19.00 -43.69 43.75
CA TRP A 165 -19.60 -42.51 43.22
C TRP A 165 -21.02 -42.42 43.66
N GLN A 166 -21.40 -41.22 44.03
CA GLN A 166 -22.73 -40.94 44.55
C GLN A 166 -23.16 -39.54 44.16
N ARG A 167 -24.47 -39.34 44.03
CA ARG A 167 -24.93 -38.02 43.69
C ARG A 167 -24.91 -37.16 44.98
N ALA A 168 -24.47 -35.92 44.82
CA ALA A 168 -24.48 -34.91 45.90
C ALA A 168 -25.21 -33.67 45.41
N GLY A 169 -26.49 -33.54 45.76
CA GLY A 169 -27.40 -32.62 45.09
C GLY A 169 -27.30 -32.80 43.59
N ASN A 170 -26.90 -31.76 42.85
CA ASN A 170 -26.71 -31.80 41.38
C ASN A 170 -25.33 -32.24 40.90
N ARG A 171 -24.45 -32.60 41.84
CA ARG A 171 -23.09 -32.86 41.44
C ARG A 171 -22.74 -34.31 41.67
N LEU A 172 -21.51 -34.71 41.21
CA LEU A 172 -20.91 -36.05 41.36
C LEU A 172 -19.88 -36.03 42.47
N LYS A 173 -19.97 -37.02 43.37
CA LYS A 173 -18.96 -37.22 44.40
C LYS A 173 -18.29 -38.58 44.27
N GLY A 174 -16.94 -38.55 44.20
CA GLY A 174 -16.07 -39.71 44.26
C GLY A 174 -15.57 -39.89 45.68
N VAL A 175 -15.96 -40.98 46.36
CA VAL A 175 -15.46 -41.23 47.71
C VAL A 175 -14.52 -42.41 47.70
N ASN A 176 -13.32 -42.15 48.27
CA ASN A 176 -12.18 -43.05 48.14
C ASN A 176 -11.84 -43.74 49.46
N PRO A 177 -12.15 -45.04 49.56
CA PRO A 177 -11.92 -45.73 50.83
C PRO A 177 -10.48 -46.20 50.94
N THR A 178 -9.64 -45.79 50.01
CA THR A 178 -8.30 -46.34 50.03
C THR A 178 -7.25 -45.36 50.54
N PRO A 179 -6.04 -45.85 50.76
CA PRO A 179 -4.91 -45.00 51.14
C PRO A 179 -4.11 -44.46 49.97
N PHE A 180 -4.61 -44.57 48.75
CA PHE A 180 -3.84 -44.05 47.62
C PHE A 180 -4.58 -42.93 46.99
N TYR A 181 -3.93 -41.84 46.57
CA TYR A 181 -4.47 -40.92 45.60
C TYR A 181 -4.99 -41.70 44.42
N ILE A 182 -6.10 -41.23 43.87
CA ILE A 182 -6.76 -41.79 42.72
C ILE A 182 -6.61 -40.71 41.70
N ASN A 183 -5.77 -40.98 40.70
CA ASN A 183 -5.35 -40.02 39.70
C ASN A 183 -6.06 -40.45 38.48
N LEU A 184 -7.21 -39.84 38.27
CA LEU A 184 -8.13 -40.23 37.22
C LEU A 184 -7.59 -39.91 35.88
N SER A 185 -7.40 -40.95 35.09
CA SER A 185 -7.07 -40.76 33.69
C SER A 185 -8.34 -40.63 32.82
N THR A 186 -9.51 -41.11 33.30
CA THR A 186 -10.77 -41.20 32.51
C THR A 186 -11.91 -41.21 33.46
N LEU A 187 -12.95 -40.42 33.23
CA LEU A 187 -14.19 -40.54 34.06
C LEU A 187 -15.40 -40.18 33.25
N THR A 188 -16.38 -41.09 33.17
CA THR A 188 -17.64 -40.84 32.50
C THR A 188 -18.80 -41.39 33.35
N VAL A 189 -19.99 -40.81 33.14
CA VAL A 189 -21.28 -41.29 33.68
C VAL A 189 -22.25 -41.45 32.51
N GLY A 190 -22.87 -42.63 32.41
CA GLY A 190 -23.67 -42.96 31.22
C GLY A 190 -22.99 -42.64 29.90
N GLY A 191 -21.71 -42.97 29.79
CA GLY A 191 -20.94 -42.69 28.59
C GLY A 191 -20.52 -41.24 28.43
N LYS A 192 -21.13 -40.30 29.14
CA LYS A 192 -20.74 -38.89 28.92
C LYS A 192 -19.61 -38.41 29.84
N GLU A 193 -18.74 -37.57 29.27
CA GLU A 193 -17.48 -37.30 29.92
C GLU A 193 -17.65 -36.22 30.97
N VAL A 194 -16.99 -36.40 32.13
CA VAL A 194 -16.99 -35.47 33.28
C VAL A 194 -15.85 -34.41 33.20
N LYS A 195 -16.17 -33.13 33.12
CA LYS A 195 -15.17 -32.05 33.29
C LYS A 195 -14.68 -31.89 34.74
N GLU A 196 -13.64 -31.08 34.94
CA GLU A 196 -12.97 -30.86 36.23
C GLU A 196 -12.45 -32.15 36.98
N ARG A 197 -12.02 -33.13 36.17
CA ARG A 197 -11.46 -34.39 36.62
C ARG A 197 -10.18 -34.28 37.51
N GLU A 198 -10.31 -33.87 38.76
CA GLU A 198 -9.18 -33.72 39.67
C GLU A 198 -8.95 -35.06 40.43
N TYR A 199 -7.75 -35.29 40.95
CA TYR A 199 -7.48 -36.52 41.72
C TYR A 199 -8.23 -36.60 43.08
N ILE A 200 -8.36 -37.80 43.61
CA ILE A 200 -8.95 -37.95 44.93
C ILE A 200 -7.89 -38.29 45.96
N ALA A 201 -7.83 -37.52 47.05
CA ALA A 201 -6.87 -37.75 48.12
C ALA A 201 -7.18 -39.06 48.85
N PRO A 202 -6.17 -39.68 49.49
CA PRO A 202 -6.44 -40.95 50.25
C PRO A 202 -7.56 -40.74 51.32
N PHE A 203 -8.35 -41.75 51.58
CA PHE A 203 -9.42 -41.63 52.54
C PHE A 203 -10.17 -40.32 52.51
N SER A 204 -10.55 -39.88 51.32
CA SER A 204 -11.17 -38.58 51.19
C SER A 204 -12.17 -38.62 50.03
N SER A 205 -12.66 -37.44 49.66
CA SER A 205 -13.60 -37.32 48.57
C SER A 205 -13.35 -36.08 47.73
N ARG A 206 -13.83 -36.08 46.50
CA ARG A 206 -13.72 -34.92 45.63
C ARG A 206 -15.02 -34.85 44.87
N GLU A 207 -15.39 -33.64 44.50
CA GLU A 207 -16.62 -33.38 43.73
C GLU A 207 -16.41 -33.02 42.27
N TYR A 208 -17.44 -33.26 41.46
CA TYR A 208 -17.35 -33.01 40.04
C TYR A 208 -18.65 -32.49 39.45
N PRO A 209 -18.50 -31.62 38.44
CA PRO A 209 -19.68 -31.17 37.75
C PRO A 209 -20.28 -32.40 37.03
N LEU A 210 -21.59 -32.55 37.14
CA LEU A 210 -22.29 -33.64 36.51
C LEU A 210 -22.81 -33.04 35.22
N PRO A 211 -22.31 -33.51 34.05
CA PRO A 211 -22.99 -33.17 32.80
C PRO A 211 -24.52 -33.42 32.93
N ALA A 212 -25.37 -32.46 32.51
CA ALA A 212 -26.84 -32.62 32.67
C ALA A 212 -27.37 -33.90 31.95
N GLY A 213 -28.13 -34.74 32.68
CA GLY A 213 -28.41 -36.16 32.32
C GLY A 213 -27.19 -37.11 32.47
N LYS A 217 -24.27 -45.66 35.21
CA LYS A 217 -22.98 -46.42 35.22
C LYS A 217 -21.80 -45.46 35.23
N VAL A 218 -21.05 -45.41 36.31
CA VAL A 218 -19.85 -44.56 36.32
C VAL A 218 -18.69 -45.40 35.82
N GLN A 219 -17.92 -44.88 34.88
CA GLN A 219 -16.73 -45.61 34.45
C GLN A 219 -15.47 -44.80 34.62
N TRP A 220 -14.38 -45.45 35.01
CA TRP A 220 -13.12 -44.70 35.17
C TRP A 220 -11.89 -45.54 35.09
N LYS A 221 -10.76 -44.89 34.81
CA LYS A 221 -9.45 -45.52 34.81
C LYS A 221 -8.40 -44.62 35.50
N VAL A 222 -7.33 -45.19 36.06
CA VAL A 222 -6.31 -44.33 36.68
C VAL A 222 -5.00 -44.50 36.04
N ILE A 223 -4.13 -43.50 36.22
CA ILE A 223 -2.74 -43.53 35.78
C ILE A 223 -2.10 -44.50 36.79
N THR A 224 -1.26 -45.41 36.32
CA THR A 224 -0.64 -46.44 37.17
C THR A 224 0.67 -45.88 37.73
N ASP A 225 1.37 -46.62 38.58
CA ASP A 225 2.70 -46.14 38.97
C ASP A 225 3.70 -46.13 37.80
N TYR A 226 3.41 -46.81 36.70
CA TYR A 226 4.33 -46.75 35.56
C TYR A 226 3.97 -45.62 34.60
N GLY A 227 2.96 -44.80 34.92
CA GLY A 227 2.49 -43.84 33.95
C GLY A 227 1.68 -44.41 32.81
N GLY A 228 1.40 -45.71 32.81
CA GLY A 228 0.37 -46.27 31.91
C GLY A 228 -1.05 -46.10 32.51
N THR A 229 -2.06 -46.61 31.81
CA THR A 229 -3.45 -46.53 32.21
C THR A 229 -3.98 -47.88 32.70
N SER A 230 -4.89 -47.82 33.67
CA SER A 230 -5.34 -49.00 34.40
C SER A 230 -6.36 -49.72 33.56
N LYS A 231 -6.74 -50.91 33.99
CA LYS A 231 -7.97 -51.51 33.55
C LYS A 231 -9.16 -50.60 33.82
N GLN A 232 -10.22 -50.75 33.05
CA GLN A 232 -11.47 -50.05 33.38
C GLN A 232 -12.19 -50.53 34.65
N PHE A 233 -12.56 -49.57 35.47
CA PHE A 233 -13.48 -49.80 36.59
C PHE A 233 -14.84 -49.24 36.24
N GLU A 234 -15.87 -49.75 36.92
CA GLU A 234 -17.29 -49.43 36.67
C GLU A 234 -18.15 -49.77 37.90
N ALA A 235 -19.15 -48.92 38.19
CA ALA A 235 -20.10 -49.10 39.31
C ALA A 235 -21.40 -48.36 38.97
N GLU A 236 -22.41 -48.46 39.82
CA GLU A 236 -23.66 -47.74 39.54
C GLU A 236 -23.61 -46.28 40.08
N LEU A 237 -24.57 -45.42 39.69
CA LEU A 237 -25.02 -44.19 40.47
C LEU A 237 -24.21 -42.92 40.18
N GLU B 16 3.82 -16.48 31.39
CA GLU B 16 4.56 -15.38 32.12
C GLU B 16 5.81 -14.80 31.39
N THR B 17 5.95 -13.47 31.38
CA THR B 17 7.02 -12.81 30.64
C THR B 17 7.79 -11.92 31.57
N ASN B 18 9.11 -11.97 31.43
CA ASN B 18 10.01 -11.16 32.21
C ASN B 18 10.95 -10.43 31.28
N ALA B 19 10.69 -9.16 31.08
CA ALA B 19 11.47 -8.36 30.13
C ALA B 19 12.27 -7.37 30.90
N ARG B 20 13.41 -7.00 30.38
CA ARG B 20 14.24 -6.09 31.11
C ARG B 20 15.11 -5.32 30.14
N VAL B 21 15.21 -4.02 30.33
CA VAL B 21 16.00 -3.28 29.35
C VAL B 21 17.29 -2.76 29.95
N PHE B 22 18.39 -2.90 29.20
CA PHE B 22 19.75 -2.53 29.62
C PHE B 22 20.30 -1.34 28.79
N SER B 23 20.12 -0.14 29.32
CA SER B 23 20.47 1.11 28.58
C SER B 23 21.16 2.13 29.47
N LEU B 24 22.04 2.91 28.91
CA LEU B 24 22.70 3.93 29.71
C LEU B 24 22.14 5.36 29.44
N HIS B 25 22.22 6.25 30.41
CA HIS B 25 22.28 7.66 30.15
C HIS B 25 23.75 8.10 30.07
N LEU B 26 24.02 9.14 29.32
CA LEU B 26 25.33 9.71 29.23
C LEU B 26 25.27 11.11 29.73
N GLY B 27 26.37 11.55 30.29
CA GLY B 27 26.38 12.82 30.98
C GLY B 27 26.72 13.96 30.06
N ALA B 28 26.92 13.72 28.76
CA ALA B 28 27.15 14.81 27.75
C ALA B 28 26.48 14.37 26.46
N THR B 29 26.21 15.33 25.59
CA THR B 29 25.56 15.08 24.30
C THR B 29 26.57 14.95 23.17
N ARG B 30 27.82 15.34 23.39
CA ARG B 30 28.92 15.14 22.46
C ARG B 30 30.20 15.32 23.17
N VAL B 31 31.27 14.81 22.59
CA VAL B 31 32.54 15.07 23.18
C VAL B 31 33.40 15.86 22.21
N VAL B 32 34.01 16.95 22.68
CA VAL B 32 35.02 17.67 21.84
C VAL B 32 36.47 17.22 22.24
N TYR B 33 37.25 16.70 21.31
CA TYR B 33 38.46 16.01 21.71
C TYR B 33 39.61 16.80 21.18
N ASN B 34 40.56 17.17 22.06
CA ASN B 34 41.82 17.81 21.67
C ASN B 34 42.89 16.78 21.45
N PRO B 35 43.36 16.62 20.19
CA PRO B 35 44.31 15.58 19.86
C PRO B 35 45.73 15.90 20.28
N ALA B 36 45.98 17.12 20.71
CA ALA B 36 47.28 17.44 21.31
C ALA B 36 47.26 17.23 22.85
N SER B 37 46.20 16.64 23.39
CA SER B 37 46.02 16.57 24.86
C SER B 37 45.95 15.12 25.31
N SER B 38 45.66 14.84 26.56
CA SER B 38 45.72 13.45 27.00
C SER B 38 44.36 12.75 27.18
N GLY B 39 43.29 13.36 26.69
CA GLY B 39 41.98 12.66 26.68
C GLY B 39 40.75 13.40 27.19
N GLU B 40 39.60 12.74 27.20
CA GLU B 40 38.44 13.42 27.67
C GLU B 40 37.69 12.45 28.57
N THR B 41 36.84 12.96 29.43
CA THR B 41 36.18 12.03 30.26
C THR B 41 34.74 12.19 29.96
N LEU B 42 33.97 11.14 30.23
CA LEU B 42 32.56 11.11 29.97
C LEU B 42 31.90 10.31 31.08
N THR B 43 30.85 10.88 31.65
CA THR B 43 30.08 10.23 32.69
C THR B 43 28.98 9.35 32.02
N VAL B 44 28.84 8.15 32.58
CA VAL B 44 27.72 7.26 32.22
C VAL B 44 26.98 6.91 33.47
N ILE B 45 25.64 6.90 33.37
CA ILE B 45 24.77 6.80 34.53
C ILE B 45 23.74 5.70 34.32
N ASN B 46 23.64 4.78 35.28
CA ASN B 46 22.65 3.72 35.29
C ASN B 46 21.44 4.21 36.04
N ASP B 47 20.48 4.73 35.29
CA ASP B 47 19.25 5.34 35.74
C ASP B 47 18.18 4.31 36.14
N GLN B 48 18.44 3.01 35.95
CA GLN B 48 17.57 1.94 36.47
C GLN B 48 17.99 1.36 37.82
N ASP B 49 17.28 0.36 38.34
CA ASP B 49 17.57 -0.17 39.69
C ASP B 49 18.22 -1.55 39.81
N TYR B 50 18.89 -1.99 38.76
CA TYR B 50 19.62 -3.24 38.82
C TYR B 50 20.99 -3.10 38.19
N PRO B 51 21.95 -3.90 38.68
CA PRO B 51 23.27 -4.02 38.04
C PRO B 51 23.23 -4.17 36.53
N MSE B 52 24.30 -3.72 35.87
CA MSE B 52 24.50 -4.02 34.45
C MSE B 52 25.96 -3.88 34.01
O MSE B 52 26.74 -3.13 34.64
CB MSE B 52 23.53 -3.21 33.54
CG MSE B 52 23.49 -1.71 33.75
SE MSE B 52 22.60 -0.72 32.20
CE MSE B 52 23.78 -1.39 30.85
N LEU B 53 26.33 -4.63 32.99
CA LEU B 53 27.60 -4.40 32.32
C LEU B 53 27.60 -3.29 31.26
N VAL B 54 28.62 -2.44 31.34
CA VAL B 54 28.75 -1.30 30.41
C VAL B 54 29.87 -1.59 29.41
N GLN B 55 29.57 -1.45 28.13
CA GLN B 55 30.53 -1.81 27.08
C GLN B 55 30.65 -0.62 26.15
N SER B 56 31.88 -0.23 25.84
CA SER B 56 32.15 1.08 25.22
C SER B 56 33.17 0.95 24.16
N GLU B 57 32.89 1.54 23.02
CA GLU B 57 33.80 1.58 21.93
C GLU B 57 33.76 2.96 21.25
N VAL B 58 34.86 3.34 20.62
CA VAL B 58 34.79 4.43 19.68
C VAL B 58 34.80 3.91 18.25
N LEU B 59 33.97 4.48 17.37
CA LEU B 59 33.92 3.99 16.00
C LEU B 59 34.13 5.08 14.95
N SER B 60 34.31 4.69 13.71
CA SER B 60 34.45 5.66 12.62
C SER B 60 33.19 6.47 12.34
N GLU B 61 33.23 7.40 11.40
CA GLU B 61 32.07 8.24 11.09
C GLU B 61 30.85 7.49 10.69
N ASP B 62 31.09 6.35 10.07
CA ASP B 62 30.07 5.48 9.51
C ASP B 62 29.54 4.53 10.55
N GLN B 63 30.30 4.35 11.63
CA GLN B 63 30.03 3.30 12.63
C GLN B 63 30.44 1.90 12.18
N LYS B 64 31.21 1.78 11.10
CA LYS B 64 31.49 0.45 10.53
C LYS B 64 32.83 -0.20 10.90
N SER B 65 33.63 0.49 11.71
CA SER B 65 34.95 0.01 11.99
C SER B 65 35.37 0.55 13.33
N PRO B 66 36.32 -0.12 13.97
CA PRO B 66 36.93 0.49 15.15
C PRO B 66 37.56 1.85 14.83
N ALA B 67 37.65 2.69 15.85
CA ALA B 67 38.39 3.92 15.76
C ALA B 67 39.64 3.80 16.65
N PRO B 68 40.67 4.56 16.36
CA PRO B 68 41.92 4.41 17.08
C PRO B 68 41.95 5.20 18.41
N PHE B 69 41.01 4.83 19.29
CA PHE B 69 40.85 5.40 20.63
C PHE B 69 40.55 4.20 21.48
N VAL B 70 40.71 4.34 22.77
CA VAL B 70 40.13 3.38 23.71
C VAL B 70 39.29 4.05 24.82
N VAL B 71 38.37 3.28 25.38
CA VAL B 71 37.64 3.67 26.52
C VAL B 71 38.07 2.78 27.68
N THR B 72 38.40 3.42 28.79
CA THR B 72 38.85 2.77 29.99
C THR B 72 37.84 3.10 31.10
N PRO B 73 37.21 2.09 31.72
CA PRO B 73 37.24 0.65 31.40
C PRO B 73 36.39 0.30 30.18
N PRO B 74 36.83 -0.64 29.32
CA PRO B 74 36.08 -0.98 28.11
C PRO B 74 34.83 -1.81 28.41
N LEU B 75 34.82 -2.40 29.60
CA LEU B 75 33.74 -3.29 30.05
C LEU B 75 33.76 -3.32 31.58
N PHE B 76 32.63 -3.00 32.24
CA PHE B 76 32.58 -2.94 33.72
C PHE B 76 31.19 -2.94 34.33
N ARG B 77 31.11 -3.16 35.66
CA ARG B 77 29.84 -3.27 36.33
C ARG B 77 29.43 -1.98 36.95
N LEU B 78 28.23 -1.52 36.58
CA LEU B 78 27.62 -0.35 37.19
C LEU B 78 26.33 -0.79 37.85
N ASP B 79 26.23 -0.64 39.16
CA ASP B 79 25.01 -1.06 39.88
C ASP B 79 23.86 -0.07 39.65
N GLY B 80 22.62 -0.55 39.77
CA GLY B 80 21.43 0.30 39.79
C GLY B 80 21.67 1.59 40.54
N GLN B 81 21.13 2.67 40.04
CA GLN B 81 21.43 4.05 40.51
C GLN B 81 22.91 4.47 40.67
N GLN B 82 23.82 3.94 39.88
CA GLN B 82 25.21 4.45 39.92
C GLN B 82 25.62 5.25 38.68
N SER B 83 26.52 6.20 38.91
CA SER B 83 27.19 6.87 37.80
C SER B 83 28.67 6.56 37.92
N SER B 84 29.40 6.70 36.82
CA SER B 84 30.82 6.32 36.77
C SER B 84 31.56 7.11 35.70
N ARG B 85 32.82 7.42 35.91
CA ARG B 85 33.58 8.17 34.90
C ARG B 85 34.30 7.31 33.87
N LEU B 86 34.18 7.64 32.60
CA LEU B 86 34.93 6.94 31.57
C LEU B 86 36.04 7.83 31.07
N ARG B 87 37.10 7.21 30.60
CA ARG B 87 38.17 7.95 30.00
C ARG B 87 38.37 7.58 28.52
N ILE B 88 38.30 8.55 27.63
CA ILE B 88 38.54 8.30 26.24
C ILE B 88 39.91 8.82 25.88
N VAL B 89 40.80 7.92 25.47
CA VAL B 89 42.11 8.35 25.09
C VAL B 89 42.35 7.96 23.64
N ARG B 90 42.88 8.87 22.83
CA ARG B 90 43.26 8.58 21.45
C ARG B 90 44.57 7.84 21.41
N THR B 91 44.70 6.94 20.47
CA THR B 91 45.70 5.89 20.52
C THR B 91 46.59 5.75 19.29
N GLY B 92 46.17 6.32 18.19
CA GLY B 92 46.93 6.25 16.97
C GLY B 92 46.08 6.98 15.97
N GLY B 93 46.15 6.57 14.71
CA GLY B 93 45.45 7.26 13.64
C GLY B 93 46.12 8.54 13.22
N GLU B 94 45.64 9.09 12.11
CA GLU B 94 46.27 10.29 11.54
C GLU B 94 45.22 11.33 11.13
N PHE B 95 44.94 12.25 12.04
CA PHE B 95 43.87 13.19 11.80
C PHE B 95 44.44 14.43 11.17
N PRO B 96 43.70 15.00 10.22
CA PRO B 96 44.00 16.23 9.51
C PRO B 96 44.09 17.35 10.50
N PRO B 97 45.14 18.21 10.41
CA PRO B 97 45.49 19.26 11.39
C PRO B 97 44.73 20.56 11.31
N ASP B 98 43.93 20.73 10.25
CA ASP B 98 43.24 22.01 9.91
C ASP B 98 41.69 21.99 9.89
N ARG B 99 41.07 20.84 10.16
CA ARG B 99 39.61 20.72 10.20
C ARG B 99 39.31 19.73 11.29
N GLU B 100 38.04 19.64 11.69
CA GLU B 100 37.57 18.56 12.61
C GLU B 100 37.40 17.25 11.85
N SER B 101 37.50 16.12 12.53
CA SER B 101 37.01 14.84 12.00
C SER B 101 35.97 14.23 12.98
N LEU B 102 34.84 13.75 12.49
CA LEU B 102 33.82 13.10 13.31
C LEU B 102 34.12 11.62 13.58
N GLN B 103 33.83 11.20 14.81
CA GLN B 103 33.99 9.83 15.25
C GLN B 103 32.78 9.62 16.17
N TRP B 104 32.53 8.37 16.55
CA TRP B 104 31.44 8.09 17.46
C TRP B 104 31.81 7.32 18.71
N ILE B 105 31.29 7.82 19.85
CA ILE B 105 31.37 7.04 21.07
C ILE B 105 30.09 6.23 21.22
N CYS B 106 30.22 4.93 21.44
CA CYS B 106 29.04 4.07 21.62
C CYS B 106 29.11 3.28 22.90
N VAL B 107 28.03 3.35 23.67
CA VAL B 107 28.02 2.88 25.04
C VAL B 107 26.77 2.02 25.15
N LYS B 108 26.98 0.74 25.46
CA LYS B 108 25.98 -0.33 25.30
C LYS B 108 25.69 -0.96 26.68
N GLY B 109 24.43 -0.94 27.06
CA GLY B 109 24.09 -1.67 28.27
C GLY B 109 24.06 -3.18 28.00
N ILE B 110 24.54 -3.95 28.96
CA ILE B 110 24.64 -5.42 28.83
C ILE B 110 24.31 -6.18 30.16
N PRO B 111 23.56 -7.32 30.07
CA PRO B 111 23.18 -8.08 31.25
C PRO B 111 24.37 -8.76 31.84
N PRO B 112 24.52 -8.76 33.19
CA PRO B 112 25.64 -9.51 33.83
C PRO B 112 25.66 -11.01 33.53
N ASP B 129 5.46 -23.73 38.80
CA ASP B 129 5.73 -24.64 37.69
C ASP B 129 5.18 -24.10 36.39
N LYS B 130 6.01 -23.55 35.52
CA LYS B 130 5.49 -22.61 34.50
C LYS B 130 6.37 -22.43 33.26
N VAL B 131 5.92 -21.61 32.34
CA VAL B 131 6.69 -21.34 31.14
C VAL B 131 7.10 -19.84 31.06
N SER B 132 8.41 -19.56 31.23
CA SER B 132 8.93 -18.19 31.38
C SER B 132 9.52 -17.61 30.10
N LEU B 133 8.85 -16.62 29.50
CA LEU B 133 9.44 -15.84 28.39
C LEU B 133 10.32 -14.79 28.99
N ASN B 134 11.62 -14.90 28.78
CA ASN B 134 12.56 -13.91 29.35
C ASN B 134 13.22 -13.15 28.23
N VAL B 135 13.09 -11.86 28.26
CA VAL B 135 13.52 -11.01 27.20
C VAL B 135 14.51 -9.94 27.67
N GLN B 136 15.54 -9.66 26.88
CA GLN B 136 16.58 -8.71 27.32
C GLN B 136 16.86 -7.77 26.25
N LEU B 137 16.56 -6.50 26.48
CA LEU B 137 16.74 -5.49 25.45
C LEU B 137 18.01 -4.71 25.82
N SER B 138 19.02 -4.76 24.95
CA SER B 138 20.33 -4.05 25.17
C SER B 138 20.42 -2.80 24.30
N VAL B 139 20.53 -1.61 24.90
CA VAL B 139 20.59 -0.43 24.04
C VAL B 139 21.88 0.36 24.05
N SER B 140 22.42 0.60 22.87
CA SER B 140 23.61 1.44 22.68
C SER B 140 23.15 2.87 22.74
N SER B 141 23.89 3.75 23.43
CA SER B 141 23.70 5.21 23.27
C SER B 141 24.96 5.74 22.63
N CYS B 142 24.83 6.27 21.44
CA CYS B 142 25.97 6.77 20.70
C CYS B 142 26.04 8.29 20.76
N ILE B 143 27.23 8.84 20.79
CA ILE B 143 27.38 10.31 20.83
C ILE B 143 28.54 10.76 19.93
N LYS B 144 28.38 11.87 19.27
CA LYS B 144 29.45 12.39 18.46
C LYS B 144 30.71 12.78 19.26
N LEU B 145 31.87 12.44 18.71
CA LEU B 145 33.18 12.77 19.20
C LEU B 145 33.88 13.55 18.10
N PHE B 146 34.15 14.83 18.39
CA PHE B 146 34.78 15.75 17.44
C PHE B 146 36.25 15.90 17.74
N VAL B 147 37.09 15.41 16.84
CA VAL B 147 38.52 15.63 16.96
C VAL B 147 38.75 17.07 16.46
N ARG B 148 39.23 17.94 17.34
CA ARG B 148 39.38 19.35 17.02
C ARG B 148 40.79 19.87 17.33
N PRO B 149 41.65 19.79 16.31
CA PRO B 149 43.06 20.11 16.38
C PRO B 149 43.14 21.54 16.73
N PRO B 150 44.20 21.90 17.46
CA PRO B 150 44.55 23.21 18.01
C PRO B 150 44.48 24.30 16.96
N ALA B 151 44.75 23.98 15.69
CA ALA B 151 44.73 25.04 14.65
C ALA B 151 43.32 25.56 14.42
N VAL B 152 42.32 24.77 14.76
CA VAL B 152 40.96 25.18 14.55
C VAL B 152 40.50 25.91 15.81
N LYS B 153 40.55 27.22 15.74
CA LYS B 153 40.20 28.08 16.83
C LYS B 153 38.67 28.36 16.91
N GLY B 154 38.17 28.58 18.12
CA GLY B 154 36.78 28.93 18.35
C GLY B 154 35.81 27.77 18.37
N ARG B 155 34.51 28.09 18.19
CA ARG B 155 33.43 27.11 18.26
C ARG B 155 32.63 27.16 16.97
N PRO B 156 31.90 26.09 16.64
CA PRO B 156 31.24 26.12 15.33
C PRO B 156 30.18 27.22 15.24
N ASP B 157 29.38 27.31 16.26
CA ASP B 157 28.71 28.48 16.79
C ASP B 157 29.22 29.86 16.31
N ASP B 158 30.53 30.05 16.25
CA ASP B 158 31.06 31.36 15.91
C ASP B 158 31.14 31.69 14.43
N VAL B 159 31.06 30.72 13.55
CA VAL B 159 31.33 31.03 12.16
C VAL B 159 30.33 30.24 11.30
N ALA B 160 29.24 29.78 11.90
CA ALA B 160 28.24 29.04 11.13
C ALA B 160 27.37 30.02 10.35
N GLY B 161 27.56 31.29 10.64
CA GLY B 161 26.89 32.31 9.86
C GLY B 161 27.35 32.23 8.41
N LYS B 162 28.48 31.53 8.20
CA LYS B 162 29.22 31.63 6.95
C LYS B 162 28.83 30.51 5.99
N VAL B 163 27.84 29.71 6.39
CA VAL B 163 27.34 28.72 5.45
C VAL B 163 26.71 29.46 4.25
N GLU B 164 26.76 28.83 3.06
CA GLU B 164 26.29 29.47 1.80
C GLU B 164 25.11 28.76 1.08
N TRP B 165 24.00 29.49 0.98
CA TRP B 165 22.74 28.90 0.52
C TRP B 165 22.35 29.27 -0.92
N GLN B 166 22.17 28.21 -1.73
CA GLN B 166 21.79 28.37 -3.15
C GLN B 166 20.51 27.59 -3.59
N ARG B 167 19.77 28.20 -4.52
CA ARG B 167 18.58 27.60 -5.18
C ARG B 167 19.01 26.69 -6.36
N ALA B 168 19.81 25.66 -6.06
CA ALA B 168 20.28 24.67 -7.05
C ALA B 168 19.14 23.79 -7.57
N GLY B 169 18.21 24.41 -8.31
CA GLY B 169 17.10 23.73 -8.97
C GLY B 169 15.94 23.12 -8.18
N ASN B 170 15.86 21.79 -8.26
CA ASN B 170 14.83 20.96 -7.58
C ASN B 170 14.85 21.02 -6.04
N ARG B 171 15.93 21.55 -5.43
CA ARG B 171 16.18 21.44 -3.97
C ARG B 171 17.25 22.43 -3.41
N LEU B 172 17.47 22.43 -2.09
CA LEU B 172 18.27 23.46 -1.36
C LEU B 172 19.68 23.02 -0.97
N LYS B 173 20.64 23.89 -1.21
CA LYS B 173 22.04 23.58 -0.93
C LYS B 173 22.77 24.57 -0.03
N GLY B 174 23.49 24.04 0.96
CA GLY B 174 24.49 24.83 1.69
C GLY B 174 25.90 24.28 1.49
N VAL B 175 26.84 25.15 1.13
CA VAL B 175 28.27 24.80 1.22
C VAL B 175 28.91 25.46 2.45
N ASN B 176 29.86 24.75 3.06
CA ASN B 176 30.43 25.13 4.31
C ASN B 176 31.92 25.30 4.21
N PRO B 177 32.37 26.56 4.32
CA PRO B 177 33.80 26.94 4.14
C PRO B 177 34.58 26.90 5.47
N THR B 178 33.97 26.44 6.56
CA THR B 178 34.69 26.48 7.81
C THR B 178 35.23 25.11 8.16
N PRO B 179 36.17 25.05 9.09
CA PRO B 179 36.69 23.73 9.48
C PRO B 179 35.74 22.93 10.36
N PHE B 180 34.48 23.32 10.50
CA PHE B 180 33.56 22.66 11.48
C PHE B 180 32.46 21.82 10.84
N TYR B 181 32.01 20.80 11.57
CA TYR B 181 30.78 20.16 11.22
C TYR B 181 29.72 21.14 11.58
N ILE B 182 28.79 21.32 10.65
CA ILE B 182 27.66 22.19 10.82
C ILE B 182 26.47 21.33 11.15
N ASN B 183 26.15 21.20 12.43
CA ASN B 183 24.99 20.40 12.85
C ASN B 183 23.76 21.26 13.02
N LEU B 184 22.79 21.13 12.12
CA LEU B 184 21.57 21.99 12.17
C LEU B 184 20.48 21.70 13.22
N SER B 185 20.02 22.74 13.93
CA SER B 185 18.83 22.71 14.86
C SER B 185 17.49 23.41 14.34
N THR B 186 17.59 24.24 13.29
CA THR B 186 16.45 24.96 12.72
C THR B 186 16.88 25.35 11.30
N LEU B 187 15.90 25.40 10.38
CA LEU B 187 16.08 25.73 8.95
C LEU B 187 14.73 26.15 8.28
N THR B 188 14.71 27.36 7.77
CA THR B 188 13.49 27.91 7.19
C THR B 188 13.91 28.71 5.93
N VAL B 189 13.10 28.62 4.87
CA VAL B 189 13.14 29.51 3.68
C VAL B 189 11.82 30.27 3.49
N GLY B 190 11.89 31.60 3.55
CA GLY B 190 10.69 32.44 3.69
C GLY B 190 9.83 32.01 4.87
N GLY B 191 10.46 31.79 6.02
CA GLY B 191 9.77 31.19 7.17
C GLY B 191 9.08 29.84 6.93
N LYS B 192 9.50 29.06 5.93
CA LYS B 192 8.94 27.68 5.77
C LYS B 192 9.94 26.55 6.14
N GLU B 193 9.59 25.76 7.16
CA GLU B 193 10.47 24.70 7.71
C GLU B 193 10.95 23.60 6.73
N VAL B 194 12.24 23.35 6.81
CA VAL B 194 12.86 22.22 6.16
C VAL B 194 13.13 21.22 7.28
N LYS B 195 12.28 20.19 7.33
CA LYS B 195 12.36 19.16 8.38
C LYS B 195 13.54 18.20 8.19
N GLU B 196 13.80 17.77 6.95
CA GLU B 196 15.00 16.97 6.64
C GLU B 196 16.28 17.86 6.73
N ARG B 197 17.00 17.78 7.85
CA ARG B 197 18.11 18.72 8.07
C ARG B 197 19.33 18.16 8.76
N GLU B 198 19.90 17.11 8.10
CA GLU B 198 21.20 16.46 8.38
C GLU B 198 22.48 17.42 8.24
N TYR B 199 23.62 17.02 8.83
CA TYR B 199 24.77 17.92 8.92
C TYR B 199 25.53 18.07 7.62
N ILE B 200 26.52 18.96 7.66
CA ILE B 200 27.52 19.25 6.62
C ILE B 200 28.91 19.13 7.21
N ALA B 201 29.75 18.30 6.59
CA ALA B 201 31.13 18.10 7.05
C ALA B 201 32.01 19.39 6.76
N PRO B 202 33.16 19.58 7.47
CA PRO B 202 34.12 20.63 7.12
C PRO B 202 34.39 20.73 5.63
N PHE B 203 34.70 21.94 5.22
CA PHE B 203 35.03 22.23 3.88
C PHE B 203 34.27 21.36 2.83
N SER B 204 32.94 21.39 2.89
CA SER B 204 32.06 20.69 1.92
C SER B 204 30.68 21.34 1.87
N SER B 205 29.66 20.52 1.62
CA SER B 205 28.32 20.93 1.18
C SER B 205 27.43 19.68 1.25
N ARG B 206 26.10 19.86 1.24
CA ARG B 206 25.16 18.74 1.46
C ARG B 206 23.86 19.21 0.87
N GLU B 207 22.92 18.28 0.56
CA GLU B 207 21.60 18.70 0.05
C GLU B 207 20.34 18.27 0.80
N TYR B 208 19.27 19.03 0.52
CA TYR B 208 18.02 19.13 1.34
C TYR B 208 16.75 19.31 0.45
N PRO B 209 15.55 18.97 0.98
CA PRO B 209 14.35 19.09 0.14
C PRO B 209 13.59 20.43 0.29
N LEU B 210 13.55 21.23 -0.77
CA LEU B 210 12.82 22.50 -0.73
C LEU B 210 11.34 22.16 -0.70
N PRO B 211 10.59 22.79 0.25
CA PRO B 211 9.12 22.73 0.23
C PRO B 211 8.59 23.77 -0.78
N ALA B 212 7.53 23.42 -1.52
CA ALA B 212 7.02 24.27 -2.62
C ALA B 212 7.18 25.78 -2.33
N GLY B 213 8.11 26.44 -3.04
CA GLY B 213 8.42 27.88 -2.84
C GLY B 213 9.45 28.21 -1.75
N LYS B 217 14.37 34.81 2.39
CA LYS B 217 15.35 34.77 3.47
C LYS B 217 15.45 33.38 4.16
N VAL B 218 16.64 32.79 4.08
CA VAL B 218 16.93 31.48 4.70
C VAL B 218 17.34 31.67 6.16
N GLN B 219 16.77 30.87 7.04
CA GLN B 219 17.19 30.97 8.45
C GLN B 219 17.66 29.65 9.02
N TRP B 220 18.59 29.73 9.97
CA TRP B 220 19.16 28.54 10.61
C TRP B 220 19.80 28.75 11.93
N LYS B 221 19.92 27.61 12.62
CA LYS B 221 20.49 27.49 13.95
C LYS B 221 21.29 26.16 14.04
N VAL B 222 22.41 26.18 14.77
CA VAL B 222 23.15 24.93 14.94
C VAL B 222 23.10 24.47 16.35
N ILE B 223 23.38 23.20 16.52
CA ILE B 223 23.58 22.56 17.82
C ILE B 223 24.96 22.97 18.26
N THR B 224 25.08 23.57 19.44
CA THR B 224 26.41 24.06 19.91
C THR B 224 27.22 22.91 20.48
N ASP B 225 28.48 23.14 20.79
CA ASP B 225 29.28 22.18 21.52
C ASP B 225 28.71 21.70 22.88
N TYR B 226 27.77 22.44 23.47
CA TYR B 226 27.18 21.90 24.72
C TYR B 226 25.78 21.44 24.51
N GLY B 227 25.45 21.08 23.29
CA GLY B 227 24.11 20.54 23.07
C GLY B 227 22.97 21.52 23.21
N GLY B 228 23.24 22.81 23.30
CA GLY B 228 22.17 23.80 23.20
C GLY B 228 22.07 24.21 21.75
N THR B 229 21.17 25.15 21.49
CA THR B 229 20.83 25.65 20.17
C THR B 229 21.34 27.07 20.03
N SER B 230 21.92 27.40 18.88
CA SER B 230 22.53 28.70 18.68
C SER B 230 21.56 29.89 18.47
N LYS B 231 22.14 31.06 18.21
CA LYS B 231 21.42 32.22 17.75
C LYS B 231 21.00 31.95 16.28
N GLN B 232 20.14 32.80 15.71
CA GLN B 232 19.77 32.63 14.33
C GLN B 232 20.81 33.23 13.42
N PHE B 233 21.08 32.54 12.31
CA PHE B 233 21.82 33.18 11.25
C PHE B 233 20.83 33.37 10.08
N GLU B 234 21.03 34.45 9.32
CA GLU B 234 20.20 34.78 8.13
C GLU B 234 21.08 34.92 6.87
N ALA B 235 20.58 34.42 5.73
CA ALA B 235 21.16 34.66 4.38
C ALA B 235 20.12 34.75 3.22
N GLU B 236 20.60 34.91 1.99
CA GLU B 236 19.75 35.10 0.77
C GLU B 236 19.70 33.93 -0.26
N LEU B 237 18.76 34.01 -1.22
CA LEU B 237 18.59 33.01 -2.30
C LEU B 237 18.72 31.58 -1.77
N THR C 17 6.80 -1.84 31.72
CA THR C 17 6.78 -3.11 30.90
C THR C 17 5.40 -3.78 30.65
N ASN C 18 5.05 -4.04 29.38
CA ASN C 18 3.74 -4.59 29.03
C ASN C 18 3.79 -5.75 28.06
N ALA C 19 3.14 -6.85 28.39
CA ALA C 19 3.38 -8.09 27.66
C ALA C 19 2.12 -8.87 27.39
N ARG C 20 2.00 -9.40 26.17
CA ARG C 20 0.81 -10.09 25.76
C ARG C 20 1.17 -11.22 24.76
N VAL C 21 0.62 -12.41 24.99
CA VAL C 21 0.69 -13.52 24.04
C VAL C 21 -0.64 -13.61 23.22
N PHE C 22 -0.55 -13.67 21.89
CA PHE C 22 -1.66 -14.01 21.01
C PHE C 22 -1.54 -15.42 20.40
N SER C 23 -2.20 -16.36 21.06
CA SER C 23 -2.22 -17.76 20.56
C SER C 23 -3.64 -18.24 20.49
N LEU C 24 -3.86 -19.15 19.55
CA LEU C 24 -5.16 -19.67 19.25
C LEU C 24 -5.15 -21.13 19.62
N HIS C 25 -6.27 -21.67 19.99
CA HIS C 25 -6.33 -23.10 20.07
C HIS C 25 -7.10 -23.53 18.84
N LEU C 26 -6.99 -24.81 18.50
CA LEU C 26 -7.63 -25.34 17.31
C LEU C 26 -8.52 -26.49 17.72
N GLY C 27 -9.65 -26.67 17.03
CA GLY C 27 -10.63 -27.65 17.46
C GLY C 27 -10.31 -29.08 17.06
N ALA C 28 -9.23 -29.27 16.27
CA ALA C 28 -8.73 -30.61 15.82
C ALA C 28 -7.25 -30.54 15.59
N THR C 29 -6.60 -31.71 15.51
CA THR C 29 -5.12 -31.83 15.42
C THR C 29 -4.76 -32.22 14.01
N ARG C 30 -5.80 -32.54 13.23
CA ARG C 30 -5.63 -32.78 11.78
C ARG C 30 -6.88 -32.44 10.93
N VAL C 31 -6.68 -32.30 9.61
CA VAL C 31 -7.77 -32.25 8.70
C VAL C 31 -7.58 -33.20 7.54
N VAL C 32 -8.60 -34.04 7.36
CA VAL C 32 -8.68 -34.91 6.19
C VAL C 32 -9.48 -34.25 5.05
N TYR C 33 -8.81 -33.98 3.92
CA TYR C 33 -9.45 -33.24 2.85
C TYR C 33 -9.74 -34.09 1.69
N ASN C 34 -11.03 -34.12 1.31
CA ASN C 34 -11.52 -34.90 0.19
C ASN C 34 -11.49 -34.09 -1.09
N PRO C 35 -10.61 -34.42 -2.03
CA PRO C 35 -10.53 -33.37 -3.07
C PRO C 35 -11.65 -33.45 -4.13
N ALA C 36 -12.51 -34.46 -4.08
CA ALA C 36 -13.72 -34.47 -4.93
C ALA C 36 -14.86 -33.68 -4.31
N SER C 37 -14.67 -33.16 -3.11
CA SER C 37 -15.73 -32.47 -2.44
C SER C 37 -15.43 -30.95 -2.33
N SER C 38 -16.24 -30.24 -1.54
CA SER C 38 -16.19 -28.78 -1.58
C SER C 38 -15.38 -28.10 -0.50
N GLY C 39 -14.68 -28.80 0.37
CA GLY C 39 -14.04 -28.11 1.50
C GLY C 39 -14.18 -28.78 2.83
N GLU C 40 -13.45 -28.28 3.78
CA GLU C 40 -13.49 -28.81 5.14
C GLU C 40 -13.56 -27.61 6.07
N THR C 41 -13.90 -27.85 7.35
CA THR C 41 -13.93 -26.76 8.31
C THR C 41 -12.96 -27.04 9.46
N LEU C 42 -12.52 -26.00 10.14
CA LEU C 42 -11.69 -26.18 11.28
C LEU C 42 -12.12 -25.07 12.17
N THR C 43 -12.40 -25.42 13.42
CA THR C 43 -12.74 -24.48 14.50
C THR C 43 -11.43 -23.92 15.07
N VAL C 44 -11.45 -22.62 15.28
CA VAL C 44 -10.39 -21.86 15.90
C VAL C 44 -10.99 -21.15 17.15
N ILE C 45 -10.28 -21.21 18.28
CA ILE C 45 -10.79 -20.76 19.57
C ILE C 45 -9.84 -19.82 20.27
N ASN C 46 -10.31 -18.63 20.65
CA ASN C 46 -9.53 -17.72 21.46
C ASN C 46 -9.87 -17.93 22.92
N ASP C 47 -9.02 -18.63 23.68
CA ASP C 47 -9.30 -18.77 25.14
C ASP C 47 -8.70 -17.66 26.05
N GLN C 48 -8.24 -16.57 25.45
CA GLN C 48 -7.76 -15.45 26.23
C GLN C 48 -8.93 -14.57 26.64
N ASP C 49 -8.62 -13.59 27.46
CA ASP C 49 -9.56 -12.53 27.81
C ASP C 49 -9.71 -11.37 26.80
N TYR C 50 -8.75 -11.21 25.89
CA TYR C 50 -8.68 -10.01 25.07
C TYR C 50 -8.79 -10.45 23.62
N PRO C 51 -9.00 -9.52 22.72
CA PRO C 51 -9.12 -9.75 21.27
C PRO C 51 -7.83 -10.11 20.50
N MSE C 52 -7.96 -10.80 19.36
CA MSE C 52 -6.86 -11.09 18.42
C MSE C 52 -7.35 -11.01 17.00
O MSE C 52 -8.53 -11.28 16.72
CB MSE C 52 -6.36 -12.54 18.49
CG MSE C 52 -6.24 -13.09 19.80
SE MSE C 52 -5.34 -14.84 19.69
CE MSE C 52 -5.20 -14.76 21.64
N LEU C 53 -6.42 -10.77 16.10
CA LEU C 53 -6.66 -11.03 14.73
C LEU C 53 -6.20 -12.45 14.49
N VAL C 54 -6.95 -13.18 13.67
CA VAL C 54 -6.63 -14.53 13.25
C VAL C 54 -6.19 -14.60 11.77
N GLN C 55 -5.00 -15.09 11.53
CA GLN C 55 -4.52 -15.15 10.16
C GLN C 55 -4.32 -16.61 9.77
N SER C 56 -4.53 -16.94 8.51
CA SER C 56 -4.67 -18.28 8.02
C SER C 56 -4.09 -18.56 6.64
N GLU C 57 -3.37 -19.67 6.54
CA GLU C 57 -2.70 -20.02 5.33
C GLU C 57 -2.54 -21.55 5.24
N VAL C 58 -2.62 -22.09 4.01
CA VAL C 58 -2.21 -23.45 3.75
C VAL C 58 -0.87 -23.46 3.02
N LEU C 59 0.08 -24.24 3.55
CA LEU C 59 1.43 -24.35 3.02
C LEU C 59 1.66 -25.82 2.59
N SER C 60 2.71 -26.05 1.82
CA SER C 60 3.14 -27.36 1.23
C SER C 60 3.89 -28.19 2.25
N GLU C 61 4.25 -29.44 1.90
CA GLU C 61 4.85 -30.32 2.90
C GLU C 61 6.06 -29.70 3.64
N ASP C 62 6.89 -28.97 2.93
CA ASP C 62 8.03 -28.32 3.58
C ASP C 62 7.65 -27.05 4.35
N GLN C 63 6.40 -26.63 4.27
CA GLN C 63 6.00 -25.28 4.82
C GLN C 63 6.82 -24.10 4.26
N LYS C 64 7.56 -24.31 3.18
CA LYS C 64 8.37 -23.26 2.53
C LYS C 64 7.59 -22.42 1.50
N SER C 65 6.57 -22.98 0.85
CA SER C 65 5.81 -22.22 -0.15
C SER C 65 4.27 -22.42 -0.15
N PRO C 66 3.51 -21.41 -0.65
CA PRO C 66 2.04 -21.57 -0.43
C PRO C 66 1.45 -22.77 -1.14
N ALA C 67 0.30 -23.21 -0.65
CA ALA C 67 -0.38 -24.35 -1.19
C ALA C 67 -1.61 -23.85 -1.93
N PRO C 68 -2.13 -24.63 -2.88
CA PRO C 68 -3.28 -24.12 -3.71
C PRO C 68 -4.60 -24.26 -2.95
N PHE C 69 -4.72 -23.59 -1.82
CA PHE C 69 -5.97 -23.56 -1.01
C PHE C 69 -6.22 -22.14 -0.58
N VAL C 70 -7.44 -21.78 -0.24
CA VAL C 70 -7.66 -20.53 0.48
C VAL C 70 -8.33 -20.89 1.85
N VAL C 71 -8.13 -20.08 2.88
CA VAL C 71 -8.92 -20.23 4.04
C VAL C 71 -9.80 -18.97 4.23
N THR C 72 -11.10 -19.14 4.51
CA THR C 72 -12.07 -18.05 4.68
C THR C 72 -12.62 -18.12 6.09
N PRO C 73 -12.73 -16.98 6.80
CA PRO C 73 -12.27 -15.63 6.44
C PRO C 73 -10.79 -15.57 6.57
N PRO C 74 -10.15 -14.89 5.65
CA PRO C 74 -8.68 -14.76 5.52
C PRO C 74 -7.94 -14.08 6.71
N LEU C 75 -8.61 -13.13 7.39
CA LEU C 75 -7.96 -12.41 8.49
C LEU C 75 -8.99 -11.65 9.32
N PHE C 76 -9.26 -12.04 10.56
CA PHE C 76 -10.39 -11.38 11.20
C PHE C 76 -10.29 -11.33 12.75
N ARG C 77 -11.23 -10.64 13.39
CA ARG C 77 -11.05 -10.35 14.79
C ARG C 77 -11.86 -11.32 15.57
N LEU C 78 -11.18 -12.19 16.31
CA LEU C 78 -11.83 -13.05 17.25
C LEU C 78 -11.73 -12.49 18.66
N ASP C 79 -12.89 -12.16 19.26
CA ASP C 79 -12.94 -11.69 20.66
C ASP C 79 -12.53 -12.78 21.69
N GLY C 80 -12.02 -12.35 22.84
CA GLY C 80 -11.71 -13.28 23.91
C GLY C 80 -12.92 -14.12 24.24
N GLN C 81 -12.70 -15.43 24.37
CA GLN C 81 -13.67 -16.32 24.91
C GLN C 81 -14.67 -16.67 23.80
N GLN C 82 -14.22 -16.80 22.55
CA GLN C 82 -15.09 -16.97 21.36
C GLN C 82 -14.42 -17.98 20.46
N SER C 83 -15.19 -18.65 19.62
CA SER C 83 -14.61 -19.51 18.64
C SER C 83 -15.22 -19.21 17.27
N SER C 84 -14.60 -19.70 16.20
CA SER C 84 -15.09 -19.47 14.84
C SER C 84 -14.65 -20.55 13.92
N ARG C 85 -15.46 -20.71 12.90
CA ARG C 85 -15.19 -21.72 11.93
C ARG C 85 -14.47 -21.12 10.75
N LEU C 86 -13.34 -21.74 10.39
CA LEU C 86 -12.64 -21.47 9.15
C LEU C 86 -13.02 -22.46 8.04
N ARG C 87 -13.21 -21.94 6.83
CA ARG C 87 -13.39 -22.77 5.65
C ARG C 87 -12.13 -22.98 4.84
N ILE C 88 -11.74 -24.23 4.64
CA ILE C 88 -10.55 -24.56 3.86
C ILE C 88 -11.06 -25.24 2.58
N VAL C 89 -10.75 -24.60 1.44
CA VAL C 89 -11.17 -24.94 0.10
C VAL C 89 -9.99 -25.02 -0.90
N ARG C 90 -9.87 -26.20 -1.52
CA ARG C 90 -8.90 -26.44 -2.56
C ARG C 90 -9.28 -25.60 -3.73
N THR C 91 -8.27 -25.09 -4.42
CA THR C 91 -8.47 -24.03 -5.39
C THR C 91 -7.89 -24.35 -6.73
N GLY C 92 -6.88 -25.21 -6.73
CA GLY C 92 -6.28 -25.70 -7.95
C GLY C 92 -5.19 -26.69 -7.60
N GLY C 93 -4.27 -26.91 -8.52
CA GLY C 93 -3.14 -27.80 -8.27
C GLY C 93 -3.50 -29.20 -8.64
N GLU C 94 -2.55 -30.11 -8.54
CA GLU C 94 -2.87 -31.50 -8.84
C GLU C 94 -2.16 -32.48 -7.92
N PHE C 95 -2.94 -33.43 -7.43
CA PHE C 95 -2.52 -34.26 -6.34
C PHE C 95 -2.59 -35.69 -6.78
N PRO C 96 -1.63 -36.54 -6.33
CA PRO C 96 -1.57 -37.90 -6.79
C PRO C 96 -2.87 -38.57 -6.43
N PRO C 97 -3.47 -39.27 -7.38
CA PRO C 97 -4.80 -39.84 -7.14
C PRO C 97 -4.77 -41.17 -6.42
N ASP C 98 -3.58 -41.66 -6.02
CA ASP C 98 -3.40 -43.02 -5.52
C ASP C 98 -2.89 -43.04 -4.08
N ARG C 99 -2.66 -41.87 -3.52
CA ARG C 99 -2.05 -41.81 -2.23
C ARG C 99 -2.52 -40.55 -1.59
N GLU C 100 -2.29 -40.40 -0.28
CA GLU C 100 -2.68 -39.12 0.38
C GLU C 100 -1.55 -38.14 0.09
N SER C 101 -1.75 -36.85 0.25
CA SER C 101 -0.63 -35.91 0.18
C SER C 101 -0.67 -35.03 1.41
N LEU C 102 0.49 -34.67 1.93
CA LEU C 102 0.56 -33.89 3.18
C LEU C 102 0.60 -32.39 2.88
N GLN C 103 -0.29 -31.57 3.49
CA GLN C 103 -0.20 -30.11 3.38
C GLN C 103 -0.24 -29.60 4.85
N TRP C 104 -0.04 -28.29 5.09
CA TRP C 104 -0.17 -27.73 6.47
C TRP C 104 -1.10 -26.54 6.58
N ILE C 105 -2.00 -26.55 7.56
CA ILE C 105 -2.83 -25.36 7.82
C ILE C 105 -2.18 -24.58 8.95
N CYS C 106 -1.85 -23.33 8.67
CA CYS C 106 -1.19 -22.48 9.71
C CYS C 106 -2.11 -21.36 10.15
N VAL C 107 -2.37 -21.32 11.44
CA VAL C 107 -3.27 -20.38 12.05
C VAL C 107 -2.41 -19.63 13.04
N LYS C 108 -2.46 -18.31 12.95
CA LYS C 108 -1.61 -17.41 13.76
C LYS C 108 -2.40 -16.28 14.45
N GLY C 109 -2.18 -16.12 15.75
CA GLY C 109 -2.79 -15.03 16.49
C GLY C 109 -1.99 -13.77 16.27
N ILE C 110 -2.67 -12.69 15.88
CA ILE C 110 -1.99 -11.43 15.79
C ILE C 110 -2.66 -10.26 16.53
N PRO C 111 -1.84 -9.29 16.95
CA PRO C 111 -2.38 -8.10 17.66
C PRO C 111 -3.38 -7.27 16.83
N PRO C 112 -4.57 -6.98 17.40
CA PRO C 112 -5.59 -6.15 16.69
C PRO C 112 -5.17 -4.71 16.44
N VAL C 131 8.94 5.99 30.39
CA VAL C 131 9.64 4.84 29.79
C VAL C 131 8.88 3.46 29.71
N SER C 132 8.40 3.11 28.51
CA SER C 132 7.47 1.99 28.31
C SER C 132 8.04 0.84 27.52
N LEU C 133 7.83 -0.36 28.00
CA LEU C 133 8.25 -1.52 27.24
C LEU C 133 7.05 -2.33 26.83
N ASN C 134 6.87 -2.48 25.52
CA ASN C 134 5.78 -3.30 25.00
C ASN C 134 6.29 -4.54 24.26
N VAL C 135 5.73 -5.68 24.64
CA VAL C 135 6.12 -6.99 24.13
C VAL C 135 4.94 -7.77 23.63
N GLN C 136 5.01 -8.27 22.41
CA GLN C 136 3.89 -9.10 21.96
C GLN C 136 4.39 -10.31 21.23
N LEU C 137 3.72 -11.43 21.48
CA LEU C 137 4.17 -12.69 20.92
C LEU C 137 3.00 -13.22 20.11
N SER C 138 3.23 -13.34 18.81
CA SER C 138 2.27 -13.88 17.87
C SER C 138 2.54 -15.35 17.61
N VAL C 139 1.65 -16.22 18.08
CA VAL C 139 1.95 -17.61 17.88
C VAL C 139 1.17 -18.26 16.77
N SER C 140 1.89 -18.99 15.94
CA SER C 140 1.29 -19.75 14.87
C SER C 140 1.11 -21.21 15.32
N SER C 141 -0.05 -21.77 15.03
CA SER C 141 -0.35 -23.18 15.29
C SER C 141 -0.49 -23.88 13.93
N CYS C 142 0.36 -24.85 13.62
CA CYS C 142 0.26 -25.47 12.34
C CYS C 142 -0.33 -26.84 12.52
N ILE C 143 -1.18 -27.27 11.57
CA ILE C 143 -1.74 -28.60 11.63
C ILE C 143 -1.69 -29.31 10.30
N LYS C 144 -1.72 -30.63 10.34
CA LYS C 144 -1.56 -31.40 9.15
C LYS C 144 -2.85 -31.46 8.39
N LEU C 145 -2.77 -31.33 7.08
CA LEU C 145 -3.94 -31.46 6.26
C LEU C 145 -3.67 -32.58 5.26
N PHE C 146 -4.49 -33.62 5.30
CA PHE C 146 -4.25 -34.80 4.47
C PHE C 146 -5.18 -34.76 3.25
N VAL C 147 -4.62 -34.49 2.08
CA VAL C 147 -5.36 -34.64 0.84
C VAL C 147 -5.54 -36.12 0.60
N ARG C 148 -6.80 -36.58 0.70
CA ARG C 148 -7.15 -38.02 0.51
C ARG C 148 -8.04 -38.30 -0.72
N PRO C 149 -7.47 -38.71 -1.84
CA PRO C 149 -8.30 -38.84 -3.05
C PRO C 149 -9.40 -39.93 -2.87
N PRO C 150 -10.52 -39.86 -3.62
CA PRO C 150 -11.56 -40.89 -3.41
C PRO C 150 -11.05 -42.31 -3.65
N ALA C 151 -10.17 -42.52 -4.62
CA ALA C 151 -9.56 -43.86 -4.76
C ALA C 151 -8.95 -44.53 -3.50
N VAL C 152 -8.52 -43.74 -2.52
CA VAL C 152 -7.89 -44.26 -1.30
C VAL C 152 -8.97 -44.47 -0.22
N LYS C 153 -9.30 -45.70 0.08
CA LYS C 153 -10.52 -45.94 0.84
C LYS C 153 -10.14 -46.43 2.21
N GLY C 154 -11.05 -46.31 3.15
CA GLY C 154 -10.74 -46.68 4.53
C GLY C 154 -10.10 -45.59 5.35
N ARG C 155 -9.55 -45.97 6.48
CA ARG C 155 -8.95 -45.00 7.35
C ARG C 155 -7.56 -45.50 7.66
N PRO C 156 -6.66 -44.61 8.11
CA PRO C 156 -5.33 -45.16 8.39
C PRO C 156 -5.30 -46.31 9.45
N ASP C 157 -6.22 -46.31 10.45
CA ASP C 157 -6.25 -47.37 11.50
C ASP C 157 -6.47 -48.77 10.95
N ASP C 158 -7.24 -48.90 9.86
CA ASP C 158 -7.56 -50.23 9.31
C ASP C 158 -6.29 -50.92 8.78
N VAL C 159 -5.19 -50.19 8.64
CA VAL C 159 -4.04 -50.74 7.94
C VAL C 159 -2.70 -50.35 8.52
N ALA C 160 -2.70 -49.53 9.54
CA ALA C 160 -1.44 -49.37 10.25
C ALA C 160 -0.82 -50.75 10.56
N GLY C 161 -1.62 -51.82 10.57
CA GLY C 161 -1.10 -53.18 10.63
C GLY C 161 0.11 -53.46 9.74
N LYS C 162 -0.10 -53.30 8.45
CA LYS C 162 0.83 -53.80 7.44
C LYS C 162 2.28 -53.24 7.38
N VAL C 163 2.65 -52.39 8.32
CA VAL C 163 3.99 -51.78 8.28
C VAL C 163 5.07 -52.76 8.66
N GLU C 164 6.27 -52.60 8.08
CA GLU C 164 7.38 -53.56 8.32
C GLU C 164 8.69 -52.86 8.68
N TRP C 165 9.37 -53.42 9.69
CA TRP C 165 10.60 -52.87 10.25
C TRP C 165 11.76 -53.83 10.03
N GLN C 166 12.92 -53.27 9.71
CA GLN C 166 14.14 -54.08 9.47
C GLN C 166 15.37 -53.35 10.02
N ARG C 167 16.33 -54.11 10.58
CA ARG C 167 17.57 -53.52 11.08
C ARG C 167 18.54 -53.12 9.93
N ALA C 168 18.33 -51.95 9.33
CA ALA C 168 19.22 -51.44 8.27
C ALA C 168 20.07 -50.20 8.62
N GLY C 169 21.29 -50.53 9.08
CA GLY C 169 22.34 -49.65 9.63
C GLY C 169 22.71 -49.98 11.09
N ASN C 170 23.28 -48.99 11.77
CA ASN C 170 23.04 -48.83 13.20
C ASN C 170 21.51 -48.81 13.43
N ARG C 171 20.86 -48.00 12.58
CA ARG C 171 19.47 -47.52 12.66
C ARG C 171 18.31 -48.53 12.40
N LEU C 172 17.09 -48.06 12.60
CA LEU C 172 15.84 -48.81 12.38
C LEU C 172 15.13 -48.32 11.11
N LYS C 173 14.54 -49.22 10.35
CA LYS C 173 13.87 -48.78 9.13
C LYS C 173 12.47 -49.34 9.10
N GLY C 174 11.53 -48.43 8.86
CA GLY C 174 10.10 -48.74 8.77
C GLY C 174 9.54 -48.54 7.39
N VAL C 175 8.97 -49.62 6.83
CA VAL C 175 8.35 -49.55 5.50
C VAL C 175 6.82 -49.63 5.48
N ASN C 176 6.23 -48.62 4.90
CA ASN C 176 4.80 -48.53 4.84
C ASN C 176 4.35 -48.76 3.41
N PRO C 177 3.60 -49.83 3.19
CA PRO C 177 3.06 -50.20 1.87
C PRO C 177 1.59 -49.80 1.66
N THR C 178 1.07 -48.93 2.52
CA THR C 178 -0.30 -48.43 2.34
C THR C 178 -0.20 -47.08 1.65
N PRO C 179 -1.34 -46.56 1.16
CA PRO C 179 -1.36 -45.22 0.58
C PRO C 179 -1.62 -44.14 1.58
N PHE C 180 -1.53 -44.46 2.87
CA PHE C 180 -1.68 -43.46 4.00
C PHE C 180 -0.37 -43.04 4.70
N TYR C 181 -0.42 -41.80 5.19
CA TYR C 181 0.56 -41.34 6.14
C TYR C 181 0.41 -42.17 7.37
N ILE C 182 1.50 -42.68 7.90
CA ILE C 182 1.36 -43.35 9.15
C ILE C 182 1.93 -42.43 10.23
N ASN C 183 1.06 -41.98 11.12
CA ASN C 183 1.40 -40.99 12.13
C ASN C 183 1.54 -41.68 13.47
N LEU C 184 2.80 -41.86 13.88
CA LEU C 184 3.20 -42.63 15.07
C LEU C 184 3.04 -41.91 16.40
N SER C 185 2.12 -42.37 17.25
CA SER C 185 2.08 -41.93 18.69
C SER C 185 3.29 -42.41 19.53
N THR C 186 3.64 -43.70 19.36
CA THR C 186 4.69 -44.40 20.13
C THR C 186 5.43 -45.42 19.27
N LEU C 187 6.77 -45.37 19.31
CA LEU C 187 7.63 -46.42 18.69
C LEU C 187 8.46 -47.13 19.73
N THR C 188 8.02 -48.32 20.10
CA THR C 188 8.53 -48.97 21.30
C THR C 188 9.12 -50.39 21.12
N VAL C 189 10.38 -50.47 20.66
CA VAL C 189 11.18 -51.73 20.74
C VAL C 189 10.96 -52.44 22.08
N GLY C 190 10.15 -53.49 22.04
CA GLY C 190 9.77 -54.29 23.21
C GLY C 190 9.76 -53.45 24.47
N GLY C 191 8.84 -52.49 24.54
CA GLY C 191 8.66 -51.64 25.72
C GLY C 191 9.44 -50.33 25.86
N LYS C 192 10.39 -50.04 24.95
CA LYS C 192 11.16 -48.75 25.03
C LYS C 192 11.23 -47.82 23.77
N GLU C 193 10.97 -46.51 23.99
CA GLU C 193 10.88 -45.46 22.96
C GLU C 193 12.09 -45.24 21.99
N VAL C 194 11.79 -45.03 20.71
CA VAL C 194 12.72 -44.54 19.67
C VAL C 194 12.54 -43.04 19.46
N LYS C 195 13.61 -42.24 19.42
CA LYS C 195 13.39 -40.79 19.20
C LYS C 195 13.40 -40.41 17.71
N GLU C 196 13.34 -39.12 17.38
CA GLU C 196 13.17 -38.71 15.98
C GLU C 196 12.03 -39.50 15.29
N ARG C 197 10.95 -39.77 16.05
CA ARG C 197 9.86 -40.61 15.58
C ARG C 197 8.91 -39.82 14.66
N GLU C 198 9.32 -39.76 13.40
CA GLU C 198 8.54 -39.07 12.39
C GLU C 198 7.63 -40.02 11.56
N TYR C 199 6.54 -39.50 11.07
CA TYR C 199 5.63 -40.25 10.19
C TYR C 199 6.29 -40.87 8.95
N ILE C 200 5.62 -41.86 8.38
CA ILE C 200 6.06 -42.43 7.11
C ILE C 200 5.03 -42.05 6.05
N ALA C 201 5.54 -41.62 4.90
CA ALA C 201 4.69 -41.15 3.79
C ALA C 201 4.07 -42.33 3.05
N PRO C 202 3.04 -42.09 2.23
CA PRO C 202 2.55 -43.29 1.60
C PRO C 202 3.64 -44.04 0.83
N PHE C 203 3.59 -45.37 0.82
CA PHE C 203 4.49 -46.22 -0.01
C PHE C 203 5.97 -45.78 0.07
N SER C 204 6.43 -45.49 1.28
CA SER C 204 7.80 -45.00 1.56
C SER C 204 8.33 -45.63 2.83
N SER C 205 9.52 -45.18 3.19
CA SER C 205 10.19 -45.74 4.36
C SER C 205 10.74 -44.62 5.19
N ARG C 206 11.04 -44.94 6.43
CA ARG C 206 11.52 -43.91 7.29
C ARG C 206 12.63 -44.54 8.12
N GLU C 207 13.75 -43.82 8.20
CA GLU C 207 14.84 -44.26 9.09
C GLU C 207 14.79 -43.59 10.48
N TYR C 208 15.04 -44.35 11.55
CA TYR C 208 15.20 -43.80 12.94
C TYR C 208 16.56 -44.12 13.61
N PRO C 209 17.13 -43.15 14.35
CA PRO C 209 18.31 -43.52 15.15
C PRO C 209 17.98 -44.64 16.18
N LEU C 210 18.80 -45.70 16.26
CA LEU C 210 18.67 -46.71 17.37
C LEU C 210 19.59 -46.42 18.55
N PRO C 211 19.07 -46.53 19.78
CA PRO C 211 19.81 -45.99 20.95
C PRO C 211 21.12 -46.71 21.40
N ALA C 212 21.58 -47.71 20.65
CA ALA C 212 22.78 -48.51 21.00
C ALA C 212 22.52 -49.40 22.23
N GLY C 213 21.90 -50.55 21.93
CA GLY C 213 21.37 -51.50 22.91
C GLY C 213 20.47 -52.64 22.22
N LYS C 217 11.71 -57.07 19.57
CA LYS C 217 10.30 -56.83 19.20
C LYS C 217 9.78 -55.34 19.00
N VAL C 218 9.24 -55.02 17.80
CA VAL C 218 8.73 -53.68 17.43
C VAL C 218 7.28 -53.35 17.80
N GLN C 219 7.09 -52.26 18.57
CA GLN C 219 5.73 -51.84 18.96
C GLN C 219 5.28 -50.39 18.67
N TRP C 220 4.06 -50.28 18.15
CA TRP C 220 3.58 -49.01 17.60
C TRP C 220 2.10 -48.71 17.57
N LYS C 221 1.87 -47.38 17.54
CA LYS C 221 0.59 -46.71 17.61
C LYS C 221 0.49 -45.56 16.61
N VAL C 222 -0.65 -45.40 15.96
CA VAL C 222 -0.83 -44.20 15.19
C VAL C 222 -2.00 -43.35 15.70
N ILE C 223 -1.98 -42.06 15.36
CA ILE C 223 -3.12 -41.15 15.44
C ILE C 223 -4.15 -41.38 14.30
N THR C 224 -5.39 -41.46 14.75
CA THR C 224 -6.52 -41.80 13.88
C THR C 224 -6.89 -40.52 13.23
N ASP C 225 -7.85 -40.57 12.34
CA ASP C 225 -8.36 -39.31 11.79
C ASP C 225 -8.96 -38.34 12.77
N TYR C 226 -9.26 -38.82 13.98
CA TYR C 226 -9.99 -37.98 14.95
C TYR C 226 -9.11 -37.52 16.10
N GLY C 227 -7.83 -37.83 16.09
CA GLY C 227 -6.96 -37.29 17.12
C GLY C 227 -6.73 -38.22 18.29
N GLY C 228 -7.38 -39.38 18.27
CA GLY C 228 -7.16 -40.42 19.28
C GLY C 228 -6.13 -41.43 18.81
N THR C 229 -5.99 -42.51 19.59
CA THR C 229 -5.13 -43.60 19.26
C THR C 229 -5.95 -44.83 18.91
N SER C 230 -5.33 -45.73 18.15
CA SER C 230 -5.90 -47.02 17.84
C SER C 230 -5.17 -48.09 18.67
N LYS C 231 -5.60 -49.35 18.52
CA LYS C 231 -5.05 -50.50 19.29
C LYS C 231 -3.61 -50.73 18.89
N GLN C 232 -2.85 -51.52 19.66
CA GLN C 232 -1.37 -51.68 19.48
C GLN C 232 -0.93 -52.55 18.31
N PHE C 233 0.20 -52.18 17.69
CA PHE C 233 0.82 -53.02 16.65
C PHE C 233 2.18 -53.60 17.05
N GLU C 234 2.50 -54.75 16.44
CA GLU C 234 3.56 -55.65 16.89
C GLU C 234 4.21 -56.40 15.72
N ALA C 235 5.53 -56.29 15.57
CA ALA C 235 6.23 -57.15 14.60
C ALA C 235 7.73 -57.29 14.84
N GLU C 236 8.36 -58.08 13.96
CA GLU C 236 9.70 -58.68 14.11
C GLU C 236 10.96 -57.82 14.18
N LEU C 237 11.50 -57.43 13.02
CA LEU C 237 12.85 -56.81 12.84
C LEU C 237 13.88 -57.73 12.11
N GLU D 16 11.18 -15.64 14.69
CA GLU D 16 11.62 -14.26 14.26
C GLU D 16 11.43 -13.18 15.36
N THR D 17 12.25 -12.16 15.29
CA THR D 17 12.50 -11.28 16.41
C THR D 17 12.63 -9.93 15.79
N ASN D 18 11.99 -8.94 16.38
CA ASN D 18 12.06 -7.56 15.92
C ASN D 18 11.97 -6.63 17.11
N ALA D 19 13.00 -5.81 17.34
CA ALA D 19 12.90 -4.76 18.35
C ALA D 19 13.11 -3.41 17.66
N ARG D 20 12.48 -2.39 18.21
CA ARG D 20 12.64 -1.04 17.68
C ARG D 20 12.51 -0.09 18.87
N VAL D 21 13.38 0.91 18.93
CA VAL D 21 13.30 1.89 20.02
C VAL D 21 12.81 3.28 19.56
N PHE D 22 12.00 3.93 20.39
CA PHE D 22 11.41 5.17 19.96
C PHE D 22 11.96 6.31 20.81
N SER D 23 13.12 6.80 20.41
CA SER D 23 13.76 7.85 21.19
C SER D 23 14.26 8.98 20.31
N LEU D 24 14.28 10.14 20.90
CA LEU D 24 14.54 11.33 20.15
C LEU D 24 15.55 12.24 20.86
N HIS D 25 16.01 13.26 20.19
CA HIS D 25 17.01 14.11 20.85
C HIS D 25 16.44 15.51 20.95
N LEU D 26 16.85 16.27 21.93
CA LEU D 26 16.28 17.58 22.17
C LEU D 26 17.30 18.63 21.76
N GLY D 27 16.81 19.81 21.36
CA GLY D 27 17.70 20.92 21.08
C GLY D 27 18.37 21.63 22.26
N ALA D 28 18.20 21.16 23.50
CA ALA D 28 18.85 21.81 24.64
C ALA D 28 18.86 20.79 25.74
N THR D 29 19.72 21.05 26.71
CA THR D 29 19.83 20.28 27.91
C THR D 29 19.04 20.91 29.04
N ARG D 30 18.44 22.06 28.79
CA ARG D 30 17.70 22.83 29.79
C ARG D 30 17.11 24.02 29.08
N VAL D 31 15.95 24.49 29.56
CA VAL D 31 15.23 25.67 29.15
C VAL D 31 15.06 26.65 30.31
N VAL D 32 15.45 27.89 30.06
CA VAL D 32 15.25 28.98 31.04
C VAL D 32 14.04 29.81 30.61
N TYR D 33 12.99 29.75 31.44
CA TYR D 33 11.68 30.32 31.18
C TYR D 33 11.35 31.62 31.97
N ASN D 34 11.08 32.70 31.24
CA ASN D 34 10.64 33.95 31.84
C ASN D 34 9.14 33.95 32.08
N PRO D 35 8.73 33.94 33.34
CA PRO D 35 7.28 33.83 33.58
C PRO D 35 6.49 35.06 33.12
N ALA D 36 7.15 36.18 32.90
CA ALA D 36 6.50 37.38 32.42
C ALA D 36 6.65 37.51 30.87
N SER D 37 7.10 36.48 30.20
CA SER D 37 7.27 36.65 28.80
C SER D 37 6.26 35.66 28.19
N SER D 38 6.37 35.26 26.91
CA SER D 38 5.29 34.46 26.31
C SER D 38 5.65 33.06 25.86
N GLY D 39 6.70 32.47 26.41
CA GLY D 39 6.98 31.10 26.08
C GLY D 39 8.38 30.92 25.56
N GLU D 40 8.74 29.68 25.22
CA GLU D 40 10.06 29.33 24.80
C GLU D 40 9.84 28.22 23.81
N THR D 41 10.74 28.04 22.87
CA THR D 41 10.52 27.02 21.87
C THR D 41 11.66 26.09 22.00
N LEU D 42 11.44 24.83 21.68
CA LEU D 42 12.42 23.78 21.88
C LEU D 42 12.38 22.92 20.63
N THR D 43 13.56 22.61 20.08
CA THR D 43 13.66 21.71 18.92
C THR D 43 13.56 20.25 19.39
N VAL D 44 12.96 19.35 18.57
CA VAL D 44 12.99 17.88 18.70
C VAL D 44 13.53 17.23 17.40
N ILE D 45 14.42 16.23 17.52
CA ILE D 45 15.01 15.58 16.36
C ILE D 45 14.74 14.10 16.43
N ASN D 46 14.21 13.54 15.36
CA ASN D 46 14.15 12.10 15.18
C ASN D 46 15.41 11.64 14.48
N ASP D 47 16.35 11.09 15.24
CA ASP D 47 17.63 10.55 14.75
C ASP D 47 17.45 9.16 14.11
N GLN D 48 16.28 8.56 14.25
CA GLN D 48 16.01 7.30 13.59
C GLN D 48 15.62 7.41 12.12
N ASP D 49 15.65 6.27 11.41
CA ASP D 49 15.15 6.24 10.04
C ASP D 49 13.75 5.63 9.96
N TYR D 50 12.80 6.10 10.75
CA TYR D 50 11.42 5.63 10.62
C TYR D 50 10.54 6.55 11.45
N PRO D 51 9.28 6.71 11.03
CA PRO D 51 8.39 7.69 11.69
C PRO D 51 8.20 7.37 13.15
N MSE D 52 7.83 8.39 13.91
CA MSE D 52 7.31 8.18 15.27
C MSE D 52 6.43 9.33 15.74
O MSE D 52 6.45 10.43 15.18
CB MSE D 52 8.46 7.96 16.25
CG MSE D 52 9.38 9.15 16.40
SE MSE D 52 10.85 8.80 17.68
CE MSE D 52 9.73 8.64 19.21
N LEU D 53 5.66 9.03 16.78
CA LEU D 53 4.78 10.01 17.41
C LEU D 53 5.51 10.68 18.57
N VAL D 54 5.36 12.00 18.73
CA VAL D 54 6.02 12.69 19.79
C VAL D 54 5.01 13.15 20.81
N GLN D 55 5.11 12.71 22.06
CA GLN D 55 4.28 13.19 23.16
C GLN D 55 5.01 14.08 24.18
N SER D 56 4.37 15.18 24.59
CA SER D 56 5.05 16.18 25.38
C SER D 56 4.23 16.75 26.53
N GLU D 57 4.92 16.91 27.66
CA GLU D 57 4.29 17.42 28.85
C GLU D 57 5.25 18.17 29.78
N VAL D 58 4.72 19.06 30.63
CA VAL D 58 5.56 19.59 31.66
C VAL D 58 5.14 19.09 33.03
N LEU D 59 6.11 18.54 33.76
CA LEU D 59 5.85 18.04 35.08
C LEU D 59 6.44 18.90 36.18
N SER D 60 5.84 18.76 37.37
CA SER D 60 6.35 19.42 38.59
C SER D 60 7.76 18.95 38.97
N GLU D 61 8.38 19.63 39.92
CA GLU D 61 9.64 19.16 40.45
C GLU D 61 9.68 17.68 40.82
N ASP D 62 8.62 17.13 41.42
CA ASP D 62 8.67 15.69 41.80
C ASP D 62 8.51 14.76 40.58
N GLN D 63 8.13 15.32 39.43
CA GLN D 63 7.96 14.58 38.18
C GLN D 63 6.70 13.71 38.14
N LYS D 64 5.81 13.92 39.10
CA LYS D 64 4.63 13.09 39.28
C LYS D 64 3.31 13.79 38.86
N SER D 65 3.12 15.06 39.18
CA SER D 65 1.92 15.74 38.69
C SER D 65 2.18 16.68 37.50
N PRO D 66 1.12 17.08 36.79
CA PRO D 66 1.14 18.09 35.74
C PRO D 66 1.60 19.44 36.23
N ALA D 67 2.42 20.12 35.43
CA ALA D 67 2.65 21.55 35.65
C ALA D 67 1.74 22.41 34.77
N PRO D 68 1.49 23.64 35.22
CA PRO D 68 0.54 24.54 34.54
C PRO D 68 1.19 25.17 33.27
N PHE D 69 1.53 24.29 32.31
CA PHE D 69 2.08 24.60 31.00
C PHE D 69 1.41 23.71 29.97
N VAL D 70 1.32 24.16 28.70
CA VAL D 70 1.05 23.28 27.61
C VAL D 70 2.26 23.29 26.65
N VAL D 71 2.33 22.27 25.80
CA VAL D 71 3.36 22.20 24.81
C VAL D 71 2.64 21.89 23.55
N THR D 72 2.82 22.73 22.56
CA THR D 72 2.13 22.55 21.30
C THR D 72 3.18 22.32 20.21
N PRO D 73 2.94 21.29 19.40
CA PRO D 73 1.75 20.41 19.60
C PRO D 73 2.00 19.38 20.66
N PRO D 74 0.97 19.06 21.48
CA PRO D 74 1.17 18.06 22.57
C PRO D 74 1.27 16.60 22.03
N LEU D 75 0.99 16.42 20.72
CA LEU D 75 1.08 15.09 20.09
C LEU D 75 1.01 15.18 18.58
N PHE D 76 2.08 14.75 17.90
CA PHE D 76 2.12 14.79 16.44
C PHE D 76 3.13 13.80 15.90
N ARG D 77 3.13 13.59 14.57
CA ARG D 77 4.02 12.61 13.93
C ARG D 77 5.26 13.25 13.28
N LEU D 78 6.42 12.65 13.51
CA LEU D 78 7.72 13.20 13.01
C LEU D 78 8.42 12.14 12.22
N ASP D 79 8.52 12.32 10.93
CA ASP D 79 9.12 11.30 10.08
C ASP D 79 10.60 11.09 10.34
N GLY D 80 11.14 10.00 9.82
CA GLY D 80 12.52 9.60 10.11
C GLY D 80 13.51 10.67 9.74
N GLN D 81 14.61 10.76 10.50
CA GLN D 81 15.73 11.70 10.23
C GLN D 81 15.29 13.17 10.11
N GLN D 82 14.21 13.58 10.79
CA GLN D 82 13.85 14.99 10.73
C GLN D 82 13.50 15.61 12.05
N SER D 83 13.25 16.92 12.04
CA SER D 83 13.20 17.73 13.24
C SER D 83 12.15 18.80 13.19
N SER D 84 11.55 19.10 14.32
CA SER D 84 10.59 20.15 14.32
C SER D 84 10.70 20.97 15.60
N ARG D 85 9.69 21.77 15.93
CA ARG D 85 9.79 22.67 17.09
C ARG D 85 8.56 22.62 18.00
N LEU D 86 8.76 22.59 19.33
CA LEU D 86 7.67 22.80 20.27
C LEU D 86 7.70 24.19 20.88
N ARG D 87 6.52 24.71 21.16
CA ARG D 87 6.36 25.94 21.90
C ARG D 87 5.88 25.49 23.27
N ILE D 88 6.54 26.00 24.29
CA ILE D 88 6.14 25.79 25.67
C ILE D 88 5.64 27.11 26.27
N VAL D 89 4.45 27.11 26.84
CA VAL D 89 3.77 28.31 27.18
C VAL D 89 3.17 28.03 28.52
N ARG D 90 3.39 28.97 29.46
CA ARG D 90 2.88 28.85 30.81
C ARG D 90 1.43 29.23 30.85
N THR D 91 0.64 28.46 31.57
CA THR D 91 -0.82 28.48 31.45
C THR D 91 -1.54 29.05 32.68
N GLY D 92 -0.85 29.01 33.82
CA GLY D 92 -1.44 29.31 35.11
C GLY D 92 -0.46 29.21 36.25
N GLY D 93 -1.00 29.08 37.46
CA GLY D 93 -0.20 28.77 38.67
C GLY D 93 0.57 29.96 39.17
N GLU D 94 0.91 29.97 40.45
CA GLU D 94 1.74 31.06 40.96
C GLU D 94 3.16 30.50 41.18
N PHE D 95 4.14 31.38 41.13
CA PHE D 95 5.51 30.96 41.24
C PHE D 95 6.13 32.01 42.11
N PRO D 96 7.01 31.61 43.01
CA PRO D 96 7.56 32.59 43.93
C PRO D 96 8.25 33.74 43.14
N PRO D 97 8.02 35.01 43.53
CA PRO D 97 8.59 36.07 42.68
C PRO D 97 10.08 36.33 42.94
N ASP D 98 10.59 35.71 44.01
CA ASP D 98 11.97 35.93 44.51
C ASP D 98 13.03 34.86 44.15
N ARG D 99 12.66 33.72 43.59
CA ARG D 99 13.62 32.60 43.38
C ARG D 99 13.26 31.81 42.13
N GLU D 100 14.16 30.98 41.61
CA GLU D 100 13.77 30.16 40.48
C GLU D 100 12.83 29.04 40.98
N SER D 101 12.08 28.44 40.08
CA SER D 101 11.37 27.19 40.36
C SER D 101 11.69 26.15 39.29
N LEU D 102 12.00 24.94 39.71
CA LEU D 102 12.22 23.84 38.82
C LEU D 102 11.00 23.08 38.38
N GLN D 103 10.88 23.00 37.07
CA GLN D 103 9.89 22.18 36.48
C GLN D 103 10.61 21.26 35.43
N TRP D 104 9.95 20.23 34.92
CA TRP D 104 10.58 19.33 33.91
C TRP D 104 9.82 19.23 32.59
N ILE D 105 10.51 19.23 31.44
CA ILE D 105 9.85 19.09 30.10
C ILE D 105 10.14 17.65 29.70
N CYS D 106 9.07 16.89 29.41
CA CYS D 106 9.22 15.47 29.09
C CYS D 106 8.60 15.23 27.76
N VAL D 107 9.39 14.64 26.87
CA VAL D 107 9.11 14.44 25.47
C VAL D 107 9.42 12.95 25.24
N LYS D 108 8.39 12.21 24.82
CA LYS D 108 8.47 10.76 24.75
C LYS D 108 8.17 10.33 23.31
N GLY D 109 9.06 9.49 22.78
CA GLY D 109 8.87 8.86 21.49
C GLY D 109 8.00 7.61 21.57
N ILE D 110 6.93 7.60 20.79
CA ILE D 110 6.02 6.48 20.76
C ILE D 110 5.67 6.08 19.29
N PRO D 111 5.29 4.82 19.05
CA PRO D 111 4.98 4.29 17.72
C PRO D 111 3.72 4.85 17.08
N PRO D 112 3.73 5.08 15.74
CA PRO D 112 2.58 5.50 14.88
C PRO D 112 1.25 4.71 15.02
N ALA D 128 2.81 -16.70 8.75
CA ALA D 128 1.79 -17.41 9.54
C ALA D 128 2.30 -18.75 10.03
N ASP D 129 3.41 -19.18 9.44
CA ASP D 129 4.07 -20.38 9.84
C ASP D 129 5.06 -20.08 11.01
N LYS D 130 5.32 -18.79 11.27
CA LYS D 130 6.32 -18.40 12.27
C LYS D 130 5.76 -17.93 13.62
N VAL D 131 6.42 -18.31 14.69
CA VAL D 131 6.27 -17.59 15.94
C VAL D 131 7.00 -16.27 15.78
N SER D 132 6.36 -15.15 16.14
CA SER D 132 7.06 -13.88 16.02
C SER D 132 6.88 -12.90 17.18
N LEU D 133 8.01 -12.35 17.60
CA LEU D 133 8.14 -11.68 18.84
C LEU D 133 8.57 -10.24 18.57
N ASN D 134 7.69 -9.32 18.93
CA ASN D 134 7.88 -7.92 18.63
C ASN D 134 8.10 -7.09 19.90
N VAL D 135 9.11 -6.24 19.90
CA VAL D 135 9.36 -5.41 21.07
C VAL D 135 9.53 -3.94 20.71
N GLN D 136 8.78 -3.07 21.40
CA GLN D 136 8.90 -1.63 21.24
C GLN D 136 9.23 -0.96 22.52
N LEU D 137 10.26 -0.10 22.45
CA LEU D 137 10.74 0.70 23.58
C LEU D 137 10.43 2.21 23.38
N SER D 138 9.50 2.73 24.16
CA SER D 138 9.20 4.15 24.09
C SER D 138 10.03 4.84 25.18
N VAL D 139 10.87 5.78 24.76
CA VAL D 139 11.75 6.40 25.75
C VAL D 139 11.49 7.89 25.89
N SER D 140 11.43 8.31 27.15
CA SER D 140 11.37 9.73 27.58
C SER D 140 12.71 10.46 27.70
N SER D 141 12.74 11.73 27.31
CA SER D 141 13.89 12.63 27.54
C SER D 141 13.28 13.74 28.34
N CYS D 142 13.75 13.91 29.56
CA CYS D 142 13.25 14.91 30.38
C CYS D 142 14.34 16.01 30.56
N ILE D 143 14.00 17.26 30.33
CA ILE D 143 15.02 18.31 30.53
C ILE D 143 14.58 19.28 31.58
N LYS D 144 15.51 19.89 32.31
CA LYS D 144 15.10 20.84 33.34
C LYS D 144 14.59 22.07 32.67
N LEU D 145 13.60 22.66 33.30
CA LEU D 145 13.03 23.94 32.93
C LEU D 145 12.98 24.77 34.21
N PHE D 146 13.68 25.90 34.17
CA PHE D 146 13.81 26.81 35.26
C PHE D 146 12.96 28.05 35.06
N VAL D 147 11.97 28.26 35.94
CA VAL D 147 11.09 29.45 35.83
C VAL D 147 11.85 30.47 36.58
N ARG D 148 12.31 31.50 35.88
CA ARG D 148 13.21 32.54 36.40
C ARG D 148 12.56 33.93 36.40
N PRO D 149 12.00 34.37 37.55
CA PRO D 149 11.15 35.58 37.60
C PRO D 149 11.96 36.82 37.33
N PRO D 150 11.33 37.90 36.86
CA PRO D 150 12.27 38.90 36.31
C PRO D 150 13.01 39.57 37.42
N ALA D 151 12.50 39.46 38.64
CA ALA D 151 13.18 39.97 39.83
C ALA D 151 14.55 39.30 40.15
N VAL D 152 14.76 38.08 39.65
CA VAL D 152 15.97 37.33 39.89
C VAL D 152 17.00 37.69 38.84
N LYS D 153 18.02 38.44 39.25
CA LYS D 153 19.00 39.06 38.30
C LYS D 153 20.26 38.25 37.99
N GLY D 154 20.69 38.28 36.72
CA GLY D 154 21.97 37.66 36.28
C GLY D 154 21.94 36.14 36.11
N ARG D 155 23.10 35.51 36.19
CA ARG D 155 23.19 34.12 35.81
C ARG D 155 23.65 33.32 37.04
N PRO D 156 23.28 32.04 37.14
CA PRO D 156 23.63 31.39 38.41
C PRO D 156 25.11 31.45 38.65
N ASP D 157 25.83 30.99 37.67
CA ASP D 157 27.09 31.55 37.24
C ASP D 157 27.75 32.77 38.01
N ASP D 158 27.02 33.87 38.21
CA ASP D 158 27.64 35.04 38.82
C ASP D 158 27.66 35.00 40.33
N VAL D 159 26.88 34.13 40.95
CA VAL D 159 26.77 34.17 42.40
C VAL D 159 26.93 32.78 43.04
N ALA D 160 27.12 31.76 42.21
CA ALA D 160 27.25 30.38 42.66
C ALA D 160 28.48 30.16 43.45
N GLY D 161 29.43 31.09 43.39
CA GLY D 161 30.53 31.00 44.33
C GLY D 161 30.18 31.29 45.80
N LYS D 162 28.90 31.59 46.11
CA LYS D 162 28.47 31.97 47.47
C LYS D 162 27.97 30.77 48.30
N VAL D 163 27.91 29.64 47.67
CA VAL D 163 27.57 28.44 48.40
C VAL D 163 28.59 28.14 49.47
N GLU D 164 28.10 27.73 50.65
CA GLU D 164 28.89 27.43 51.87
C GLU D 164 28.88 25.92 52.17
N TRP D 165 29.96 25.42 52.76
CA TRP D 165 30.15 24.00 52.91
C TRP D 165 30.52 23.67 54.33
N GLN D 166 29.81 22.71 54.90
CA GLN D 166 30.10 22.23 56.23
C GLN D 166 30.37 20.76 56.27
N ARG D 167 31.13 20.38 57.30
CA ARG D 167 31.24 18.99 57.66
C ARG D 167 29.90 18.69 58.34
N ALA D 168 29.31 17.56 58.00
CA ALA D 168 28.28 16.97 58.89
C ALA D 168 28.54 15.44 59.16
N GLY D 169 29.56 15.11 59.95
CA GLY D 169 29.82 13.71 60.28
C GLY D 169 30.15 12.94 59.02
N ASN D 170 29.33 11.95 58.69
CA ASN D 170 29.61 11.17 57.50
C ASN D 170 29.21 11.83 56.20
N ARG D 171 28.55 12.98 56.35
CA ARG D 171 27.86 13.70 55.29
C ARG D 171 28.46 15.14 55.09
N LEU D 172 28.29 15.73 53.90
CA LEU D 172 28.75 17.06 53.55
C LEU D 172 27.51 17.91 53.28
N LYS D 173 27.46 19.12 53.87
CA LYS D 173 26.36 20.05 53.72
C LYS D 173 26.75 21.27 52.90
N GLY D 174 26.19 21.41 51.68
CA GLY D 174 26.22 22.70 51.01
C GLY D 174 24.93 23.48 51.28
N VAL D 175 25.04 24.79 51.48
CA VAL D 175 23.85 25.62 51.70
C VAL D 175 23.92 26.74 50.69
N ASN D 176 22.76 27.01 50.07
CA ASN D 176 22.71 27.92 48.94
C ASN D 176 22.00 29.17 49.36
N PRO D 177 22.76 30.25 49.58
CA PRO D 177 22.02 31.51 49.96
C PRO D 177 21.52 32.31 48.73
N THR D 178 21.59 31.77 47.51
CA THR D 178 21.15 32.51 46.32
C THR D 178 19.78 32.03 45.80
N PRO D 179 19.13 32.88 44.99
CA PRO D 179 17.84 32.60 44.30
C PRO D 179 17.83 31.56 43.16
N PHE D 180 18.98 30.98 42.82
CA PHE D 180 19.18 30.02 41.66
C PHE D 180 19.32 28.57 42.09
N TYR D 181 18.86 27.65 41.27
CA TYR D 181 19.28 26.26 41.51
C TYR D 181 20.77 26.20 41.29
N ILE D 182 21.45 25.41 42.12
CA ILE D 182 22.89 25.15 41.94
C ILE D 182 23.08 23.73 41.38
N ASN D 183 23.32 23.70 40.08
CA ASN D 183 23.48 22.49 39.27
C ASN D 183 24.94 22.26 39.14
N LEU D 184 25.42 21.33 39.98
CA LEU D 184 26.83 20.86 40.10
C LEU D 184 27.40 20.10 38.92
N SER D 185 28.40 20.68 38.32
CA SER D 185 29.20 19.97 37.37
C SER D 185 30.24 19.05 38.12
N THR D 186 31.06 19.64 38.98
CA THR D 186 32.17 19.00 39.67
C THR D 186 32.00 19.36 41.14
N LEU D 187 32.36 18.43 42.06
CA LEU D 187 32.45 18.69 43.52
C LEU D 187 33.58 17.87 44.07
N THR D 188 34.64 18.54 44.50
CA THR D 188 35.76 17.86 45.12
C THR D 188 35.96 18.48 46.49
N VAL D 189 36.39 17.66 47.43
CA VAL D 189 36.93 18.18 48.70
C VAL D 189 38.35 17.69 48.85
N GLY D 190 39.31 18.60 48.82
CA GLY D 190 40.73 18.23 48.96
C GLY D 190 41.23 17.48 47.75
N GLY D 191 40.52 17.59 46.63
CA GLY D 191 40.83 16.85 45.42
C GLY D 191 40.14 15.50 45.36
N LYS D 192 39.32 15.23 46.37
CA LYS D 192 38.63 13.95 46.48
C LYS D 192 37.17 14.10 46.06
N GLU D 193 36.76 13.33 45.05
CA GLU D 193 35.50 13.64 44.36
C GLU D 193 34.34 13.28 45.25
N VAL D 194 33.33 14.11 45.25
CA VAL D 194 32.14 13.82 45.99
C VAL D 194 31.25 13.23 44.98
N LYS D 195 30.52 12.21 45.43
CA LYS D 195 29.56 11.52 44.58
C LYS D 195 28.17 12.04 44.89
N GLU D 196 27.20 11.63 44.07
CA GLU D 196 25.79 11.90 44.33
C GLU D 196 25.56 13.41 44.39
N ARG D 197 26.04 14.04 43.33
CA ARG D 197 26.13 15.45 43.13
C ARG D 197 24.78 16.01 42.71
N GLU D 198 23.78 15.88 43.59
CA GLU D 198 22.45 16.39 43.34
C GLU D 198 22.44 17.92 43.48
N TYR D 199 21.45 18.59 42.89
CA TYR D 199 21.42 20.01 42.85
C TYR D 199 21.03 20.62 44.20
N ILE D 200 21.36 21.88 44.42
CA ILE D 200 20.85 22.60 45.62
C ILE D 200 19.78 23.63 45.16
N ALA D 201 18.56 23.44 45.61
CA ALA D 201 17.44 24.37 45.36
C ALA D 201 17.74 25.78 45.95
N PRO D 202 17.07 26.83 45.45
CA PRO D 202 17.24 28.16 45.97
C PRO D 202 17.00 28.26 47.46
N PHE D 203 17.81 29.11 48.12
CA PHE D 203 17.64 29.41 49.54
C PHE D 203 17.48 28.17 50.42
N SER D 204 18.40 27.21 50.24
CA SER D 204 18.22 25.89 50.73
C SER D 204 19.55 25.13 50.77
N SER D 205 19.44 23.82 50.98
CA SER D 205 20.59 23.03 51.31
C SER D 205 20.49 21.62 50.81
N ARG D 206 21.64 21.01 50.64
CA ARG D 206 21.71 19.61 50.30
C ARG D 206 22.88 18.92 51.05
N GLU D 207 22.69 17.65 51.33
CA GLU D 207 23.74 16.80 51.81
C GLU D 207 24.25 15.84 50.77
N TYR D 208 25.48 15.41 50.98
CA TYR D 208 26.21 14.53 50.06
C TYR D 208 27.03 13.59 50.95
N PRO D 209 27.52 12.46 50.38
CA PRO D 209 28.46 11.68 51.21
C PRO D 209 29.84 12.39 51.29
N LEU D 210 30.46 12.42 52.46
CA LEU D 210 31.83 12.94 52.54
C LEU D 210 32.74 11.78 52.17
N PRO D 211 33.76 12.06 51.37
CA PRO D 211 34.77 11.03 51.23
C PRO D 211 35.65 10.99 52.48
N ALA D 212 35.89 9.77 52.95
CA ALA D 212 36.65 9.54 54.15
C ALA D 212 38.01 10.20 54.05
N GLY D 213 38.51 10.75 55.15
CA GLY D 213 39.74 11.57 55.14
C GLY D 213 39.47 12.89 54.43
N LYS D 217 39.96 22.21 51.25
CA LYS D 217 39.24 23.04 50.27
C LYS D 217 38.15 22.29 49.50
N VAL D 218 36.99 22.92 49.48
CA VAL D 218 35.93 22.54 48.58
C VAL D 218 36.13 23.27 47.24
N GLN D 219 36.18 22.52 46.15
CA GLN D 219 36.13 23.10 44.78
C GLN D 219 34.89 22.60 44.03
N TRP D 220 34.18 23.52 43.36
CA TRP D 220 33.02 23.13 42.53
C TRP D 220 32.87 23.97 41.28
N LYS D 221 32.16 23.45 40.32
CA LYS D 221 31.74 24.17 39.08
C LYS D 221 30.23 23.92 38.85
N VAL D 222 29.54 24.82 38.16
CA VAL D 222 28.13 24.56 37.86
C VAL D 222 27.93 24.54 36.39
N ILE D 223 26.85 23.89 35.97
CA ILE D 223 26.43 23.98 34.60
C ILE D 223 25.76 25.33 34.30
N THR D 224 26.26 26.04 33.29
CA THR D 224 25.67 27.34 32.95
C THR D 224 24.28 27.16 32.35
N ASP D 225 23.50 28.23 32.25
CA ASP D 225 22.25 28.19 31.42
C ASP D 225 22.37 27.66 29.96
N TYR D 226 23.58 27.72 29.41
CA TYR D 226 23.83 27.30 28.00
C TYR D 226 24.32 25.85 27.94
N GLY D 227 24.39 25.15 29.09
CA GLY D 227 24.97 23.83 29.18
C GLY D 227 26.50 23.69 29.27
N GLY D 228 27.24 24.81 29.28
CA GLY D 228 28.68 24.75 29.45
C GLY D 228 29.02 24.65 30.93
N THR D 229 30.29 24.80 31.26
CA THR D 229 30.74 24.63 32.64
C THR D 229 31.28 25.92 33.24
N SER D 230 31.11 26.18 34.55
CA SER D 230 31.52 27.49 35.12
C SER D 230 33.05 27.58 35.39
N LYS D 231 33.59 28.78 35.67
CA LYS D 231 34.90 28.94 36.35
C LYS D 231 34.84 28.08 37.61
N GLN D 232 35.99 27.73 38.20
CA GLN D 232 36.04 26.94 39.40
C GLN D 232 35.81 27.84 40.58
N PHE D 233 35.09 27.34 41.57
CA PHE D 233 34.92 28.06 42.81
C PHE D 233 35.63 27.31 43.93
N GLU D 234 36.08 28.06 44.94
CA GLU D 234 36.99 27.63 46.01
C GLU D 234 36.34 27.94 47.34
N ALA D 235 36.46 27.07 48.37
CA ALA D 235 36.24 27.53 49.78
C ALA D 235 36.62 26.55 50.85
N GLU D 236 36.97 27.13 52.00
CA GLU D 236 37.36 26.31 53.11
C GLU D 236 36.12 25.58 53.59
N LEU D 237 36.34 24.38 54.08
CA LEU D 237 35.32 23.50 54.63
C LEU D 237 34.98 23.88 56.09
N LYS D 238 33.97 24.68 56.30
CA LYS D 238 33.64 25.22 57.63
C LYS D 238 32.78 24.34 58.60
N ALA E 19 -9.08 14.40 -36.02
CA ALA E 19 -9.71 15.25 -34.96
C ALA E 19 -9.84 16.73 -35.34
N ARG E 20 -11.05 17.22 -35.59
CA ARG E 20 -11.22 18.62 -35.99
C ARG E 20 -11.60 19.60 -34.87
N VAL E 21 -11.24 20.85 -35.09
CA VAL E 21 -11.28 21.81 -34.00
C VAL E 21 -12.26 22.97 -34.30
N PHE E 22 -13.20 23.22 -33.40
CA PHE E 22 -14.17 24.31 -33.60
C PHE E 22 -14.01 25.48 -32.64
N SER E 23 -13.29 26.48 -33.13
CA SER E 23 -13.03 27.71 -32.38
C SER E 23 -13.13 28.96 -33.27
N LEU E 24 -13.53 30.05 -32.63
CA LEU E 24 -13.70 31.38 -33.24
C LEU E 24 -12.59 32.36 -32.83
N HIS E 25 -12.18 33.27 -33.72
CA HIS E 25 -11.36 34.36 -33.28
C HIS E 25 -12.40 35.47 -32.99
N LEU E 26 -12.26 36.16 -31.84
CA LEU E 26 -13.03 37.37 -31.60
C LEU E 26 -12.25 38.60 -32.04
N GLY E 27 -12.95 39.57 -32.57
CA GLY E 27 -12.24 40.79 -32.99
C GLY E 27 -11.89 41.81 -31.90
N ALA E 28 -11.92 41.39 -30.64
CA ALA E 28 -11.77 42.32 -29.54
C ALA E 28 -11.63 41.46 -28.34
N THR E 29 -10.86 41.95 -27.36
CA THR E 29 -10.55 41.25 -26.08
C THR E 29 -11.46 41.70 -24.96
N ARG E 30 -12.15 42.82 -25.15
CA ARG E 30 -13.20 43.23 -24.26
C ARG E 30 -14.21 44.05 -25.05
N VAL E 31 -15.39 44.23 -24.48
CA VAL E 31 -16.42 45.10 -25.03
C VAL E 31 -16.89 46.07 -23.93
N VAL E 32 -16.99 47.36 -24.27
CA VAL E 32 -17.57 48.35 -23.36
C VAL E 32 -19.01 48.67 -23.74
N TYR E 33 -19.90 48.31 -22.85
CA TYR E 33 -21.32 48.50 -23.12
C TYR E 33 -21.93 49.76 -22.47
N ASN E 34 -22.58 50.57 -23.28
CA ASN E 34 -23.29 51.76 -22.74
C ASN E 34 -24.75 51.45 -22.51
N PRO E 35 -25.22 51.51 -21.26
CA PRO E 35 -26.63 51.17 -21.02
C PRO E 35 -27.65 52.20 -21.45
N ALA E 36 -27.20 53.40 -21.76
CA ALA E 36 -28.11 54.45 -22.20
C ALA E 36 -28.28 54.29 -23.69
N SER E 37 -27.66 53.26 -24.25
CA SER E 37 -27.48 53.28 -25.69
C SER E 37 -27.81 52.16 -26.72
N SER E 38 -28.71 51.21 -26.59
CA SER E 38 -28.94 50.38 -27.85
C SER E 38 -28.15 49.11 -28.08
N GLY E 39 -26.91 49.04 -27.65
CA GLY E 39 -26.17 47.80 -27.88
C GLY E 39 -24.76 47.99 -28.40
N GLU E 40 -24.09 46.87 -28.60
CA GLU E 40 -22.67 46.82 -29.00
C GLU E 40 -22.52 45.66 -29.94
N THR E 41 -21.50 45.75 -30.79
CA THR E 41 -21.15 44.69 -31.75
C THR E 41 -19.78 44.13 -31.48
N LEU E 42 -19.62 42.88 -31.88
CA LEU E 42 -18.39 42.15 -31.75
C LEU E 42 -18.28 41.26 -32.98
N THR E 43 -17.18 41.41 -33.70
CA THR E 43 -16.95 40.49 -34.77
C THR E 43 -16.43 39.15 -34.25
N VAL E 44 -17.00 38.06 -34.78
CA VAL E 44 -16.40 36.73 -34.71
C VAL E 44 -15.92 36.26 -36.08
N ILE E 45 -14.81 35.53 -36.05
CA ILE E 45 -14.15 35.07 -37.27
C ILE E 45 -13.87 33.60 -37.26
N ASN E 46 -14.22 32.92 -38.34
CA ASN E 46 -13.93 31.49 -38.53
C ASN E 46 -12.85 31.39 -39.54
N ASP E 47 -11.59 31.26 -39.11
CA ASP E 47 -10.49 31.20 -40.11
C ASP E 47 -9.94 29.80 -40.26
N GLN E 48 -10.81 28.86 -39.93
CA GLN E 48 -10.72 27.49 -40.31
C GLN E 48 -11.22 27.40 -41.80
N ASP E 49 -10.96 26.31 -42.51
CA ASP E 49 -11.50 26.18 -43.89
C ASP E 49 -12.87 25.51 -43.95
N TYR E 50 -13.26 24.82 -42.89
CA TYR E 50 -14.53 24.11 -42.84
C TYR E 50 -15.62 24.96 -42.15
N PRO E 51 -16.89 24.70 -42.45
CA PRO E 51 -17.84 25.57 -41.76
C PRO E 51 -18.02 25.22 -40.27
N MSE E 52 -18.69 26.12 -39.55
CA MSE E 52 -18.93 26.00 -38.13
C MSE E 52 -20.26 26.62 -37.79
O MSE E 52 -20.74 27.44 -38.53
CB MSE E 52 -17.91 26.79 -37.37
CG MSE E 52 -16.66 26.08 -37.01
SE MSE E 52 -15.82 27.47 -35.97
CE MSE E 52 -17.51 27.97 -35.18
N LEU E 53 -20.78 26.28 -36.63
CA LEU E 53 -22.03 26.82 -36.17
C LEU E 53 -21.67 27.56 -34.91
N VAL E 54 -22.04 28.84 -34.84
CA VAL E 54 -21.54 29.74 -33.80
C VAL E 54 -22.62 29.96 -32.77
N GLN E 55 -22.33 29.71 -31.50
CA GLN E 55 -23.32 29.93 -30.44
C GLN E 55 -22.82 30.91 -29.41
N SER E 56 -23.76 31.72 -28.91
CA SER E 56 -23.38 32.89 -28.14
C SER E 56 -24.31 33.17 -27.02
N GLU E 57 -23.72 33.54 -25.90
CA GLU E 57 -24.45 33.98 -24.71
C GLU E 57 -23.67 34.95 -23.75
N VAL E 58 -24.42 35.73 -22.98
CA VAL E 58 -23.81 36.63 -22.00
C VAL E 58 -24.11 36.03 -20.66
N LEU E 59 -23.09 35.97 -19.81
CA LEU E 59 -23.25 35.42 -18.48
C LEU E 59 -22.89 36.43 -17.41
N SER E 60 -23.23 36.06 -16.20
CA SER E 60 -22.98 36.93 -15.05
C SER E 60 -21.52 36.94 -14.69
N GLU E 61 -21.10 37.88 -13.87
CA GLU E 61 -19.71 37.91 -13.42
C GLU E 61 -19.23 36.50 -12.97
N ASP E 62 -20.11 35.74 -12.37
CA ASP E 62 -19.77 34.39 -11.90
C ASP E 62 -19.44 33.42 -13.02
N GLN E 63 -19.98 33.66 -14.22
CA GLN E 63 -19.77 32.78 -15.39
C GLN E 63 -20.64 31.48 -15.34
N LYS E 64 -21.53 31.38 -14.37
CA LYS E 64 -22.38 30.19 -14.24
C LYS E 64 -23.89 30.51 -14.09
N SER E 65 -24.28 31.74 -14.45
CA SER E 65 -25.68 32.09 -14.63
C SER E 65 -25.87 32.94 -15.89
N PRO E 66 -27.08 32.87 -16.46
CA PRO E 66 -27.43 33.67 -17.64
C PRO E 66 -27.48 35.13 -17.23
N ALA E 67 -27.12 36.03 -18.16
CA ALA E 67 -27.19 37.46 -17.95
C ALA E 67 -28.37 38.13 -18.74
N PRO E 68 -28.89 39.30 -18.28
CA PRO E 68 -30.02 39.89 -18.98
C PRO E 68 -29.64 40.57 -20.32
N PHE E 69 -29.03 39.83 -21.25
CA PHE E 69 -28.64 40.31 -22.56
C PHE E 69 -29.06 39.26 -23.59
N VAL E 70 -29.22 39.66 -24.85
CA VAL E 70 -29.27 38.65 -25.92
C VAL E 70 -28.16 38.93 -26.93
N VAL E 71 -27.59 37.89 -27.54
CA VAL E 71 -26.68 38.12 -28.63
C VAL E 71 -27.43 37.63 -29.83
N THR E 72 -27.38 38.41 -30.89
CA THR E 72 -28.13 38.16 -32.13
C THR E 72 -27.19 38.14 -33.33
N PRO E 73 -27.20 37.04 -34.10
CA PRO E 73 -28.09 35.85 -33.96
C PRO E 73 -27.47 34.90 -32.97
N PRO E 74 -28.27 34.17 -32.16
CA PRO E 74 -27.70 33.35 -31.07
C PRO E 74 -27.14 31.97 -31.48
N LEU E 75 -27.56 31.46 -32.64
CA LEU E 75 -27.00 30.24 -33.21
C LEU E 75 -27.03 30.41 -34.70
N PHE E 76 -25.88 30.26 -35.36
CA PHE E 76 -25.83 30.36 -36.85
C PHE E 76 -24.66 29.70 -37.53
N ARG E 77 -24.82 29.39 -38.80
CA ARG E 77 -23.80 28.76 -39.60
C ARG E 77 -22.88 29.86 -40.11
N LEU E 78 -21.58 29.70 -39.84
CA LEU E 78 -20.54 30.54 -40.42
C LEU E 78 -19.63 29.71 -41.29
N ASP E 79 -19.72 29.79 -42.61
CA ASP E 79 -18.76 29.00 -43.42
C ASP E 79 -17.29 29.33 -43.10
N GLY E 80 -16.37 28.46 -43.48
CA GLY E 80 -14.95 28.76 -43.31
C GLY E 80 -14.52 30.08 -43.91
N GLN E 81 -13.71 30.82 -43.14
CA GLN E 81 -12.99 31.97 -43.62
C GLN E 81 -13.91 33.19 -43.75
N GLN E 82 -14.98 33.15 -42.96
CA GLN E 82 -15.99 34.20 -43.03
C GLN E 82 -16.13 34.88 -41.67
N SER E 83 -16.41 36.18 -41.72
CA SER E 83 -16.50 36.88 -40.48
C SER E 83 -17.90 37.43 -40.35
N SER E 84 -18.32 37.58 -39.10
CA SER E 84 -19.64 38.04 -38.87
C SER E 84 -19.62 38.98 -37.66
N ARG E 85 -20.55 39.94 -37.70
CA ARG E 85 -20.69 40.93 -36.64
C ARG E 85 -21.90 40.55 -35.73
N LEU E 86 -21.63 40.20 -34.49
CA LEU E 86 -22.70 39.82 -33.58
C LEU E 86 -23.22 41.04 -32.87
N ARG E 87 -24.48 40.98 -32.43
CA ARG E 87 -25.14 42.11 -31.84
C ARG E 87 -25.52 41.91 -30.36
N ILE E 88 -24.76 42.52 -29.46
CA ILE E 88 -25.03 42.41 -28.00
C ILE E 88 -25.91 43.56 -27.50
N VAL E 89 -27.09 43.21 -26.99
CA VAL E 89 -28.10 44.15 -26.55
C VAL E 89 -28.59 43.76 -25.15
N ARG E 90 -28.71 44.77 -24.26
CA ARG E 90 -29.21 44.61 -22.89
C ARG E 90 -30.73 44.51 -22.81
N THR E 91 -31.21 43.56 -22.02
CA THR E 91 -32.59 43.14 -22.14
C THR E 91 -33.45 43.42 -20.92
N GLY E 92 -32.78 43.97 -19.89
CA GLY E 92 -33.31 44.27 -18.56
C GLY E 92 -32.22 44.05 -17.53
N GLY E 93 -32.59 43.57 -16.35
CA GLY E 93 -31.67 43.47 -15.23
C GLY E 93 -31.48 44.87 -14.69
N GLU E 94 -30.96 44.95 -13.48
CA GLU E 94 -30.68 46.25 -12.96
C GLU E 94 -29.20 46.27 -12.65
N PHE E 95 -28.53 47.36 -13.00
CA PHE E 95 -27.10 47.51 -12.80
C PHE E 95 -26.83 48.77 -12.05
N PRO E 96 -25.89 48.72 -11.09
CA PRO E 96 -25.60 49.90 -10.22
C PRO E 96 -25.18 51.10 -11.06
N PRO E 97 -25.72 52.31 -10.76
CA PRO E 97 -25.54 53.52 -11.63
C PRO E 97 -24.27 54.34 -11.37
N ASP E 98 -23.45 53.88 -10.42
CA ASP E 98 -22.27 54.61 -9.93
C ASP E 98 -20.94 53.90 -10.20
N ARG E 99 -20.94 52.72 -10.80
CA ARG E 99 -19.72 51.96 -11.04
C ARG E 99 -19.88 51.07 -12.27
N GLU E 100 -18.78 50.55 -12.80
CA GLU E 100 -18.89 49.55 -13.87
C GLU E 100 -19.33 48.23 -13.25
N SER E 101 -19.97 47.35 -14.04
CA SER E 101 -20.22 45.94 -13.67
C SER E 101 -19.66 45.02 -14.75
N LEU E 102 -19.37 43.78 -14.36
CA LEU E 102 -18.71 42.89 -15.22
C LEU E 102 -19.64 41.78 -15.59
N GLN E 103 -19.89 41.61 -16.90
CA GLN E 103 -20.49 40.41 -17.48
C GLN E 103 -19.49 39.65 -18.39
N TRP E 104 -19.89 38.47 -18.87
CA TRP E 104 -19.08 37.79 -19.87
C TRP E 104 -19.83 37.47 -21.16
N ILE E 105 -19.14 37.69 -22.26
CA ILE E 105 -19.65 37.21 -23.53
C ILE E 105 -18.91 35.94 -23.89
N CYS E 106 -19.66 34.93 -24.26
CA CYS E 106 -19.02 33.69 -24.54
C CYS E 106 -19.47 33.17 -25.90
N VAL E 107 -18.51 32.79 -26.69
CA VAL E 107 -18.73 32.36 -28.07
C VAL E 107 -18.15 30.97 -28.25
N LYS E 108 -19.03 30.06 -28.67
CA LYS E 108 -18.75 28.63 -28.78
C LYS E 108 -18.89 28.24 -30.25
N GLY E 109 -17.92 27.50 -30.76
CA GLY E 109 -18.14 26.76 -32.00
C GLY E 109 -18.69 25.36 -31.75
N ILE E 110 -19.61 24.91 -32.60
CA ILE E 110 -20.22 23.60 -32.50
C ILE E 110 -20.04 22.90 -33.83
N PRO E 111 -19.90 21.57 -33.88
CA PRO E 111 -19.85 21.09 -35.28
C PRO E 111 -21.22 21.19 -35.92
N PRO E 112 -21.27 21.46 -37.23
CA PRO E 112 -22.56 21.75 -37.94
C PRO E 112 -23.56 20.58 -38.08
N LYS E 130 -14.63 -1.19 -39.02
CA LYS E 130 -14.98 -2.10 -37.87
C LYS E 130 -15.15 -1.38 -36.51
N VAL E 131 -14.10 -0.69 -36.06
CA VAL E 131 -14.24 0.22 -34.91
C VAL E 131 -13.88 1.66 -35.32
N SER E 132 -14.74 2.63 -34.97
CA SER E 132 -14.59 3.96 -35.50
C SER E 132 -14.55 5.02 -34.40
N LEU E 133 -13.76 6.03 -34.68
CA LEU E 133 -13.50 7.05 -33.70
C LEU E 133 -13.71 8.42 -34.31
N ASN E 134 -14.68 9.14 -33.75
CA ASN E 134 -14.81 10.56 -34.05
C ASN E 134 -14.65 11.41 -32.81
N VAL E 135 -13.87 12.44 -33.06
CA VAL E 135 -13.38 13.36 -32.06
C VAL E 135 -13.43 14.78 -32.58
N GLN E 136 -14.13 15.63 -31.84
CA GLN E 136 -14.29 17.03 -32.19
C GLN E 136 -13.87 17.86 -31.01
N LEU E 137 -13.30 19.01 -31.29
CA LEU E 137 -12.82 19.88 -30.24
C LEU E 137 -13.56 21.19 -30.31
N SER E 138 -14.59 21.31 -29.47
CA SER E 138 -15.47 22.49 -29.52
C SER E 138 -15.13 23.54 -28.48
N VAL E 139 -14.71 24.70 -28.93
CA VAL E 139 -14.18 25.62 -27.95
C VAL E 139 -15.04 26.84 -27.73
N SER E 140 -15.13 27.20 -26.46
CA SER E 140 -15.95 28.27 -25.90
C SER E 140 -14.99 29.39 -25.52
N SER E 141 -15.19 30.57 -26.09
CA SER E 141 -14.28 31.69 -25.92
C SER E 141 -14.97 32.90 -25.23
N CYS E 142 -14.47 33.35 -24.10
CA CYS E 142 -15.19 34.38 -23.34
C CYS E 142 -14.45 35.69 -23.27
N ILE E 143 -15.12 36.82 -23.41
CA ILE E 143 -14.47 38.07 -23.05
C ILE E 143 -15.27 38.88 -22.09
N LYS E 144 -14.60 39.86 -21.50
CA LYS E 144 -15.21 40.75 -20.53
C LYS E 144 -16.12 41.72 -21.21
N LEU E 145 -17.29 41.96 -20.61
CA LEU E 145 -18.15 43.06 -20.99
C LEU E 145 -18.39 44.00 -19.78
N PHE E 146 -18.12 45.29 -19.97
CA PHE E 146 -18.10 46.22 -18.87
C PHE E 146 -19.27 47.09 -19.09
N VAL E 147 -20.24 46.93 -18.19
CA VAL E 147 -21.38 47.77 -18.19
C VAL E 147 -20.89 49.07 -17.59
N ARG E 148 -20.87 50.13 -18.42
CA ARG E 148 -20.38 51.45 -17.96
C ARG E 148 -21.51 52.51 -17.94
N PRO E 149 -22.12 52.74 -16.77
CA PRO E 149 -23.22 53.70 -16.65
C PRO E 149 -22.77 55.11 -17.05
N PRO E 150 -23.73 55.96 -17.47
CA PRO E 150 -23.51 57.36 -17.84
C PRO E 150 -22.71 58.09 -16.83
N ALA E 151 -22.98 57.84 -15.54
CA ALA E 151 -22.36 58.63 -14.46
C ALA E 151 -20.85 58.41 -14.36
N VAL E 152 -20.40 57.26 -14.83
CA VAL E 152 -19.01 56.89 -14.76
C VAL E 152 -18.23 57.52 -15.92
N LYS E 153 -17.71 58.71 -15.68
CA LYS E 153 -17.04 59.48 -16.74
C LYS E 153 -15.59 59.05 -17.12
N GLY E 154 -15.19 59.39 -18.37
CA GLY E 154 -13.83 59.13 -18.89
C GLY E 154 -13.56 57.64 -19.11
N ARG E 155 -12.28 57.27 -18.98
CA ARG E 155 -11.78 55.89 -19.23
C ARG E 155 -10.86 55.43 -18.13
N PRO E 156 -10.86 54.12 -17.83
CA PRO E 156 -9.99 53.57 -16.81
C PRO E 156 -8.55 54.16 -16.80
N ASP E 157 -7.94 54.37 -17.97
CA ASP E 157 -6.54 54.86 -18.01
C ASP E 157 -6.37 56.29 -17.45
N ASP E 158 -7.41 57.10 -17.54
CA ASP E 158 -7.33 58.41 -16.91
C ASP E 158 -7.10 58.31 -15.35
N VAL E 159 -7.36 57.16 -14.76
CA VAL E 159 -7.40 57.10 -13.31
C VAL E 159 -6.77 55.84 -12.71
N ALA E 160 -6.30 54.88 -13.51
CA ALA E 160 -5.66 53.66 -12.92
C ALA E 160 -4.45 54.00 -12.03
N GLY E 161 -3.77 55.12 -12.34
CA GLY E 161 -2.76 55.61 -11.43
C GLY E 161 -3.20 55.95 -10.02
N LYS E 162 -4.42 55.62 -9.62
CA LYS E 162 -4.87 56.07 -8.29
C LYS E 162 -5.06 54.86 -7.40
N VAL E 163 -4.66 53.72 -7.92
CA VAL E 163 -4.71 52.52 -7.16
C VAL E 163 -3.58 52.56 -6.17
N GLU E 164 -3.84 52.31 -4.89
CA GLU E 164 -2.76 52.32 -3.89
C GLU E 164 -2.43 50.87 -3.46
N TRP E 165 -1.26 50.69 -2.83
CA TRP E 165 -0.70 49.34 -2.57
C TRP E 165 -0.02 49.19 -1.15
N GLN E 166 -0.33 48.09 -0.46
CA GLN E 166 0.07 47.89 0.94
C GLN E 166 0.37 46.38 1.24
N ARG E 167 1.20 46.08 2.25
CA ARG E 167 1.39 44.65 2.59
C ARG E 167 0.24 44.05 3.43
N ALA E 168 -0.07 42.76 3.20
CA ALA E 168 -1.21 42.09 3.86
C ALA E 168 -0.80 40.83 4.64
N GLY E 169 0.18 40.99 5.52
CA GLY E 169 0.97 39.87 6.02
C GLY E 169 1.90 39.42 4.90
N ASN E 170 1.77 38.15 4.53
CA ASN E 170 2.61 37.48 3.51
C ASN E 170 2.24 37.81 2.06
N ARG E 171 1.21 38.63 1.90
CA ARG E 171 0.60 38.91 0.59
C ARG E 171 0.56 40.38 0.20
N LEU E 172 0.07 40.66 -1.01
CA LEU E 172 0.04 42.00 -1.56
C LEU E 172 -1.40 42.50 -1.78
N LYS E 173 -1.80 43.54 -1.05
CA LYS E 173 -3.16 44.05 -1.20
C LYS E 173 -3.20 45.29 -2.10
N GLY E 174 -4.02 45.25 -3.14
CA GLY E 174 -4.27 46.43 -3.95
C GLY E 174 -5.70 46.95 -3.81
N VAL E 175 -5.83 48.27 -3.63
CA VAL E 175 -7.14 48.86 -3.40
C VAL E 175 -7.46 49.93 -4.44
N ASN E 176 -8.68 49.76 -4.96
CA ASN E 176 -9.17 50.47 -6.11
C ASN E 176 -10.29 51.48 -5.67
N PRO E 177 -9.95 52.79 -5.65
CA PRO E 177 -10.83 53.90 -5.30
C PRO E 177 -11.58 54.44 -6.50
N THR E 178 -11.63 53.66 -7.56
CA THR E 178 -12.18 54.16 -8.80
C THR E 178 -13.43 53.36 -9.16
N PRO E 179 -14.32 53.99 -9.95
CA PRO E 179 -15.51 53.23 -10.38
C PRO E 179 -15.19 52.17 -11.45
N PHE E 180 -13.93 51.99 -11.84
CA PHE E 180 -13.55 51.09 -12.98
C PHE E 180 -13.01 49.70 -12.60
N TYR E 181 -13.38 48.63 -13.32
CA TYR E 181 -12.59 47.42 -13.17
C TYR E 181 -11.18 47.75 -13.54
N ILE E 182 -10.23 47.34 -12.71
CA ILE E 182 -8.83 47.44 -13.09
C ILE E 182 -8.31 46.08 -13.55
N ASN E 183 -7.99 46.03 -14.83
CA ASN E 183 -7.53 44.86 -15.53
C ASN E 183 -5.99 44.91 -15.72
N LEU E 184 -5.26 44.36 -14.74
CA LEU E 184 -3.81 44.37 -14.73
C LEU E 184 -3.24 43.53 -15.86
N SER E 185 -2.45 44.14 -16.76
CA SER E 185 -1.73 43.38 -17.78
C SER E 185 -0.36 42.95 -17.20
N THR E 186 0.20 43.81 -16.32
CA THR E 186 1.48 43.52 -15.67
C THR E 186 1.52 44.00 -14.24
N LEU E 187 1.94 43.12 -13.33
CA LEU E 187 2.27 43.49 -11.93
C LEU E 187 3.66 42.99 -11.45
N THR E 188 4.56 43.96 -11.19
CA THR E 188 5.87 43.75 -10.49
C THR E 188 5.97 44.50 -9.14
N VAL E 189 6.83 43.98 -8.25
CA VAL E 189 7.24 44.57 -6.92
C VAL E 189 8.78 44.80 -6.86
N GLY E 190 9.23 46.05 -7.05
CA GLY E 190 10.67 46.37 -7.31
C GLY E 190 11.21 45.56 -8.49
N GLY E 191 11.90 44.46 -8.17
CA GLY E 191 12.18 43.42 -9.16
C GLY E 191 10.94 42.70 -9.68
N LYS E 192 10.43 41.75 -8.89
CA LYS E 192 9.67 40.56 -9.38
C LYS E 192 8.21 40.75 -9.83
N GLU E 193 7.82 39.97 -10.85
CA GLU E 193 6.42 39.82 -11.27
C GLU E 193 5.52 39.16 -10.20
N VAL E 194 4.34 39.74 -9.97
CA VAL E 194 3.41 39.14 -9.02
C VAL E 194 2.56 38.09 -9.71
N LYS E 195 2.32 36.99 -8.98
CA LYS E 195 1.56 35.83 -9.46
C LYS E 195 0.03 36.00 -9.19
N GLU E 196 -0.81 35.34 -9.99
CA GLU E 196 -2.29 35.42 -9.86
C GLU E 196 -2.83 36.86 -9.97
N ARG E 197 -2.53 37.51 -11.10
CA ARG E 197 -2.79 38.94 -11.30
C ARG E 197 -4.25 39.23 -11.73
N GLU E 198 -5.22 38.71 -10.96
CA GLU E 198 -6.66 38.98 -11.21
C GLU E 198 -7.09 40.48 -11.09
N TYR E 199 -8.14 40.86 -11.80
CA TYR E 199 -8.60 42.24 -11.78
C TYR E 199 -9.09 42.72 -10.40
N ILE E 200 -9.30 44.02 -10.30
CA ILE E 200 -9.82 44.60 -9.08
C ILE E 200 -11.08 45.33 -9.44
N ALA E 201 -12.16 44.89 -8.79
CA ALA E 201 -13.48 45.46 -8.93
C ALA E 201 -13.48 46.92 -8.52
N PRO E 202 -14.45 47.70 -9.04
CA PRO E 202 -14.67 49.10 -8.73
C PRO E 202 -14.78 49.28 -7.25
N PHE E 203 -14.06 50.24 -6.71
CA PHE E 203 -14.21 50.58 -5.30
C PHE E 203 -14.00 49.37 -4.41
N SER E 204 -12.91 48.66 -4.61
CA SER E 204 -12.77 47.32 -4.07
C SER E 204 -11.27 47.01 -4.00
N SER E 205 -10.96 45.88 -3.39
CA SER E 205 -9.56 45.48 -3.13
C SER E 205 -9.37 44.01 -3.49
N ARG E 206 -8.14 43.67 -3.83
CA ARG E 206 -7.83 42.31 -4.26
C ARG E 206 -6.51 41.92 -3.62
N GLU E 207 -6.44 40.70 -3.09
CA GLU E 207 -5.17 40.26 -2.49
C GLU E 207 -4.36 39.37 -3.46
N TYR E 208 -3.04 39.55 -3.47
CA TYR E 208 -2.09 38.83 -4.37
C TYR E 208 -0.98 38.08 -3.61
N PRO E 209 -0.52 36.93 -4.15
CA PRO E 209 0.67 36.33 -3.55
C PRO E 209 1.93 37.20 -3.73
N LEU E 210 2.66 37.36 -2.63
CA LEU E 210 4.03 37.88 -2.66
C LEU E 210 5.10 36.78 -2.60
N PRO E 211 5.99 36.75 -3.61
CA PRO E 211 7.23 36.03 -3.35
C PRO E 211 8.01 36.78 -2.27
N ALA E 212 8.52 36.09 -1.26
CA ALA E 212 9.39 36.76 -0.28
C ALA E 212 10.58 37.42 -1.01
N GLY E 213 10.92 38.65 -0.62
CA GLY E 213 11.97 39.44 -1.29
C GLY E 213 11.62 40.91 -1.38
N LYS E 217 8.90 48.95 -4.61
CA LYS E 217 8.29 49.73 -5.66
C LYS E 217 7.38 48.96 -6.67
N VAL E 218 6.07 49.17 -6.51
CA VAL E 218 5.00 48.49 -7.30
C VAL E 218 4.80 49.14 -8.67
N GLN E 219 4.65 48.30 -9.68
CA GLN E 219 4.55 48.76 -11.07
C GLN E 219 3.49 47.99 -11.79
N TRP E 220 2.72 48.74 -12.58
CA TRP E 220 1.52 48.21 -13.16
C TRP E 220 1.07 48.94 -14.40
N LYS E 221 0.48 48.16 -15.29
CA LYS E 221 -0.15 48.59 -16.52
C LYS E 221 -1.52 47.93 -16.58
N VAL E 222 -2.45 48.66 -17.20
CA VAL E 222 -3.79 48.19 -17.48
C VAL E 222 -4.08 47.98 -18.96
N ILE E 223 -4.86 46.96 -19.24
CA ILE E 223 -5.48 46.83 -20.54
C ILE E 223 -6.50 47.98 -20.70
N THR E 224 -6.23 48.85 -21.66
CA THR E 224 -7.15 49.96 -22.04
C THR E 224 -8.43 49.39 -22.66
N ASP E 225 -9.39 50.25 -22.94
CA ASP E 225 -10.57 49.77 -23.63
C ASP E 225 -10.37 49.23 -25.02
N TYR E 226 -9.22 49.49 -25.65
CA TYR E 226 -8.99 48.92 -27.00
C TYR E 226 -8.21 47.59 -26.98
N GLY E 227 -7.78 47.14 -25.80
CA GLY E 227 -6.95 45.95 -25.71
C GLY E 227 -5.47 46.29 -25.79
N GLY E 228 -5.15 47.57 -25.97
CA GLY E 228 -3.77 47.96 -25.86
C GLY E 228 -3.38 48.04 -24.38
N THR E 229 -2.19 48.56 -24.12
CA THR E 229 -1.71 48.80 -22.77
C THR E 229 -1.70 50.32 -22.56
N SER E 230 -1.83 50.73 -21.29
CA SER E 230 -1.73 52.12 -20.91
C SER E 230 -0.26 52.44 -20.53
N LYS E 231 0.04 53.70 -20.22
CA LYS E 231 1.34 53.99 -19.64
C LYS E 231 1.59 53.13 -18.38
N GLN E 232 2.82 53.16 -17.91
CA GLN E 232 3.12 52.55 -16.64
C GLN E 232 2.64 53.39 -15.48
N PHE E 233 2.27 52.68 -14.43
CA PHE E 233 2.05 53.33 -13.16
C PHE E 233 3.08 52.93 -12.13
N GLU E 234 3.22 53.82 -11.14
CA GLU E 234 4.32 53.80 -10.14
C GLU E 234 3.75 54.15 -8.78
N ALA E 235 3.96 53.31 -7.76
CA ALA E 235 3.69 53.70 -6.36
C ALA E 235 4.57 52.95 -5.40
N GLU E 236 4.50 53.34 -4.10
CA GLU E 236 5.38 52.88 -2.96
C GLU E 236 4.74 51.81 -1.97
N LEU E 237 5.55 51.20 -1.08
CA LEU E 237 5.10 50.15 -0.07
C LEU E 237 4.29 48.99 -0.71
N GLU F 16 -12.20 19.53 -20.05
CA GLU F 16 -13.61 19.05 -20.11
C GLU F 16 -13.80 17.95 -21.18
N THR F 17 -14.57 16.89 -20.87
CA THR F 17 -14.58 15.63 -21.66
C THR F 17 -15.93 14.91 -21.80
N ASN F 18 -16.25 14.48 -23.01
CA ASN F 18 -17.55 13.86 -23.26
C ASN F 18 -17.46 12.70 -24.23
N ALA F 19 -17.78 11.52 -23.71
CA ALA F 19 -17.56 10.29 -24.44
C ALA F 19 -18.83 9.54 -24.51
N ARG F 20 -18.99 8.82 -25.59
CA ARG F 20 -20.13 7.94 -25.71
C ARG F 20 -19.72 6.80 -26.56
N VAL F 21 -20.21 5.62 -26.24
CA VAL F 21 -19.87 4.45 -27.00
C VAL F 21 -21.12 3.88 -27.66
N PHE F 22 -21.01 3.55 -28.94
CA PHE F 22 -22.08 2.92 -29.67
C PHE F 22 -21.77 1.49 -30.03
N SER F 23 -22.34 0.58 -29.26
CA SER F 23 -22.20 -0.85 -29.47
C SER F 23 -23.44 -1.59 -29.05
N LEU F 24 -23.49 -2.81 -29.57
CA LEU F 24 -24.59 -3.71 -29.50
C LEU F 24 -24.14 -5.03 -28.86
N HIS F 25 -25.11 -5.77 -28.32
CA HIS F 25 -24.94 -7.19 -28.01
C HIS F 25 -25.77 -8.00 -28.99
N LEU F 26 -25.36 -9.24 -29.24
CA LEU F 26 -26.09 -10.16 -30.11
C LEU F 26 -26.66 -11.35 -29.31
N GLY F 27 -27.81 -11.85 -29.74
CA GLY F 27 -28.54 -12.82 -28.92
C GLY F 27 -28.07 -14.23 -29.18
N ALA F 28 -27.03 -14.36 -30.00
CA ALA F 28 -26.41 -15.65 -30.27
C ALA F 28 -24.91 -15.46 -30.45
N THR F 29 -24.15 -16.53 -30.25
CA THR F 29 -22.70 -16.55 -30.42
C THR F 29 -22.27 -16.94 -31.83
N ARG F 30 -23.11 -17.66 -32.54
CA ARG F 30 -22.92 -17.98 -33.94
C ARG F 30 -24.31 -18.22 -34.60
N VAL F 31 -24.37 -18.18 -35.91
CA VAL F 31 -25.55 -18.58 -36.64
C VAL F 31 -25.21 -19.70 -37.65
N VAL F 32 -26.03 -20.72 -37.68
CA VAL F 32 -25.88 -21.83 -38.59
C VAL F 32 -26.98 -21.62 -39.67
N TYR F 33 -26.56 -21.58 -40.92
CA TYR F 33 -27.42 -21.07 -41.94
C TYR F 33 -27.68 -22.19 -42.92
N ASN F 34 -28.95 -22.54 -43.07
CA ASN F 34 -29.25 -23.62 -43.98
C ASN F 34 -29.52 -23.08 -45.40
N PRO F 35 -28.60 -23.28 -46.32
CA PRO F 35 -28.77 -22.67 -47.67
C PRO F 35 -29.97 -23.21 -48.56
N ALA F 36 -30.61 -24.31 -48.19
CA ALA F 36 -31.82 -24.80 -48.87
C ALA F 36 -33.12 -24.24 -48.21
N SER F 37 -32.94 -23.31 -47.29
CA SER F 37 -34.05 -22.83 -46.52
C SER F 37 -34.21 -21.33 -46.79
N SER F 38 -35.02 -20.63 -46.00
CA SER F 38 -35.33 -19.27 -46.41
C SER F 38 -34.59 -18.19 -45.69
N GLY F 39 -33.81 -18.53 -44.68
CA GLY F 39 -32.97 -17.56 -43.96
C GLY F 39 -32.90 -17.83 -42.47
N GLU F 40 -32.30 -16.90 -41.76
CA GLU F 40 -32.08 -17.10 -40.33
C GLU F 40 -32.32 -15.80 -39.60
N THR F 41 -32.62 -15.88 -38.31
CA THR F 41 -32.85 -14.64 -37.58
C THR F 41 -31.92 -14.45 -36.37
N LEU F 42 -31.70 -13.18 -35.98
CA LEU F 42 -30.76 -12.87 -34.95
C LEU F 42 -31.18 -11.60 -34.26
N THR F 43 -31.14 -11.64 -32.94
CA THR F 43 -31.53 -10.52 -32.16
C THR F 43 -30.33 -9.66 -31.89
N VAL F 44 -30.54 -8.35 -31.88
CA VAL F 44 -29.55 -7.38 -31.51
C VAL F 44 -30.11 -6.57 -30.34
N ILE F 45 -29.21 -6.13 -29.46
CA ILE F 45 -29.68 -5.50 -28.20
C ILE F 45 -28.87 -4.28 -27.93
N ASN F 46 -29.56 -3.17 -27.74
CA ASN F 46 -28.94 -1.97 -27.31
C ASN F 46 -28.92 -1.89 -25.77
N ASP F 47 -27.89 -2.37 -25.12
CA ASP F 47 -27.85 -2.37 -23.64
C ASP F 47 -27.66 -0.93 -23.04
N GLN F 48 -27.27 0.01 -23.89
CA GLN F 48 -27.11 1.43 -23.57
C GLN F 48 -28.41 2.17 -23.15
N ASP F 49 -28.24 3.34 -22.56
CA ASP F 49 -29.35 4.17 -22.08
C ASP F 49 -29.71 5.30 -23.08
N TYR F 50 -29.42 5.07 -24.36
CA TYR F 50 -29.65 6.06 -25.41
C TYR F 50 -29.79 5.40 -26.78
N PRO F 51 -30.38 6.09 -27.77
CA PRO F 51 -30.52 5.60 -29.15
C PRO F 51 -29.24 5.40 -30.01
N MSE F 52 -29.29 4.42 -30.92
CA MSE F 52 -28.20 4.16 -31.87
C MSE F 52 -28.79 3.83 -33.21
O MSE F 52 -29.88 3.25 -33.25
CB MSE F 52 -27.43 2.92 -31.49
CG MSE F 52 -26.88 2.87 -30.13
SE MSE F 52 -25.83 1.23 -30.01
CE MSE F 52 -24.70 1.67 -31.51
N LEU F 53 -28.11 4.16 -34.30
CA LEU F 53 -28.35 3.51 -35.58
C LEU F 53 -27.59 2.12 -35.62
N VAL F 54 -28.22 1.08 -36.17
CA VAL F 54 -27.66 -0.28 -36.24
C VAL F 54 -27.40 -0.64 -37.69
N GLN F 55 -26.15 -0.94 -38.03
CA GLN F 55 -25.71 -1.21 -39.41
C GLN F 55 -25.14 -2.61 -39.51
N SER F 56 -25.72 -3.43 -40.36
CA SER F 56 -25.38 -4.84 -40.39
C SER F 56 -25.00 -5.25 -41.78
N GLU F 57 -23.97 -6.09 -41.87
CA GLU F 57 -23.56 -6.68 -43.12
C GLU F 57 -23.09 -8.10 -42.90
N VAL F 58 -22.96 -8.85 -43.99
CA VAL F 58 -22.35 -10.15 -43.90
C VAL F 58 -21.11 -10.06 -44.70
N LEU F 59 -19.98 -10.46 -44.11
CA LEU F 59 -18.73 -10.47 -44.90
C LEU F 59 -18.19 -11.87 -45.12
N SER F 60 -17.21 -11.94 -45.99
CA SER F 60 -16.44 -13.13 -46.30
C SER F 60 -15.67 -13.76 -45.14
N GLU F 61 -15.11 -14.96 -45.33
CA GLU F 61 -14.30 -15.52 -44.24
C GLU F 61 -13.21 -14.54 -43.65
N ASP F 62 -12.56 -13.76 -44.49
CA ASP F 62 -11.43 -12.89 -44.08
C ASP F 62 -11.87 -11.49 -43.76
N GLN F 63 -13.18 -11.28 -43.70
CA GLN F 63 -13.76 -9.98 -43.35
C GLN F 63 -13.42 -8.82 -44.32
N LYS F 64 -12.95 -9.10 -45.53
CA LYS F 64 -12.57 -8.04 -46.46
C LYS F 64 -13.64 -7.75 -47.53
N SER F 65 -14.47 -8.72 -47.87
CA SER F 65 -15.34 -8.56 -49.04
C SER F 65 -16.79 -8.79 -48.63
N PRO F 66 -17.76 -8.15 -49.32
CA PRO F 66 -19.16 -8.41 -48.91
C PRO F 66 -19.59 -9.83 -49.28
N ALA F 67 -20.20 -10.58 -48.34
CA ALA F 67 -20.72 -11.87 -48.72
C ALA F 67 -22.10 -11.67 -49.41
N PRO F 68 -22.47 -12.58 -50.29
CA PRO F 68 -23.74 -12.49 -50.97
C PRO F 68 -24.98 -12.83 -50.08
N PHE F 69 -25.23 -12.02 -49.07
CA PHE F 69 -26.40 -12.13 -48.20
C PHE F 69 -26.91 -10.73 -47.98
N VAL F 70 -28.18 -10.62 -47.62
CA VAL F 70 -28.75 -9.36 -47.28
C VAL F 70 -29.17 -9.44 -45.81
N VAL F 71 -28.85 -8.41 -45.02
CA VAL F 71 -29.43 -8.35 -43.71
C VAL F 71 -30.54 -7.33 -43.76
N THR F 72 -31.70 -7.65 -43.19
CA THR F 72 -32.84 -6.72 -43.17
C THR F 72 -33.30 -6.55 -41.73
N PRO F 73 -33.51 -5.30 -41.32
CA PRO F 73 -33.22 -4.06 -42.05
C PRO F 73 -31.73 -3.77 -42.02
N PRO F 74 -31.21 -3.09 -43.05
CA PRO F 74 -29.73 -2.95 -43.09
C PRO F 74 -29.26 -1.87 -42.13
N LEU F 75 -30.19 -0.95 -41.81
CA LEU F 75 -29.85 0.28 -41.10
C LEU F 75 -31.10 0.91 -40.48
N PHE F 76 -31.18 0.91 -39.16
CA PHE F 76 -32.41 1.30 -38.47
C PHE F 76 -32.11 1.89 -37.11
N ARG F 77 -33.08 2.53 -36.45
CA ARG F 77 -32.83 3.14 -35.13
C ARG F 77 -33.29 2.17 -34.04
N LEU F 78 -32.50 2.03 -32.99
CA LEU F 78 -32.88 1.20 -31.86
C LEU F 78 -32.76 2.06 -30.66
N ASP F 79 -33.85 2.28 -29.96
CA ASP F 79 -33.72 3.01 -28.69
C ASP F 79 -32.89 2.31 -27.60
N GLY F 80 -32.48 3.09 -26.59
CA GLY F 80 -31.83 2.58 -25.41
C GLY F 80 -32.60 1.43 -24.81
N GLN F 81 -31.86 0.41 -24.38
CA GLN F 81 -32.41 -0.79 -23.70
C GLN F 81 -33.33 -1.67 -24.58
N GLN F 82 -33.55 -1.29 -25.83
CA GLN F 82 -34.47 -2.04 -26.67
C GLN F 82 -33.73 -3.20 -27.41
N SER F 83 -34.46 -4.21 -27.86
CA SER F 83 -33.88 -5.21 -28.73
C SER F 83 -34.77 -5.46 -29.98
N SER F 84 -34.12 -5.78 -31.11
CA SER F 84 -34.83 -5.98 -32.38
C SER F 84 -34.36 -7.20 -33.19
N ARG F 85 -35.18 -7.72 -34.09
CA ARG F 85 -34.88 -8.97 -34.83
C ARG F 85 -34.33 -8.69 -36.24
N LEU F 86 -33.21 -9.32 -36.65
CA LEU F 86 -32.73 -9.20 -38.03
C LEU F 86 -32.97 -10.50 -38.79
N ARG F 87 -33.25 -10.37 -40.07
CA ARG F 87 -33.33 -11.51 -40.94
C ARG F 87 -32.12 -11.50 -41.91
N ILE F 88 -31.40 -12.62 -41.91
CA ILE F 88 -30.29 -12.85 -42.81
C ILE F 88 -30.66 -13.86 -43.91
N VAL F 89 -30.54 -13.42 -45.16
CA VAL F 89 -31.04 -14.19 -46.25
C VAL F 89 -29.97 -14.23 -47.31
N ARG F 90 -29.67 -15.44 -47.77
CA ARG F 90 -28.65 -15.64 -48.80
C ARG F 90 -29.28 -15.25 -50.11
N THR F 91 -28.51 -14.57 -50.95
CA THR F 91 -29.01 -13.69 -51.98
C THR F 91 -28.43 -14.15 -53.28
N GLY F 92 -27.18 -14.62 -53.21
CA GLY F 92 -26.50 -15.27 -54.32
C GLY F 92 -25.50 -16.32 -53.85
N GLY F 93 -24.36 -16.33 -54.56
CA GLY F 93 -23.16 -17.12 -54.17
C GLY F 93 -23.19 -18.61 -54.48
N GLU F 94 -21.98 -19.20 -54.50
CA GLU F 94 -21.72 -20.62 -54.83
C GLU F 94 -21.11 -21.28 -53.58
N PHE F 95 -21.77 -22.28 -53.03
CA PHE F 95 -21.31 -22.80 -51.78
C PHE F 95 -21.16 -24.26 -51.88
N PRO F 96 -19.94 -24.74 -51.64
CA PRO F 96 -19.67 -26.17 -51.79
C PRO F 96 -20.80 -26.96 -51.13
N PRO F 97 -21.30 -27.99 -51.76
CA PRO F 97 -22.44 -28.73 -51.13
C PRO F 97 -22.03 -29.77 -50.13
N ASP F 98 -20.75 -30.09 -50.01
CA ASP F 98 -20.33 -31.18 -49.07
C ASP F 98 -19.62 -30.73 -47.73
N ARG F 99 -19.75 -29.46 -47.37
CA ARG F 99 -18.97 -28.92 -46.28
C ARG F 99 -19.51 -27.55 -45.93
N GLU F 100 -19.22 -27.15 -44.72
CA GLU F 100 -19.59 -25.85 -44.18
C GLU F 100 -18.70 -24.83 -44.86
N SER F 101 -19.20 -23.63 -45.06
CA SER F 101 -18.39 -22.49 -45.44
C SER F 101 -18.57 -21.45 -44.32
N LEU F 102 -17.47 -20.78 -43.92
CA LEU F 102 -17.53 -19.70 -42.95
C LEU F 102 -17.77 -18.29 -43.49
N GLN F 103 -18.75 -17.61 -42.89
CA GLN F 103 -19.00 -16.15 -43.12
C GLN F 103 -18.98 -15.39 -41.79
N TRP F 104 -19.00 -14.07 -41.87
CA TRP F 104 -19.12 -13.26 -40.69
C TRP F 104 -20.30 -12.33 -40.72
N ILE F 105 -21.02 -12.31 -39.60
CA ILE F 105 -22.06 -11.34 -39.38
C ILE F 105 -21.44 -10.25 -38.53
N CYS F 106 -21.45 -9.02 -39.07
CA CYS F 106 -21.00 -7.76 -38.42
C CYS F 106 -22.10 -6.72 -38.21
N VAL F 107 -22.31 -6.36 -36.95
CA VAL F 107 -23.35 -5.50 -36.58
C VAL F 107 -22.68 -4.36 -35.86
N LYS F 108 -22.83 -3.18 -36.46
CA LYS F 108 -22.18 -2.01 -35.98
C LYS F 108 -23.17 -1.04 -35.32
N GLY F 109 -22.83 -0.57 -34.12
CA GLY F 109 -23.49 0.57 -33.54
C GLY F 109 -22.95 1.92 -34.05
N ILE F 110 -23.86 2.83 -34.40
CA ILE F 110 -23.46 4.14 -34.93
C ILE F 110 -24.41 5.28 -34.45
N PRO F 111 -23.84 6.43 -33.98
CA PRO F 111 -24.61 7.62 -33.53
C PRO F 111 -25.66 8.02 -34.52
N PRO F 112 -26.86 8.36 -34.03
CA PRO F 112 -27.84 9.02 -34.95
C PRO F 112 -27.44 10.44 -35.30
N ASP F 129 -15.83 29.02 -20.61
CA ASP F 129 -14.44 29.24 -21.03
C ASP F 129 -13.76 27.89 -21.23
N LYS F 130 -14.57 26.83 -21.19
CA LYS F 130 -14.11 25.46 -21.29
C LYS F 130 -13.74 24.99 -22.73
N VAL F 131 -12.61 24.29 -22.82
CA VAL F 131 -12.27 23.55 -24.01
C VAL F 131 -12.90 22.15 -23.90
N SER F 132 -13.66 21.81 -24.93
CA SER F 132 -14.60 20.70 -24.85
C SER F 132 -14.26 19.63 -25.86
N LEU F 133 -14.20 18.39 -25.38
CA LEU F 133 -13.55 17.30 -26.08
C LEU F 133 -14.56 16.20 -26.24
N ASN F 134 -15.06 16.09 -27.46
CA ASN F 134 -16.21 15.26 -27.76
C ASN F 134 -15.76 14.05 -28.57
N VAL F 135 -16.12 12.86 -28.05
CA VAL F 135 -15.53 11.60 -28.46
C VAL F 135 -16.63 10.59 -28.65
N GLN F 136 -16.66 10.02 -29.86
CA GLN F 136 -17.60 8.98 -30.25
C GLN F 136 -16.91 7.75 -30.80
N LEU F 137 -17.16 6.64 -30.13
CA LEU F 137 -16.57 5.39 -30.47
C LEU F 137 -17.68 4.43 -30.90
N SER F 138 -17.61 4.01 -32.16
CA SER F 138 -18.49 3.00 -32.76
C SER F 138 -17.79 1.68 -32.83
N VAL F 139 -18.46 0.63 -32.32
CA VAL F 139 -17.89 -0.70 -32.41
C VAL F 139 -18.80 -1.74 -33.00
N SER F 140 -18.19 -2.62 -33.77
CA SER F 140 -18.83 -3.81 -34.33
C SER F 140 -18.80 -5.02 -33.39
N SER F 141 -19.88 -5.74 -33.36
CA SER F 141 -19.91 -7.09 -32.79
C SER F 141 -20.00 -7.99 -34.00
N CYS F 142 -19.20 -9.06 -34.04
CA CYS F 142 -19.13 -9.89 -35.25
C CYS F 142 -19.21 -11.28 -34.81
N ILE F 143 -20.11 -11.99 -35.47
CA ILE F 143 -20.34 -13.40 -35.15
C ILE F 143 -20.20 -14.28 -36.42
N LYS F 144 -19.76 -15.50 -36.23
CA LYS F 144 -19.69 -16.48 -37.27
C LYS F 144 -21.03 -16.95 -37.72
N LEU F 145 -21.03 -17.22 -38.99
CA LEU F 145 -22.17 -17.71 -39.69
C LEU F 145 -21.64 -18.85 -40.55
N PHE F 146 -22.09 -20.06 -40.26
CA PHE F 146 -21.68 -21.28 -40.95
C PHE F 146 -22.81 -21.68 -41.86
N VAL F 147 -22.53 -21.66 -43.15
CA VAL F 147 -23.44 -22.13 -44.17
C VAL F 147 -23.27 -23.64 -44.14
N ARG F 148 -24.31 -24.32 -43.72
CA ARG F 148 -24.25 -25.78 -43.54
C ARG F 148 -25.18 -26.49 -44.53
N PRO F 149 -24.61 -26.99 -45.63
CA PRO F 149 -25.50 -27.57 -46.68
C PRO F 149 -26.25 -28.80 -46.14
N PRO F 150 -27.37 -29.17 -46.73
CA PRO F 150 -28.18 -30.25 -46.16
C PRO F 150 -27.47 -31.58 -46.04
N ALA F 151 -26.57 -31.84 -46.98
CA ALA F 151 -25.74 -33.06 -46.97
C ALA F 151 -24.79 -33.18 -45.76
N VAL F 152 -24.55 -32.08 -45.03
CA VAL F 152 -23.83 -32.12 -43.75
C VAL F 152 -24.81 -32.22 -42.57
N LYS F 153 -24.84 -33.37 -41.93
CA LYS F 153 -25.83 -33.74 -40.91
C LYS F 153 -25.19 -33.78 -39.53
N GLY F 154 -26.02 -33.61 -38.51
CA GLY F 154 -25.50 -33.59 -37.18
C GLY F 154 -24.77 -32.29 -36.86
N ARG F 155 -23.88 -32.40 -35.88
CA ARG F 155 -23.26 -31.28 -35.23
C ARG F 155 -21.77 -31.44 -35.25
N PRO F 156 -21.02 -30.32 -35.20
CA PRO F 156 -19.54 -30.55 -35.28
C PRO F 156 -19.03 -31.49 -34.15
N ASP F 157 -19.53 -31.18 -32.98
CA ASP F 157 -19.69 -31.98 -31.81
C ASP F 157 -19.71 -33.52 -31.89
N ASP F 158 -20.46 -34.06 -32.87
CA ASP F 158 -20.61 -35.51 -33.12
C ASP F 158 -19.42 -36.13 -33.85
N VAL F 159 -18.59 -35.27 -34.42
CA VAL F 159 -17.52 -35.81 -35.22
C VAL F 159 -16.13 -35.30 -34.89
N ALA F 160 -16.02 -34.25 -34.08
CA ALA F 160 -14.70 -33.67 -33.74
C ALA F 160 -13.64 -34.68 -33.19
N GLY F 161 -14.10 -35.74 -32.54
CA GLY F 161 -13.25 -36.90 -32.24
C GLY F 161 -12.44 -37.46 -33.42
N LYS F 162 -12.85 -37.29 -34.68
CA LYS F 162 -12.08 -37.87 -35.81
C LYS F 162 -10.83 -37.06 -36.11
N VAL F 163 -10.72 -35.89 -35.52
CA VAL F 163 -9.55 -35.09 -35.72
C VAL F 163 -8.29 -35.85 -35.35
N GLU F 164 -7.25 -35.69 -36.18
CA GLU F 164 -5.95 -36.32 -35.95
C GLU F 164 -4.83 -35.37 -35.63
N TRP F 165 -3.93 -35.85 -34.79
CA TRP F 165 -2.90 -35.01 -34.27
C TRP F 165 -1.55 -35.63 -34.60
N GLN F 166 -0.70 -34.82 -35.21
CA GLN F 166 0.64 -35.25 -35.58
C GLN F 166 1.70 -34.30 -35.09
N ARG F 167 2.87 -34.83 -34.72
CA ARG F 167 3.99 -33.93 -34.56
C ARG F 167 4.62 -33.58 -35.91
N ALA F 168 5.15 -32.37 -35.97
CA ALA F 168 5.62 -31.77 -37.21
C ALA F 168 6.75 -30.88 -36.72
N GLY F 169 7.78 -31.50 -36.13
CA GLY F 169 8.94 -30.77 -35.62
C GLY F 169 8.64 -29.88 -34.43
N ASN F 170 8.77 -28.57 -34.63
CA ASN F 170 8.41 -27.61 -33.58
C ASN F 170 6.93 -27.44 -33.41
N ARG F 171 6.15 -27.90 -34.42
CA ARG F 171 4.68 -27.67 -34.49
C ARG F 171 3.79 -28.92 -34.30
N LEU F 172 2.47 -28.72 -34.06
CA LEU F 172 1.51 -29.84 -33.89
C LEU F 172 0.67 -29.67 -35.09
N LYS F 173 0.33 -30.77 -35.70
CA LYS F 173 -0.59 -30.63 -36.79
C LYS F 173 -1.86 -31.40 -36.49
N GLY F 174 -2.98 -30.69 -36.66
CA GLY F 174 -4.30 -31.23 -36.43
C GLY F 174 -4.91 -31.42 -37.79
N VAL F 175 -5.22 -32.64 -38.19
CA VAL F 175 -5.81 -32.86 -39.52
C VAL F 175 -7.30 -33.19 -39.41
N ASN F 176 -8.12 -32.47 -40.17
CA ASN F 176 -9.56 -32.59 -39.98
C ASN F 176 -10.20 -33.31 -41.13
N PRO F 177 -10.72 -34.52 -40.91
CA PRO F 177 -11.29 -35.24 -42.08
C PRO F 177 -12.80 -35.13 -42.08
N THR F 178 -13.36 -34.09 -41.44
CA THR F 178 -14.82 -33.92 -41.35
C THR F 178 -15.20 -32.67 -42.11
N PRO F 179 -16.48 -32.53 -42.47
CA PRO F 179 -16.96 -31.29 -43.17
C PRO F 179 -17.21 -30.07 -42.34
N PHE F 180 -16.91 -30.13 -41.05
CA PHE F 180 -17.26 -29.02 -40.13
C PHE F 180 -16.02 -28.19 -39.83
N TYR F 181 -16.21 -26.89 -39.54
CA TYR F 181 -15.16 -26.17 -38.87
C TYR F 181 -15.03 -26.74 -37.44
N ILE F 182 -13.79 -26.90 -36.98
CA ILE F 182 -13.43 -27.37 -35.67
C ILE F 182 -12.93 -26.17 -34.86
N ASN F 183 -13.79 -25.65 -33.99
CA ASN F 183 -13.48 -24.52 -33.15
C ASN F 183 -13.14 -25.04 -31.82
N LEU F 184 -11.89 -24.91 -31.46
CA LEU F 184 -11.39 -25.54 -30.27
C LEU F 184 -11.69 -24.74 -29.02
N SER F 185 -12.12 -25.42 -27.96
CA SER F 185 -12.25 -24.78 -26.60
C SER F 185 -11.10 -25.11 -25.61
N THR F 186 -10.33 -26.12 -25.98
CA THR F 186 -9.41 -26.89 -25.12
C THR F 186 -8.47 -27.64 -26.06
N LEU F 187 -7.18 -27.71 -25.68
CA LEU F 187 -6.18 -28.48 -26.36
C LEU F 187 -4.96 -28.64 -25.47
N THR F 188 -4.73 -29.90 -25.11
CA THR F 188 -3.52 -30.32 -24.37
C THR F 188 -2.90 -31.51 -25.08
N VAL F 189 -1.57 -31.56 -24.99
CA VAL F 189 -0.78 -32.70 -25.35
C VAL F 189 -0.02 -33.11 -24.09
N GLY F 190 -0.27 -34.32 -23.61
CA GLY F 190 0.32 -34.82 -22.36
C GLY F 190 0.11 -33.84 -21.21
N GLY F 191 -1.05 -33.23 -21.14
CA GLY F 191 -1.42 -32.40 -20.03
C GLY F 191 -0.86 -31.01 -20.27
N LYS F 192 -0.19 -30.73 -21.40
CA LYS F 192 0.37 -29.32 -21.54
C LYS F 192 -0.51 -28.55 -22.51
N GLU F 193 -0.79 -27.31 -22.15
CA GLU F 193 -1.77 -26.58 -22.88
C GLU F 193 -1.25 -25.91 -24.16
N VAL F 194 -1.95 -26.06 -25.27
CA VAL F 194 -1.60 -25.36 -26.45
C VAL F 194 -2.54 -24.20 -26.44
N LYS F 195 -2.05 -23.00 -26.18
CA LYS F 195 -2.95 -21.84 -25.95
C LYS F 195 -3.39 -21.12 -27.23
N GLU F 196 -2.65 -21.32 -28.29
CA GLU F 196 -2.86 -20.56 -29.51
C GLU F 196 -3.50 -21.59 -30.44
N ARG F 197 -4.82 -21.74 -30.30
CA ARG F 197 -5.57 -22.89 -30.81
C ARG F 197 -6.82 -22.50 -31.69
N GLU F 198 -6.56 -21.69 -32.68
CA GLU F 198 -7.40 -21.35 -33.80
C GLU F 198 -8.00 -22.50 -34.58
N TYR F 199 -8.98 -22.19 -35.45
CA TYR F 199 -9.91 -23.18 -35.93
C TYR F 199 -9.38 -23.89 -37.10
N ILE F 200 -9.85 -25.14 -37.32
CA ILE F 200 -9.48 -25.91 -38.53
C ILE F 200 -10.72 -26.02 -39.44
N ALA F 201 -10.53 -25.59 -40.67
CA ALA F 201 -11.53 -25.54 -41.75
C ALA F 201 -11.85 -26.96 -42.16
N PRO F 202 -12.99 -27.16 -42.87
CA PRO F 202 -13.39 -28.50 -43.29
C PRO F 202 -12.36 -29.13 -44.23
N PHE F 203 -12.05 -30.40 -44.01
CA PHE F 203 -11.26 -31.24 -44.96
C PHE F 203 -9.87 -30.67 -45.13
N SER F 204 -9.27 -30.40 -44.00
CA SER F 204 -8.16 -29.46 -43.92
C SER F 204 -7.29 -29.76 -42.71
N SER F 205 -6.29 -28.90 -42.50
CA SER F 205 -5.16 -29.05 -41.52
C SER F 205 -4.80 -27.68 -41.05
N ARG F 206 -4.28 -27.57 -39.83
CA ARG F 206 -3.73 -26.35 -39.36
C ARG F 206 -2.60 -26.83 -38.44
N GLU F 207 -1.56 -26.04 -38.33
CA GLU F 207 -0.48 -26.32 -37.36
C GLU F 207 -0.50 -25.37 -36.16
N TYR F 208 0.04 -25.80 -35.03
CA TYR F 208 0.10 -24.96 -33.81
C TYR F 208 1.47 -25.09 -33.14
N PRO F 209 1.80 -24.20 -32.21
CA PRO F 209 3.06 -24.50 -31.44
C PRO F 209 2.91 -25.76 -30.58
N LEU F 210 3.90 -26.64 -30.58
CA LEU F 210 3.84 -27.86 -29.83
C LEU F 210 4.63 -27.58 -28.54
N PRO F 211 3.97 -27.78 -27.40
CA PRO F 211 4.70 -27.49 -26.15
C PRO F 211 5.99 -28.30 -25.96
N ALA F 212 7.11 -27.61 -25.74
CA ALA F 212 8.43 -28.29 -25.55
C ALA F 212 8.37 -29.63 -24.80
N GLY F 213 7.73 -29.68 -23.67
CA GLY F 213 7.67 -31.00 -23.07
C GLY F 213 7.20 -32.09 -24.06
N LYS F 217 -0.47 -38.34 -25.42
CA LYS F 217 -1.92 -38.23 -25.37
C LYS F 217 -2.45 -36.79 -25.59
N VAL F 218 -3.15 -36.60 -26.71
CA VAL F 218 -3.78 -35.30 -27.02
C VAL F 218 -5.21 -35.23 -26.50
N GLN F 219 -5.55 -34.15 -25.83
CA GLN F 219 -6.96 -33.99 -25.35
C GLN F 219 -7.58 -32.74 -25.83
N TRP F 220 -8.82 -32.81 -26.28
CA TRP F 220 -9.46 -31.60 -26.76
C TRP F 220 -10.95 -31.56 -26.60
N LYS F 221 -11.49 -30.33 -26.67
CA LYS F 221 -12.93 -30.03 -26.72
C LYS F 221 -13.30 -28.97 -27.77
N VAL F 222 -14.55 -28.97 -28.27
CA VAL F 222 -14.87 -27.93 -29.24
C VAL F 222 -15.93 -27.04 -28.74
N ILE F 223 -16.10 -25.89 -29.43
CA ILE F 223 -17.20 -24.99 -29.19
C ILE F 223 -18.36 -25.63 -29.91
N THR F 224 -19.52 -25.70 -29.25
CA THR F 224 -20.66 -26.39 -29.89
C THR F 224 -21.42 -25.32 -30.70
N ASP F 225 -22.43 -25.72 -31.42
CA ASP F 225 -23.29 -24.76 -32.14
C ASP F 225 -24.02 -23.81 -31.24
N TYR F 226 -24.12 -24.17 -29.97
CA TYR F 226 -24.87 -23.33 -29.06
C TYR F 226 -23.92 -22.50 -28.27
N GLY F 227 -22.63 -22.56 -28.59
CA GLY F 227 -21.62 -21.72 -27.88
C GLY F 227 -21.15 -22.21 -26.51
N GLY F 228 -21.38 -23.49 -26.22
CA GLY F 228 -20.93 -24.17 -25.00
C GLY F 228 -19.70 -25.01 -25.33
N THR F 229 -19.20 -25.74 -24.34
CA THR F 229 -17.97 -26.51 -24.46
C THR F 229 -18.35 -28.00 -24.54
N SER F 230 -17.88 -28.68 -25.58
CA SER F 230 -18.29 -30.07 -25.89
C SER F 230 -17.79 -31.05 -24.87
N LYS F 231 -18.15 -32.34 -25.02
CA LYS F 231 -17.48 -33.36 -24.17
C LYS F 231 -16.00 -33.44 -24.65
N GLN F 232 -15.18 -34.20 -23.92
CA GLN F 232 -13.81 -34.32 -24.23
C GLN F 232 -13.47 -35.45 -25.25
N PHE F 233 -12.64 -35.14 -26.24
CA PHE F 233 -12.00 -36.12 -27.10
C PHE F 233 -10.59 -36.38 -26.67
N GLU F 234 -10.14 -37.54 -27.12
CA GLU F 234 -8.86 -38.14 -26.75
C GLU F 234 -8.24 -38.96 -27.89
N ALA F 235 -6.96 -38.75 -28.14
CA ALA F 235 -6.22 -39.64 -29.05
C ALA F 235 -4.72 -39.49 -28.83
N GLU F 236 -3.97 -40.49 -29.16
CA GLU F 236 -2.54 -40.37 -29.09
C GLU F 236 -2.01 -39.62 -30.28
N LEU F 237 -0.98 -38.85 -30.01
CA LEU F 237 -0.10 -38.29 -30.99
C LEU F 237 0.77 -39.39 -31.67
N THR G 17 -16.40 6.02 -18.03
CA THR G 17 -15.62 7.10 -18.75
C THR G 17 -14.54 7.78 -17.90
N ASN G 18 -13.28 7.72 -18.30
CA ASN G 18 -12.24 8.34 -17.50
C ASN G 18 -11.25 9.07 -18.36
N ALA G 19 -11.14 10.36 -18.11
CA ALA G 19 -10.44 11.22 -19.04
C ALA G 19 -9.31 11.93 -18.33
N ARG G 20 -8.12 11.85 -18.91
CA ARG G 20 -7.03 12.54 -18.32
C ARG G 20 -6.15 13.21 -19.35
N VAL G 21 -5.65 14.38 -19.01
CA VAL G 21 -4.71 14.99 -19.92
C VAL G 21 -3.30 15.06 -19.33
N PHE G 22 -2.32 14.58 -20.08
CA PHE G 22 -0.93 14.63 -19.63
C PHE G 22 -0.12 15.69 -20.36
N SER G 23 -0.01 16.87 -19.77
CA SER G 23 0.65 18.00 -20.43
C SER G 23 1.64 18.66 -19.48
N LEU G 24 2.84 18.93 -20.00
CA LEU G 24 3.85 19.61 -19.21
C LEU G 24 3.77 21.16 -19.27
N HIS G 25 4.28 21.88 -18.26
CA HIS G 25 4.59 23.31 -18.47
C HIS G 25 6.11 23.48 -18.53
N LEU G 26 6.55 24.43 -19.33
CA LEU G 26 7.97 24.62 -19.49
C LEU G 26 8.42 25.81 -18.75
N GLY G 27 9.71 25.82 -18.37
CA GLY G 27 10.26 26.86 -17.54
C GLY G 27 10.65 28.10 -18.32
N ALA G 28 10.76 27.97 -19.63
CA ALA G 28 11.14 29.08 -20.52
C ALA G 28 10.50 28.78 -21.87
N THR G 29 10.55 29.76 -22.78
CA THR G 29 9.98 29.68 -24.13
C THR G 29 11.05 29.50 -25.15
N ARG G 30 12.30 29.65 -24.77
CA ARG G 30 13.35 29.27 -25.67
C ARG G 30 14.56 28.87 -24.82
N VAL G 31 15.53 28.15 -25.41
CA VAL G 31 16.77 27.87 -24.74
C VAL G 31 17.86 28.40 -25.63
N VAL G 32 18.80 29.12 -25.03
CA VAL G 32 19.96 29.61 -25.78
C VAL G 32 21.13 28.71 -25.42
N TYR G 33 21.69 28.03 -26.42
CA TYR G 33 22.68 27.00 -26.20
C TYR G 33 24.10 27.35 -26.74
N ASN G 34 25.07 27.29 -25.82
CA ASN G 34 26.42 27.58 -26.16
C ASN G 34 27.24 26.32 -26.62
N PRO G 35 27.50 26.19 -27.94
CA PRO G 35 28.22 24.99 -28.40
C PRO G 35 29.61 24.74 -27.78
N ALA G 36 30.30 25.77 -27.26
CA ALA G 36 31.61 25.60 -26.60
C ALA G 36 31.46 25.17 -25.13
N SER G 37 30.22 25.00 -24.67
CA SER G 37 30.01 24.73 -23.26
C SER G 37 29.45 23.33 -23.13
N SER G 38 29.02 22.98 -21.93
CA SER G 38 28.78 21.62 -21.60
C SER G 38 27.34 21.25 -21.64
N GLY G 39 26.47 22.22 -21.91
CA GLY G 39 25.01 21.96 -21.86
C GLY G 39 24.18 23.03 -21.16
N GLU G 40 22.87 22.87 -21.17
CA GLU G 40 21.92 23.84 -20.64
C GLU G 40 20.84 23.12 -19.87
N THR G 41 20.19 23.80 -18.94
CA THR G 41 19.07 23.17 -18.25
C THR G 41 17.72 23.79 -18.58
N LEU G 42 16.67 22.97 -18.53
CA LEU G 42 15.31 23.42 -18.72
C LEU G 42 14.50 22.82 -17.58
N THR G 43 13.73 23.66 -16.92
CA THR G 43 12.83 23.13 -15.88
C THR G 43 11.55 22.65 -16.57
N VAL G 44 11.03 21.50 -16.20
CA VAL G 44 9.68 21.10 -16.57
C VAL G 44 8.74 20.96 -15.36
N ILE G 45 7.51 21.42 -15.52
CA ILE G 45 6.53 21.43 -14.46
C ILE G 45 5.18 20.75 -14.76
N ASN G 46 4.92 19.65 -14.07
CA ASN G 46 3.61 19.06 -13.94
C ASN G 46 2.61 19.83 -12.97
N ASP G 47 1.71 20.65 -13.51
CA ASP G 47 0.71 21.33 -12.70
C ASP G 47 -0.44 20.44 -12.28
N GLN G 48 -0.61 19.30 -12.95
CA GLN G 48 -1.85 18.57 -12.83
C GLN G 48 -1.82 17.89 -11.45
N ASP G 49 -2.82 17.12 -11.10
CA ASP G 49 -2.87 16.68 -9.71
C ASP G 49 -2.45 15.23 -9.50
N TYR G 50 -1.82 14.66 -10.52
CA TYR G 50 -1.55 13.23 -10.61
C TYR G 50 -0.20 13.04 -11.37
N PRO G 51 0.45 11.88 -11.19
CA PRO G 51 1.70 11.51 -11.89
C PRO G 51 1.69 11.47 -13.45
N MSE G 52 2.83 11.76 -14.09
CA MSE G 52 3.03 11.55 -15.53
C MSE G 52 4.44 11.09 -15.79
O MSE G 52 5.39 11.50 -15.09
CB MSE G 52 2.99 12.85 -16.32
CG MSE G 52 1.83 13.75 -16.18
SE MSE G 52 2.37 15.31 -17.25
CE MSE G 52 4.09 15.63 -16.41
N LEU G 53 4.60 10.31 -16.86
CA LEU G 53 5.91 10.14 -17.49
C LEU G 53 6.27 11.35 -18.39
N VAL G 54 7.53 11.81 -18.35
CA VAL G 54 7.98 12.89 -19.21
C VAL G 54 9.04 12.39 -20.21
N GLN G 55 8.71 12.45 -21.49
CA GLN G 55 9.58 12.01 -22.55
C GLN G 55 10.13 13.23 -23.31
N SER G 56 11.43 13.22 -23.63
CA SER G 56 12.10 14.36 -24.20
C SER G 56 12.96 14.06 -25.40
N GLU G 57 13.06 15.02 -26.29
CA GLU G 57 13.86 14.80 -27.46
C GLU G 57 14.20 16.13 -28.14
N VAL G 58 15.37 16.16 -28.77
CA VAL G 58 15.70 17.30 -29.60
C VAL G 58 15.49 16.97 -31.09
N LEU G 59 14.70 17.79 -31.77
CA LEU G 59 14.61 17.67 -33.25
C LEU G 59 15.31 18.76 -34.09
N SER G 60 15.60 18.37 -35.32
CA SER G 60 16.01 19.31 -36.38
C SER G 60 15.01 20.45 -36.55
N GLU G 61 15.42 21.51 -37.23
CA GLU G 61 14.54 22.65 -37.44
C GLU G 61 13.12 22.34 -37.93
N ASP G 62 12.92 21.28 -38.69
CA ASP G 62 11.58 21.05 -39.24
C ASP G 62 10.79 20.08 -38.40
N GLN G 63 11.24 19.85 -37.17
CA GLN G 63 10.63 18.88 -36.26
C GLN G 63 10.45 17.45 -36.80
N LYS G 64 11.34 16.97 -37.69
CA LYS G 64 11.22 15.63 -38.34
C LYS G 64 12.33 14.60 -38.00
N SER G 65 13.58 14.98 -38.25
CA SER G 65 14.75 14.18 -37.89
C SER G 65 15.21 14.27 -36.41
N PRO G 66 16.11 13.34 -36.00
CA PRO G 66 16.74 13.51 -34.68
C PRO G 66 17.76 14.60 -34.82
N ALA G 67 18.02 15.29 -33.70
CA ALA G 67 19.07 16.29 -33.59
C ALA G 67 20.18 15.71 -32.72
N PRO G 68 21.42 16.22 -32.82
CA PRO G 68 22.55 15.57 -32.12
C PRO G 68 22.70 16.04 -30.69
N PHE G 69 21.72 15.68 -29.85
CA PHE G 69 21.66 16.13 -28.50
C PHE G 69 21.00 15.06 -27.67
N VAL G 70 21.37 14.93 -26.38
CA VAL G 70 20.56 14.11 -25.47
C VAL G 70 19.89 15.00 -24.39
N VAL G 71 18.76 14.51 -23.91
CA VAL G 71 18.10 15.12 -22.78
C VAL G 71 18.19 14.10 -21.66
N THR G 72 18.63 14.58 -20.50
CA THR G 72 18.79 13.73 -19.35
C THR G 72 17.99 14.30 -18.23
N PRO G 73 17.15 13.44 -17.59
CA PRO G 73 16.89 12.02 -18.01
C PRO G 73 15.84 11.93 -19.14
N PRO G 74 16.01 11.00 -20.11
CA PRO G 74 15.12 11.01 -21.34
C PRO G 74 13.65 10.54 -21.18
N LEU G 75 13.34 9.90 -20.04
CA LEU G 75 11.99 9.40 -19.78
C LEU G 75 11.92 8.99 -18.34
N PHE G 76 11.08 9.68 -17.58
CA PHE G 76 11.12 9.59 -16.12
C PHE G 76 9.75 10.03 -15.57
N ARG G 77 9.47 9.75 -14.31
CA ARG G 77 8.17 9.98 -13.75
C ARG G 77 8.20 11.25 -12.93
N LEU G 78 7.11 12.02 -12.97
CA LEU G 78 6.98 13.31 -12.25
C LEU G 78 5.64 13.37 -11.56
N ASP G 79 5.70 13.38 -10.24
CA ASP G 79 4.50 13.41 -9.46
C ASP G 79 3.78 14.73 -9.63
N GLY G 80 2.45 14.66 -9.53
CA GLY G 80 1.61 15.82 -9.56
C GLY G 80 2.20 16.89 -8.68
N GLN G 81 2.11 18.14 -9.13
CA GLN G 81 2.55 19.31 -8.38
C GLN G 81 4.05 19.41 -8.15
N GLN G 82 4.84 18.78 -9.04
CA GLN G 82 6.31 18.74 -8.91
C GLN G 82 7.00 19.31 -10.15
N SER G 83 8.29 19.62 -10.00
CA SER G 83 9.15 20.11 -11.10
C SER G 83 10.47 19.34 -11.14
N SER G 84 11.14 19.32 -12.29
CA SER G 84 12.44 18.66 -12.43
C SER G 84 13.31 19.44 -13.41
N ARG G 85 14.63 19.46 -13.24
CA ARG G 85 15.54 20.12 -14.20
C ARG G 85 15.99 19.05 -15.20
N LEU G 86 15.89 19.32 -16.50
CA LEU G 86 16.36 18.44 -17.53
C LEU G 86 17.68 18.92 -18.05
N ARG G 87 18.48 17.99 -18.54
CA ARG G 87 19.81 18.34 -19.02
C ARG G 87 19.89 18.07 -20.50
N ILE G 88 20.11 19.14 -21.23
CA ILE G 88 20.24 19.11 -22.68
C ILE G 88 21.71 19.28 -23.05
N VAL G 89 22.28 18.26 -23.68
CA VAL G 89 23.68 18.20 -23.93
C VAL G 89 23.88 17.83 -25.40
N ARG G 90 24.68 18.64 -26.06
CA ARG G 90 25.05 18.38 -27.39
C ARG G 90 26.00 17.21 -27.40
N THR G 91 25.76 16.30 -28.33
CA THR G 91 26.41 15.03 -28.39
C THR G 91 27.20 14.90 -29.66
N GLY G 92 27.00 15.84 -30.58
CA GLY G 92 27.58 15.72 -31.91
C GLY G 92 27.18 16.83 -32.88
N GLY G 93 27.29 16.54 -34.17
CA GLY G 93 26.92 17.50 -35.19
C GLY G 93 27.89 18.65 -35.39
N GLU G 94 27.59 19.43 -36.43
CA GLU G 94 28.52 20.40 -36.98
C GLU G 94 27.75 21.72 -37.20
N PHE G 95 27.91 22.68 -36.29
CA PHE G 95 27.10 23.88 -36.36
C PHE G 95 27.98 24.98 -36.83
N PRO G 96 27.49 25.82 -37.75
CA PRO G 96 28.31 26.95 -38.19
C PRO G 96 28.83 27.86 -37.04
N PRO G 97 29.96 28.54 -37.23
CA PRO G 97 30.48 29.29 -36.04
C PRO G 97 30.16 30.79 -35.98
N ASP G 98 29.53 31.30 -37.02
CA ASP G 98 29.33 32.75 -37.18
C ASP G 98 27.86 33.12 -37.17
N ARG G 99 27.00 32.20 -36.77
CA ARG G 99 25.56 32.47 -36.80
C ARG G 99 24.81 31.46 -35.93
N GLU G 100 23.63 31.77 -35.46
CA GLU G 100 22.81 30.78 -34.78
C GLU G 100 22.30 29.69 -35.75
N SER G 101 21.86 28.58 -35.20
CA SER G 101 21.14 27.53 -35.90
C SER G 101 19.95 27.14 -34.97
N LEU G 102 18.78 26.94 -35.54
CA LEU G 102 17.63 26.63 -34.74
C LEU G 102 17.47 25.12 -34.59
N GLN G 103 17.18 24.68 -33.40
CA GLN G 103 16.61 23.37 -33.27
C GLN G 103 15.42 23.39 -32.33
N TRP G 104 14.82 22.21 -32.14
CA TRP G 104 13.65 22.12 -31.26
C TRP G 104 13.73 21.15 -30.10
N ILE G 105 13.34 21.63 -28.92
CA ILE G 105 13.16 20.74 -27.79
C ILE G 105 11.71 20.39 -27.62
N CYS G 106 11.44 19.10 -27.61
CA CYS G 106 10.08 18.58 -27.44
C CYS G 106 9.94 17.73 -26.19
N VAL G 107 8.86 17.96 -25.49
CA VAL G 107 8.67 17.39 -24.17
C VAL G 107 7.19 16.99 -24.09
N LYS G 108 6.96 15.70 -23.97
CA LYS G 108 5.62 15.17 -24.03
C LYS G 108 5.33 14.50 -22.72
N GLY G 109 4.22 14.93 -22.14
CA GLY G 109 3.58 14.21 -21.07
C GLY G 109 2.89 12.92 -21.50
N ILE G 110 3.30 11.79 -20.92
CA ILE G 110 2.63 10.55 -21.21
C ILE G 110 2.17 9.80 -19.95
N PRO G 111 1.12 8.94 -20.10
CA PRO G 111 0.52 8.27 -18.95
C PRO G 111 1.46 7.29 -18.29
N PRO G 112 1.57 7.37 -16.96
CA PRO G 112 2.30 6.34 -16.14
C PRO G 112 1.76 4.91 -16.30
N VAL G 131 -17.61 -2.42 -17.36
CA VAL G 131 -17.44 -1.82 -18.73
C VAL G 131 -16.92 -0.30 -18.89
N SER G 132 -15.61 -0.11 -19.08
CA SER G 132 -14.95 1.22 -18.98
C SER G 132 -14.42 1.79 -20.27
N LEU G 133 -14.58 3.10 -20.42
CA LEU G 133 -13.92 3.86 -21.45
C LEU G 133 -12.87 4.77 -20.84
N ASN G 134 -11.61 4.57 -21.20
CA ASN G 134 -10.55 5.48 -20.69
C ASN G 134 -9.96 6.29 -21.85
N VAL G 135 -9.78 7.58 -21.62
CA VAL G 135 -9.32 8.46 -22.64
C VAL G 135 -8.11 9.19 -22.14
N GLN G 136 -7.11 9.22 -22.99
CA GLN G 136 -5.82 9.73 -22.64
C GLN G 136 -5.36 10.62 -23.73
N LEU G 137 -5.11 11.87 -23.36
CA LEU G 137 -4.64 12.85 -24.31
C LEU G 137 -3.19 13.16 -23.92
N SER G 138 -2.24 12.95 -24.82
CA SER G 138 -0.78 13.17 -24.46
C SER G 138 -0.29 14.38 -25.16
N VAL G 139 0.10 15.42 -24.43
CA VAL G 139 0.50 16.61 -25.13
C VAL G 139 1.99 16.89 -25.16
N SER G 140 2.43 17.20 -26.39
CA SER G 140 3.74 17.70 -26.71
C SER G 140 3.87 19.23 -26.57
N SER G 141 4.92 19.67 -25.91
CA SER G 141 5.24 21.06 -25.86
C SER G 141 6.64 21.23 -26.52
N CYS G 142 6.73 22.00 -27.61
CA CYS G 142 7.97 22.19 -28.26
C CYS G 142 8.43 23.62 -28.16
N ILE G 143 9.73 23.78 -27.97
CA ILE G 143 10.29 25.08 -27.71
C ILE G 143 11.53 25.25 -28.54
N LYS G 144 11.86 26.48 -28.90
CA LYS G 144 13.03 26.70 -29.72
C LYS G 144 14.40 26.56 -29.00
N LEU G 145 15.36 25.94 -29.66
CA LEU G 145 16.73 25.84 -29.13
C LEU G 145 17.66 26.58 -30.06
N PHE G 146 18.34 27.58 -29.55
CA PHE G 146 19.24 28.33 -30.42
C PHE G 146 20.66 27.98 -30.11
N VAL G 147 21.31 27.35 -31.08
CA VAL G 147 22.70 27.13 -30.98
C VAL G 147 23.41 28.43 -31.36
N ARG G 148 23.96 29.15 -30.39
CA ARG G 148 24.64 30.46 -30.58
C ARG G 148 26.20 30.36 -30.37
N PRO G 149 26.99 30.11 -31.44
CA PRO G 149 28.45 30.02 -31.17
C PRO G 149 28.92 31.28 -30.49
N PRO G 150 30.00 31.21 -29.72
CA PRO G 150 30.59 32.41 -29.04
C PRO G 150 31.04 33.54 -29.94
N ALA G 151 31.29 33.30 -31.20
CA ALA G 151 31.64 34.43 -32.06
C ALA G 151 30.42 35.38 -32.33
N VAL G 152 29.22 34.93 -31.92
CA VAL G 152 28.02 35.76 -32.07
C VAL G 152 27.82 36.50 -30.77
N LYS G 153 28.01 37.81 -30.81
CA LYS G 153 27.96 38.64 -29.60
C LYS G 153 26.63 39.42 -29.48
N GLY G 154 26.21 39.70 -28.24
CA GLY G 154 25.00 40.45 -27.92
C GLY G 154 23.74 39.59 -27.90
N ARG G 155 22.58 40.23 -27.97
CA ARG G 155 21.33 39.51 -27.97
C ARG G 155 20.57 39.97 -29.20
N PRO G 156 19.63 39.16 -29.68
CA PRO G 156 19.07 39.50 -30.99
C PRO G 156 18.37 40.87 -31.00
N ASP G 157 17.75 41.15 -29.86
CA ASP G 157 17.25 42.40 -29.33
C ASP G 157 18.11 43.63 -29.76
N ASP G 158 19.43 43.48 -29.74
CA ASP G 158 20.34 44.62 -30.00
C ASP G 158 20.41 44.98 -31.47
N VAL G 159 20.07 44.06 -32.35
CA VAL G 159 20.31 44.39 -33.75
C VAL G 159 19.13 44.08 -34.63
N ALA G 160 18.00 43.72 -34.08
CA ALA G 160 16.87 43.40 -34.95
C ALA G 160 16.31 44.58 -35.82
N GLY G 161 16.80 45.79 -35.57
CA GLY G 161 16.47 47.03 -36.34
C GLY G 161 17.20 47.16 -37.66
N LYS G 162 18.21 46.30 -37.83
CA LYS G 162 18.98 46.18 -39.05
C LYS G 162 18.18 45.55 -40.19
N VAL G 163 17.10 44.87 -39.84
CA VAL G 163 16.22 44.17 -40.82
C VAL G 163 15.66 45.08 -41.94
N GLU G 164 15.72 44.62 -43.18
CA GLU G 164 15.34 45.47 -44.28
C GLU G 164 14.09 44.95 -44.93
N TRP G 165 13.22 45.89 -45.24
CA TRP G 165 11.93 45.58 -45.78
C TRP G 165 11.86 46.09 -47.22
N GLN G 166 11.45 45.22 -48.14
CA GLN G 166 11.29 45.67 -49.54
C GLN G 166 10.20 44.88 -50.18
N ARG G 167 9.55 45.47 -51.18
CA ARG G 167 8.71 44.70 -52.14
C ARG G 167 9.49 43.66 -52.92
N ALA G 168 8.97 42.46 -53.03
CA ALA G 168 9.41 41.47 -53.98
C ALA G 168 8.23 41.18 -54.86
N GLY G 169 8.13 41.78 -56.02
CA GLY G 169 6.89 41.68 -56.80
C GLY G 169 5.74 42.21 -55.96
N ASN G 170 4.69 41.39 -55.77
CA ASN G 170 3.44 41.72 -55.04
C ASN G 170 3.55 41.31 -53.60
N ARG G 171 4.77 41.05 -53.17
CA ARG G 171 4.99 40.52 -51.86
C ARG G 171 5.97 41.37 -51.04
N LEU G 172 6.09 41.09 -49.76
CA LEU G 172 6.99 41.73 -48.83
C LEU G 172 8.10 40.77 -48.48
N LYS G 173 9.33 41.28 -48.50
CA LYS G 173 10.49 40.53 -48.15
C LYS G 173 11.19 41.28 -47.00
N GLY G 174 11.48 40.56 -45.92
CA GLY G 174 12.36 41.11 -44.92
C GLY G 174 13.73 40.45 -45.11
N VAL G 175 14.77 41.25 -45.15
CA VAL G 175 16.09 40.69 -45.25
C VAL G 175 16.94 40.92 -43.98
N ASN G 176 17.51 39.83 -43.49
CA ASN G 176 18.19 39.85 -42.22
C ASN G 176 19.68 39.84 -42.40
N PRO G 177 20.35 40.99 -42.24
CA PRO G 177 21.80 40.95 -42.42
C PRO G 177 22.47 40.54 -41.10
N THR G 178 21.73 40.22 -40.01
CA THR G 178 22.37 39.77 -38.73
C THR G 178 22.63 38.27 -38.59
N PRO G 179 23.38 37.90 -37.54
CA PRO G 179 23.58 36.48 -37.28
C PRO G 179 22.51 35.79 -36.49
N PHE G 180 21.41 36.46 -36.22
CA PHE G 180 20.45 35.95 -35.24
C PHE G 180 19.20 35.54 -35.95
N TYR G 181 18.44 34.60 -35.38
CA TYR G 181 17.06 34.38 -35.88
C TYR G 181 16.24 35.59 -35.52
N ILE G 182 15.38 36.03 -36.41
CA ILE G 182 14.53 37.14 -36.14
C ILE G 182 13.14 36.63 -35.86
N ASN G 183 12.76 36.55 -34.60
CA ASN G 183 11.48 36.03 -34.11
C ASN G 183 10.51 37.15 -33.91
N LEU G 184 9.66 37.36 -34.90
CA LEU G 184 8.71 38.44 -34.97
C LEU G 184 7.58 38.26 -33.99
N SER G 185 7.38 39.26 -33.13
CA SER G 185 6.20 39.30 -32.29
C SER G 185 5.08 39.99 -33.02
N THR G 186 5.46 41.01 -33.77
CA THR G 186 4.53 41.90 -34.45
C THR G 186 5.15 42.40 -35.74
N LEU G 187 4.30 42.57 -36.72
CA LEU G 187 4.78 43.04 -38.04
C LEU G 187 3.66 43.73 -38.77
N THR G 188 3.87 44.99 -39.12
CA THR G 188 2.82 45.79 -39.75
C THR G 188 3.44 46.58 -40.84
N VAL G 189 2.59 46.93 -41.80
CA VAL G 189 2.96 47.87 -42.83
C VAL G 189 1.83 48.86 -42.96
N GLY G 190 2.18 50.14 -42.89
CA GLY G 190 1.20 51.21 -42.78
C GLY G 190 0.08 50.96 -41.81
N GLY G 191 0.35 50.39 -40.64
CA GLY G 191 -0.73 50.15 -39.69
C GLY G 191 -1.36 48.76 -39.77
N LYS G 192 -1.25 48.09 -40.92
CA LYS G 192 -1.91 46.78 -41.07
C LYS G 192 -1.05 45.55 -40.78
N GLU G 193 -1.65 44.56 -40.11
CA GLU G 193 -0.97 43.33 -39.68
C GLU G 193 -0.59 42.44 -40.84
N VAL G 194 0.69 42.13 -40.94
CA VAL G 194 1.11 41.19 -41.93
C VAL G 194 0.81 39.79 -41.39
N LYS G 195 0.19 38.98 -42.21
CA LYS G 195 -0.06 37.61 -41.86
C LYS G 195 1.14 36.67 -42.25
N GLU G 196 1.04 35.38 -41.82
CA GLU G 196 2.07 34.37 -41.99
C GLU G 196 3.43 34.87 -41.47
N ARG G 197 3.40 35.39 -40.25
CA ARG G 197 4.57 35.97 -39.61
C ARG G 197 5.71 35.05 -39.14
N GLU G 198 6.31 34.38 -40.10
CA GLU G 198 7.39 33.39 -39.84
C GLU G 198 8.72 34.07 -39.47
N TYR G 199 9.63 33.37 -38.80
CA TYR G 199 10.92 33.99 -38.43
C TYR G 199 11.83 34.12 -39.64
N ILE G 200 12.88 34.90 -39.51
CA ILE G 200 13.84 35.06 -40.58
C ILE G 200 15.12 34.53 -40.01
N ALA G 201 15.70 33.59 -40.71
CA ALA G 201 16.93 32.91 -40.31
C ALA G 201 18.13 33.84 -40.46
N PRO G 202 19.30 33.43 -39.90
CA PRO G 202 20.49 34.29 -40.06
C PRO G 202 20.94 34.48 -41.51
N PHE G 203 21.31 35.70 -41.86
CA PHE G 203 21.90 36.04 -43.15
C PHE G 203 21.00 35.53 -44.23
N SER G 204 19.74 35.91 -44.14
CA SER G 204 18.70 35.24 -44.89
C SER G 204 17.48 36.15 -45.00
N SER G 205 16.46 35.69 -45.71
CA SER G 205 15.28 36.49 -45.98
C SER G 205 14.00 35.67 -45.89
N ARG G 206 12.85 36.30 -45.76
CA ARG G 206 11.60 35.59 -45.67
C ARG G 206 10.62 36.47 -46.38
N GLU G 207 9.77 35.86 -47.20
CA GLU G 207 8.67 36.59 -47.80
C GLU G 207 7.35 36.47 -47.04
N TYR G 208 6.45 37.38 -47.32
CA TYR G 208 5.20 37.48 -46.57
C TYR G 208 4.12 38.12 -47.45
N PRO G 209 2.86 37.63 -47.32
CA PRO G 209 1.86 38.24 -48.19
C PRO G 209 1.61 39.70 -47.74
N LEU G 210 1.59 40.58 -48.72
CA LEU G 210 1.44 41.99 -48.47
C LEU G 210 -0.05 42.21 -48.51
N PRO G 211 -0.62 42.61 -47.36
CA PRO G 211 -2.08 42.81 -47.26
C PRO G 211 -2.55 43.73 -48.36
N ALA G 212 -3.82 43.58 -48.71
CA ALA G 212 -4.47 44.40 -49.77
C ALA G 212 -4.02 45.89 -49.82
N GLY G 213 -3.30 46.23 -50.91
CA GLY G 213 -2.76 47.58 -51.13
C GLY G 213 -1.67 47.98 -50.13
N LYS G 217 5.04 52.64 -43.95
CA LYS G 217 5.86 52.41 -42.71
C LYS G 217 5.67 50.99 -42.14
N VAL G 218 6.78 50.23 -42.26
CA VAL G 218 6.91 48.91 -41.73
C VAL G 218 7.29 49.03 -40.30
N GLN G 219 6.49 48.45 -39.40
CA GLN G 219 6.88 48.41 -37.98
C GLN G 219 6.90 47.01 -37.44
N TRP G 220 7.91 46.68 -36.63
CA TRP G 220 8.01 45.39 -36.03
C TRP G 220 8.68 45.35 -34.63
N LYS G 221 8.35 44.31 -33.86
CA LYS G 221 9.10 43.97 -32.64
C LYS G 221 9.53 42.51 -32.68
N VAL G 222 10.56 42.10 -31.92
CA VAL G 222 10.88 40.63 -31.72
C VAL G 222 10.72 40.07 -30.28
N ILE G 223 10.64 38.75 -30.14
CA ILE G 223 10.66 38.05 -28.87
C ILE G 223 12.09 38.11 -28.41
N THR G 224 12.31 38.41 -27.12
CA THR G 224 13.68 38.51 -26.60
C THR G 224 14.18 37.14 -26.20
N ASP G 225 15.45 37.05 -25.79
CA ASP G 225 16.00 35.83 -25.14
C ASP G 225 15.20 35.39 -23.94
N TYR G 226 14.52 36.31 -23.27
CA TYR G 226 13.75 35.95 -22.04
C TYR G 226 12.26 35.74 -22.28
N GLY G 227 11.82 35.82 -23.51
CA GLY G 227 10.40 35.68 -23.77
C GLY G 227 9.58 36.95 -23.74
N GLY G 228 10.19 38.11 -23.41
CA GLY G 228 9.50 39.41 -23.49
C GLY G 228 9.51 39.98 -24.91
N THR G 229 9.15 41.27 -25.02
CA THR G 229 9.07 41.98 -26.26
C THR G 229 10.21 43.02 -26.44
N SER G 230 10.66 43.22 -27.67
CA SER G 230 11.64 44.26 -27.91
C SER G 230 10.96 45.61 -27.95
N LYS G 231 11.73 46.68 -27.85
CA LYS G 231 11.33 47.98 -28.40
C LYS G 231 10.73 47.85 -29.84
N GLN G 232 9.94 48.85 -30.20
CA GLN G 232 9.39 48.95 -31.53
C GLN G 232 10.48 49.36 -32.53
N PHE G 233 10.79 48.54 -33.54
CA PHE G 233 11.60 49.02 -34.70
C PHE G 233 10.77 49.64 -35.85
N GLU G 234 11.41 50.22 -36.88
CA GLU G 234 10.72 51.10 -37.86
C GLU G 234 11.52 51.29 -39.16
N ALA G 235 10.89 51.26 -40.32
CA ALA G 235 11.65 51.49 -41.57
C ALA G 235 10.73 51.78 -42.73
N GLU G 236 11.26 52.22 -43.87
CA GLU G 236 10.39 52.33 -44.98
C GLU G 236 10.63 51.20 -45.92
N LEU G 237 9.55 50.81 -46.61
CA LEU G 237 9.53 50.01 -47.82
C LEU G 237 10.31 50.58 -49.00
N GLU H 16 -3.39 13.30 -33.84
CA GLU H 16 -3.24 11.79 -33.91
C GLU H 16 -4.21 11.05 -32.95
N THR H 17 -4.79 9.95 -33.43
CA THR H 17 -6.02 9.47 -32.82
C THR H 17 -6.10 7.97 -32.85
N ASN H 18 -6.00 7.26 -31.71
CA ASN H 18 -6.03 5.78 -31.67
C ASN H 18 -7.12 5.25 -30.75
N ALA H 19 -7.65 4.08 -31.09
CA ALA H 19 -8.59 3.40 -30.25
C ALA H 19 -8.49 1.88 -30.34
N ARG H 20 -8.72 1.22 -29.21
CA ARG H 20 -8.61 -0.22 -29.09
C ARG H 20 -9.64 -0.79 -28.10
N VAL H 21 -10.31 -1.85 -28.49
CA VAL H 21 -11.28 -2.42 -27.58
C VAL H 21 -10.71 -3.67 -26.98
N PHE H 22 -10.83 -3.78 -25.67
CA PHE H 22 -10.37 -4.99 -24.99
C PHE H 22 -11.56 -5.88 -24.55
N SER H 23 -11.94 -6.81 -25.41
CA SER H 23 -13.01 -7.72 -25.08
C SER H 23 -12.60 -9.11 -25.42
N LEU H 24 -13.21 -10.04 -24.70
CA LEU H 24 -12.92 -11.45 -24.87
C LEU H 24 -14.13 -12.32 -25.09
N HIS H 25 -13.94 -13.60 -25.40
CA HIS H 25 -15.09 -14.45 -25.62
C HIS H 25 -14.92 -15.58 -24.62
N LEU H 26 -16.02 -16.27 -24.31
CA LEU H 26 -16.05 -17.37 -23.37
C LEU H 26 -16.40 -18.68 -24.00
N GLY H 27 -16.01 -19.80 -23.38
CA GLY H 27 -16.30 -21.13 -23.92
C GLY H 27 -17.67 -21.57 -23.46
N ALA H 28 -18.42 -20.67 -22.85
CA ALA H 28 -19.83 -20.99 -22.68
C ALA H 28 -20.67 -19.77 -22.42
N THR H 29 -21.99 -19.99 -22.50
CA THR H 29 -22.97 -18.96 -22.27
C THR H 29 -23.59 -19.00 -20.86
N ARG H 30 -23.29 -20.04 -20.06
CA ARG H 30 -23.70 -20.20 -18.66
C ARG H 30 -22.92 -21.38 -18.03
N VAL H 31 -22.96 -21.47 -16.70
CA VAL H 31 -22.27 -22.55 -16.00
C VAL H 31 -23.17 -23.08 -14.93
N VAL H 32 -23.40 -24.40 -14.94
CA VAL H 32 -24.12 -25.08 -13.91
C VAL H 32 -23.07 -25.53 -12.91
N TYR H 33 -23.29 -25.22 -11.64
CA TYR H 33 -22.30 -25.40 -10.60
C TYR H 33 -22.93 -26.26 -9.54
N ASN H 34 -22.24 -27.34 -9.24
CA ASN H 34 -22.62 -28.30 -8.25
C ASN H 34 -21.87 -27.97 -6.96
N PRO H 35 -22.58 -27.45 -5.97
CA PRO H 35 -21.89 -27.04 -4.74
C PRO H 35 -21.37 -28.25 -3.94
N ALA H 36 -21.77 -29.45 -4.30
CA ALA H 36 -21.20 -30.57 -3.60
C ALA H 36 -19.87 -30.95 -4.22
N SER H 37 -19.34 -30.18 -5.19
CA SER H 37 -18.21 -30.68 -5.98
C SER H 37 -17.06 -29.71 -5.83
N SER H 38 -15.97 -29.91 -6.55
CA SER H 38 -14.81 -29.08 -6.27
C SER H 38 -14.68 -27.83 -7.17
N GLY H 39 -15.58 -27.60 -8.14
CA GLY H 39 -15.47 -26.41 -9.02
C GLY H 39 -15.76 -26.69 -10.49
N GLU H 40 -15.78 -25.63 -11.30
CA GLU H 40 -15.99 -25.70 -12.77
C GLU H 40 -14.91 -24.88 -13.46
N THR H 41 -14.63 -25.20 -14.72
CA THR H 41 -13.60 -24.48 -15.51
C THR H 41 -14.29 -23.93 -16.76
N LEU H 42 -13.81 -22.79 -17.22
CA LEU H 42 -14.46 -22.01 -18.24
C LEU H 42 -13.35 -21.52 -19.08
N THR H 43 -13.43 -21.83 -20.36
CA THR H 43 -12.47 -21.26 -21.26
C THR H 43 -12.70 -19.75 -21.49
N VAL H 44 -11.60 -19.02 -21.64
CA VAL H 44 -11.63 -17.63 -22.08
C VAL H 44 -10.64 -17.43 -23.26
N ILE H 45 -11.05 -16.59 -24.22
CA ILE H 45 -10.44 -16.48 -25.53
C ILE H 45 -10.26 -15.01 -25.92
N ASN H 46 -9.02 -14.62 -26.21
CA ASN H 46 -8.71 -13.35 -26.85
C ASN H 46 -8.92 -13.44 -28.37
N ASP H 47 -9.96 -12.82 -28.87
CA ASP H 47 -10.31 -12.82 -30.32
C ASP H 47 -9.49 -11.77 -31.11
N GLN H 48 -8.72 -10.96 -30.38
CA GLN H 48 -8.06 -9.80 -30.95
C GLN H 48 -6.60 -10.11 -31.26
N ASP H 49 -5.97 -9.20 -31.99
CA ASP H 49 -4.59 -9.40 -32.39
C ASP H 49 -3.47 -8.96 -31.42
N TYR H 50 -3.83 -8.33 -30.32
CA TYR H 50 -2.84 -7.73 -29.34
C TYR H 50 -3.18 -8.30 -27.92
N PRO H 51 -2.23 -8.33 -27.01
CA PRO H 51 -2.46 -8.94 -25.71
C PRO H 51 -3.38 -8.11 -24.87
N MSE H 52 -3.82 -8.66 -23.75
CA MSE H 52 -4.69 -7.96 -22.78
C MSE H 52 -4.68 -8.74 -21.46
O MSE H 52 -4.26 -9.91 -21.40
CB MSE H 52 -6.13 -7.80 -23.30
CG MSE H 52 -7.00 -9.10 -23.18
SE MSE H 52 -8.68 -8.99 -24.21
CE MSE H 52 -9.58 -8.11 -22.80
N LEU H 53 -5.14 -8.07 -20.43
CA LEU H 53 -5.23 -8.70 -19.14
C LEU H 53 -6.67 -9.13 -18.99
N VAL H 54 -6.85 -10.22 -18.24
CA VAL H 54 -8.14 -10.85 -17.99
C VAL H 54 -8.37 -10.79 -16.47
N GLN H 55 -9.39 -10.08 -16.07
CA GLN H 55 -9.78 -9.95 -14.71
C GLN H 55 -11.18 -10.59 -14.54
N SER H 56 -11.38 -11.34 -13.47
CA SER H 56 -12.49 -12.23 -13.41
C SER H 56 -13.11 -12.22 -12.01
N GLU H 57 -14.42 -12.25 -11.91
CA GLU H 57 -15.03 -12.11 -10.61
C GLU H 57 -16.37 -12.83 -10.71
N VAL H 58 -16.79 -13.35 -9.57
CA VAL H 58 -18.16 -13.79 -9.40
C VAL H 58 -18.92 -12.77 -8.56
N LEU H 59 -20.06 -12.35 -9.06
CA LEU H 59 -20.91 -11.39 -8.36
C LEU H 59 -22.19 -12.08 -7.97
N SER H 60 -22.84 -11.50 -6.96
CA SER H 60 -24.21 -11.78 -6.51
C SER H 60 -25.25 -11.64 -7.63
N GLU H 61 -26.48 -12.14 -7.40
CA GLU H 61 -27.55 -12.01 -8.38
C GLU H 61 -27.78 -10.59 -8.84
N ASP H 62 -27.59 -9.64 -7.93
CA ASP H 62 -27.73 -8.23 -8.28
C ASP H 62 -26.52 -7.65 -9.00
N GLN H 63 -25.43 -8.39 -9.08
CA GLN H 63 -24.16 -7.80 -9.55
C GLN H 63 -23.56 -6.69 -8.71
N LYS H 64 -24.04 -6.44 -7.50
CA LYS H 64 -23.54 -5.29 -6.73
C LYS H 64 -22.68 -5.67 -5.50
N SER H 65 -22.40 -6.97 -5.35
CA SER H 65 -21.46 -7.44 -4.31
C SER H 65 -20.83 -8.75 -4.71
N PRO H 66 -19.66 -9.03 -4.14
CA PRO H 66 -18.97 -10.29 -4.37
C PRO H 66 -19.74 -11.50 -3.94
N ALA H 67 -19.64 -12.55 -4.76
CA ALA H 67 -20.24 -13.80 -4.38
C ALA H 67 -19.16 -14.63 -3.67
N PRO H 68 -19.55 -15.70 -2.96
CA PRO H 68 -18.47 -16.36 -2.23
C PRO H 68 -17.75 -17.48 -3.06
N PHE H 69 -17.04 -17.04 -4.11
CA PHE H 69 -16.27 -17.88 -5.07
C PHE H 69 -14.97 -17.18 -5.37
N VAL H 70 -13.92 -17.92 -5.71
CA VAL H 70 -12.75 -17.27 -6.32
C VAL H 70 -12.66 -17.81 -7.77
N VAL H 71 -11.99 -17.06 -8.62
CA VAL H 71 -11.57 -17.45 -9.97
C VAL H 71 -10.05 -17.42 -10.04
N THR H 72 -9.46 -18.53 -10.52
CA THR H 72 -7.98 -18.65 -10.58
C THR H 72 -7.68 -18.87 -12.02
N PRO H 73 -6.70 -18.12 -12.56
CA PRO H 73 -5.98 -16.94 -11.96
C PRO H 73 -6.92 -15.73 -11.98
N PRO H 74 -6.96 -14.90 -10.91
CA PRO H 74 -8.00 -13.82 -11.00
C PRO H 74 -7.51 -12.67 -11.87
N LEU H 75 -6.25 -12.73 -12.26
CA LEU H 75 -5.83 -11.73 -13.22
C LEU H 75 -4.61 -12.20 -13.93
N PHE H 76 -4.68 -12.17 -15.24
CA PHE H 76 -3.56 -12.62 -15.98
C PHE H 76 -3.58 -12.15 -17.43
N ARG H 77 -2.44 -12.30 -18.11
CA ARG H 77 -2.26 -11.77 -19.46
C ARG H 77 -2.49 -12.87 -20.48
N LEU H 78 -3.26 -12.57 -21.53
CA LEU H 78 -3.62 -13.46 -22.61
C LEU H 78 -3.20 -12.90 -23.93
N ASP H 79 -2.26 -13.54 -24.61
CA ASP H 79 -1.80 -12.97 -25.93
C ASP H 79 -2.81 -13.04 -27.08
N GLY H 80 -2.55 -12.25 -28.11
CA GLY H 80 -3.38 -12.25 -29.29
C GLY H 80 -3.61 -13.65 -29.77
N GLN H 81 -4.89 -13.91 -30.13
CA GLN H 81 -5.26 -15.12 -30.77
C GLN H 81 -5.03 -16.31 -29.84
N GLN H 82 -5.05 -16.07 -28.52
CA GLN H 82 -4.74 -17.14 -27.59
C GLN H 82 -5.83 -17.48 -26.57
N SER H 83 -5.76 -18.63 -25.92
CA SER H 83 -6.85 -19.03 -25.04
C SER H 83 -6.36 -19.61 -23.71
N SER H 84 -7.23 -19.61 -22.71
CA SER H 84 -6.96 -20.33 -21.47
C SER H 84 -8.20 -20.73 -20.71
N ARG H 85 -7.99 -21.37 -19.59
CA ARG H 85 -9.05 -21.87 -18.72
C ARG H 85 -9.03 -21.15 -17.38
N LEU H 86 -10.19 -20.72 -16.92
CA LEU H 86 -10.36 -20.30 -15.55
C LEU H 86 -10.91 -21.43 -14.71
N ARG H 87 -10.49 -21.50 -13.46
CA ARG H 87 -11.12 -22.43 -12.53
C ARG H 87 -12.00 -21.64 -11.54
N ILE H 88 -13.29 -22.02 -11.42
CA ILE H 88 -14.22 -21.33 -10.52
C ILE H 88 -14.63 -22.26 -9.42
N VAL H 89 -14.40 -21.83 -8.19
CA VAL H 89 -14.41 -22.68 -7.05
C VAL H 89 -15.09 -21.88 -6.00
N ARG H 90 -16.10 -22.51 -5.42
CA ARG H 90 -16.88 -21.89 -4.41
C ARG H 90 -16.17 -21.95 -3.07
N THR H 91 -16.30 -20.89 -2.30
CA THR H 91 -15.45 -20.66 -1.17
C THR H 91 -16.19 -20.54 0.16
N GLY H 92 -17.51 -20.48 0.09
CA GLY H 92 -18.35 -20.40 1.30
C GLY H 92 -19.76 -19.99 0.97
N GLY H 93 -20.43 -19.36 1.93
CA GLY H 93 -21.81 -18.88 1.74
C GLY H 93 -22.65 -20.06 2.10
N GLU H 94 -23.91 -19.79 2.41
CA GLU H 94 -24.92 -20.83 2.51
C GLU H 94 -25.80 -20.70 1.23
N PHE H 95 -26.20 -21.84 0.64
CA PHE H 95 -27.11 -21.80 -0.50
C PHE H 95 -28.22 -22.76 -0.27
N PRO H 96 -29.44 -22.30 -0.53
CA PRO H 96 -30.55 -23.14 -0.20
C PRO H 96 -30.29 -24.51 -0.80
N PRO H 97 -30.58 -25.56 -0.03
CA PRO H 97 -30.29 -26.90 -0.53
C PRO H 97 -31.39 -27.47 -1.40
N ASP H 98 -32.45 -26.72 -1.60
CA ASP H 98 -33.60 -27.30 -2.36
C ASP H 98 -33.89 -26.53 -3.68
N ARG H 99 -32.90 -25.80 -4.18
CA ARG H 99 -33.17 -24.97 -5.31
C ARG H 99 -31.92 -24.34 -5.80
N GLU H 100 -32.02 -23.96 -7.06
CA GLU H 100 -30.94 -23.31 -7.70
C GLU H 100 -30.80 -21.90 -7.09
N SER H 101 -29.56 -21.38 -7.04
CA SER H 101 -29.32 -19.93 -6.89
C SER H 101 -28.52 -19.32 -8.06
N LEU H 102 -28.66 -18.02 -8.31
CA LEU H 102 -27.98 -17.42 -9.44
C LEU H 102 -26.81 -16.59 -8.99
N GLN H 103 -25.64 -16.81 -9.58
CA GLN H 103 -24.58 -15.82 -9.47
C GLN H 103 -24.25 -15.45 -10.90
N TRP H 104 -23.28 -14.57 -11.06
CA TRP H 104 -22.85 -14.18 -12.36
C TRP H 104 -21.34 -14.23 -12.38
N ILE H 105 -20.75 -14.80 -13.46
CA ILE H 105 -19.32 -14.78 -13.69
C ILE H 105 -19.07 -13.64 -14.66
N CYS H 106 -18.18 -12.71 -14.31
CA CYS H 106 -17.84 -11.53 -15.12
C CYS H 106 -16.35 -11.58 -15.46
N VAL H 107 -16.01 -11.55 -16.74
CA VAL H 107 -14.66 -11.69 -17.16
C VAL H 107 -14.39 -10.44 -18.03
N LYS H 108 -13.57 -9.50 -17.49
CA LYS H 108 -13.24 -8.15 -18.08
C LYS H 108 -11.86 -8.15 -18.77
N GLY H 109 -11.84 -7.71 -20.03
CA GLY H 109 -10.57 -7.44 -20.71
C GLY H 109 -10.01 -6.04 -20.43
N ILE H 110 -8.81 -5.91 -19.85
CA ILE H 110 -8.18 -4.62 -19.57
C ILE H 110 -6.81 -4.56 -20.28
N PRO H 111 -6.28 -3.37 -20.49
CA PRO H 111 -4.97 -3.14 -21.16
C PRO H 111 -3.85 -3.56 -20.27
N PRO H 112 -2.79 -4.15 -20.85
CA PRO H 112 -1.46 -4.48 -20.21
C PRO H 112 -0.68 -3.28 -19.64
N LYS H 130 3.02 14.51 -32.44
CA LYS H 130 3.16 15.44 -31.30
C LYS H 130 1.95 15.33 -30.34
N VAL H 131 0.77 15.73 -30.78
CA VAL H 131 -0.40 15.46 -29.91
C VAL H 131 -1.10 14.08 -30.20
N SER H 132 -1.31 13.28 -29.15
CA SER H 132 -1.78 11.88 -29.21
C SER H 132 -3.01 11.63 -28.35
N LEU H 133 -4.09 11.21 -28.95
CA LEU H 133 -5.33 10.86 -28.26
C LEU H 133 -5.49 9.34 -28.30
N ASN H 134 -5.42 8.77 -27.12
CA ASN H 134 -5.60 7.33 -26.96
C ASN H 134 -6.93 6.98 -26.28
N VAL H 135 -7.72 6.10 -26.92
CA VAL H 135 -8.97 5.63 -26.28
C VAL H 135 -9.04 4.12 -26.04
N GLN H 136 -9.42 3.71 -24.83
CA GLN H 136 -9.44 2.27 -24.52
C GLN H 136 -10.75 1.84 -23.98
N LEU H 137 -11.34 0.81 -24.60
CA LEU H 137 -12.63 0.28 -24.18
C LEU H 137 -12.42 -1.06 -23.50
N SER H 138 -12.73 -1.12 -22.24
CA SER H 138 -12.67 -2.43 -21.56
C SER H 138 -14.06 -2.98 -21.48
N VAL H 139 -14.28 -4.14 -22.08
CA VAL H 139 -15.57 -4.79 -22.02
C VAL H 139 -15.66 -6.06 -21.13
N SER H 140 -16.68 -6.11 -20.28
CA SER H 140 -16.95 -7.26 -19.42
C SER H 140 -17.79 -8.24 -20.20
N SER H 141 -17.57 -9.52 -20.04
CA SER H 141 -18.56 -10.47 -20.53
C SER H 141 -19.09 -11.19 -19.31
N CYS H 142 -20.40 -11.17 -19.13
CA CYS H 142 -20.96 -11.79 -17.95
C CYS H 142 -21.87 -12.93 -18.35
N ILE H 143 -21.74 -14.07 -17.65
CA ILE H 143 -22.71 -15.17 -17.79
C ILE H 143 -23.28 -15.69 -16.51
N LYS H 144 -24.42 -16.35 -16.64
CA LYS H 144 -25.06 -16.85 -15.47
C LYS H 144 -24.32 -18.06 -14.90
N LEU H 145 -24.31 -18.13 -13.59
CA LEU H 145 -23.86 -19.30 -12.94
C LEU H 145 -24.97 -19.77 -11.96
N PHE H 146 -25.41 -21.01 -12.21
CA PHE H 146 -26.46 -21.72 -11.45
C PHE H 146 -25.85 -22.69 -10.45
N VAL H 147 -25.88 -22.31 -9.19
CA VAL H 147 -25.57 -23.26 -8.15
C VAL H 147 -26.77 -24.23 -8.14
N ARG H 148 -26.51 -25.49 -8.48
CA ARG H 148 -27.57 -26.49 -8.55
C ARG H 148 -27.34 -27.55 -7.48
N PRO H 149 -28.06 -27.48 -6.35
CA PRO H 149 -27.76 -28.47 -5.30
C PRO H 149 -28.15 -29.87 -5.77
N PRO H 150 -27.48 -30.91 -5.24
CA PRO H 150 -27.71 -32.35 -5.54
C PRO H 150 -29.20 -32.77 -5.41
N ALA H 151 -29.97 -32.13 -4.53
CA ALA H 151 -31.35 -32.61 -4.34
C ALA H 151 -32.25 -32.16 -5.49
N VAL H 152 -31.73 -31.29 -6.33
CA VAL H 152 -32.48 -30.79 -7.43
C VAL H 152 -32.10 -31.60 -8.64
N LYS H 153 -33.07 -32.32 -9.19
CA LYS H 153 -32.89 -33.39 -10.18
C LYS H 153 -33.43 -32.96 -11.54
N GLY H 154 -32.99 -33.67 -12.57
CA GLY H 154 -33.33 -33.46 -13.99
C GLY H 154 -32.87 -32.12 -14.47
N ARG H 155 -33.52 -31.61 -15.51
CA ARG H 155 -33.12 -30.32 -16.13
C ARG H 155 -34.23 -29.32 -16.05
N PRO H 156 -33.92 -28.05 -16.07
CA PRO H 156 -35.02 -27.04 -16.10
C PRO H 156 -36.06 -27.32 -17.20
N ASP H 157 -35.61 -27.60 -18.41
CA ASP H 157 -36.59 -27.85 -19.49
C ASP H 157 -37.44 -29.15 -19.32
N ASP H 158 -37.13 -30.01 -18.35
CA ASP H 158 -38.00 -31.18 -18.10
C ASP H 158 -39.33 -30.79 -17.40
N VAL H 159 -39.38 -29.54 -16.86
CA VAL H 159 -40.45 -29.16 -15.94
C VAL H 159 -40.85 -27.73 -16.17
N ALA H 160 -40.29 -27.12 -17.19
CA ALA H 160 -40.49 -25.71 -17.42
C ALA H 160 -41.88 -25.42 -18.00
N GLY H 161 -42.59 -26.44 -18.48
CA GLY H 161 -43.94 -26.24 -19.03
C GLY H 161 -45.02 -26.19 -17.98
N LYS H 162 -44.56 -26.25 -16.74
CA LYS H 162 -45.38 -26.31 -15.54
C LYS H 162 -45.56 -24.89 -14.99
N VAL H 163 -44.88 -23.90 -15.59
CA VAL H 163 -45.15 -22.50 -15.27
C VAL H 163 -46.55 -22.09 -15.74
N GLU H 164 -47.14 -21.22 -14.92
CA GLU H 164 -48.53 -20.85 -15.09
C GLU H 164 -48.70 -19.34 -15.18
N TRP H 165 -49.69 -18.93 -15.98
CA TRP H 165 -49.81 -17.53 -16.41
C TRP H 165 -51.19 -17.01 -16.11
N GLN H 166 -51.25 -15.80 -15.59
CA GLN H 166 -52.48 -15.21 -15.15
C GLN H 166 -52.32 -13.71 -15.31
N ARG H 167 -53.41 -12.98 -15.57
CA ARG H 167 -53.30 -11.52 -15.84
C ARG H 167 -53.66 -10.61 -14.66
N ALA H 168 -52.81 -10.65 -13.63
CA ALA H 168 -52.95 -9.88 -12.37
C ALA H 168 -52.85 -8.33 -12.47
N GLY H 169 -53.91 -7.65 -12.03
CA GLY H 169 -54.01 -6.19 -12.11
C GLY H 169 -53.83 -5.82 -13.56
N ASN H 170 -53.02 -4.77 -13.77
CA ASN H 170 -52.72 -4.33 -15.13
C ASN H 170 -52.04 -5.41 -16.01
N ARG H 171 -51.23 -6.27 -15.39
CA ARG H 171 -50.05 -6.90 -16.01
C ARG H 171 -50.06 -8.42 -16.36
N LEU H 172 -48.93 -8.95 -16.84
CA LEU H 172 -48.70 -10.40 -17.01
C LEU H 172 -47.89 -11.00 -15.86
N LYS H 173 -48.42 -12.06 -15.28
CA LYS H 173 -47.64 -12.74 -14.23
C LYS H 173 -47.37 -14.24 -14.51
N GLY H 174 -46.08 -14.60 -14.49
CA GLY H 174 -45.69 -16.01 -14.61
C GLY H 174 -45.38 -16.61 -13.24
N VAL H 175 -46.02 -17.75 -12.92
CA VAL H 175 -45.66 -18.41 -11.65
C VAL H 175 -45.02 -19.77 -11.79
N ASN H 176 -43.90 -19.93 -11.07
CA ASN H 176 -42.95 -21.01 -11.31
C ASN H 176 -42.87 -21.91 -10.12
N PRO H 177 -43.50 -23.09 -10.20
CA PRO H 177 -43.49 -24.00 -9.05
C PRO H 177 -42.26 -24.92 -9.02
N THR H 178 -41.34 -24.81 -9.98
CA THR H 178 -40.21 -25.70 -10.02
C THR H 178 -39.05 -25.06 -9.29
N PRO H 179 -38.04 -25.84 -8.94
CA PRO H 179 -36.88 -25.26 -8.25
C PRO H 179 -35.85 -24.67 -9.19
N PHE H 180 -36.21 -24.38 -10.42
CA PHE H 180 -35.18 -23.90 -11.36
C PHE H 180 -35.45 -22.50 -11.79
N TYR H 181 -34.36 -21.79 -12.11
CA TYR H 181 -34.56 -20.60 -12.91
C TYR H 181 -35.23 -20.95 -14.23
N ILE H 182 -36.14 -20.09 -14.65
CA ILE H 182 -36.82 -20.23 -15.93
C ILE H 182 -36.24 -19.13 -16.78
N ASN H 183 -35.36 -19.50 -17.70
CA ASN H 183 -34.59 -18.51 -18.47
C ASN H 183 -35.21 -18.47 -19.83
N LEU H 184 -36.25 -17.66 -19.97
CA LEU H 184 -37.07 -17.52 -21.16
C LEU H 184 -36.32 -17.09 -22.42
N SER H 185 -36.57 -17.77 -23.51
CA SER H 185 -36.06 -17.43 -24.84
C SER H 185 -37.17 -16.77 -25.69
N THR H 186 -38.42 -17.13 -25.41
CA THR H 186 -39.57 -16.85 -26.30
C THR H 186 -40.78 -16.76 -25.39
N LEU H 187 -41.57 -15.69 -25.53
CA LEU H 187 -42.81 -15.47 -24.75
C LEU H 187 -43.83 -14.68 -25.54
N THR H 188 -44.80 -15.40 -26.08
CA THR H 188 -45.82 -14.74 -26.90
C THR H 188 -47.19 -14.97 -26.26
N VAL H 189 -48.05 -13.95 -26.30
CA VAL H 189 -49.45 -14.12 -25.94
C VAL H 189 -50.37 -13.99 -27.15
N GLY H 190 -51.06 -15.06 -27.51
CA GLY H 190 -51.89 -15.08 -28.72
C GLY H 190 -51.15 -15.00 -30.05
N GLY H 191 -49.88 -14.66 -29.99
CA GLY H 191 -49.06 -14.43 -31.18
C GLY H 191 -48.12 -13.29 -30.90
N LYS H 192 -48.50 -12.45 -29.93
CA LYS H 192 -47.79 -11.21 -29.59
C LYS H 192 -46.59 -11.42 -28.65
N GLU H 193 -45.45 -10.90 -29.07
CA GLU H 193 -44.22 -10.98 -28.31
C GLU H 193 -44.28 -10.06 -27.08
N VAL H 194 -43.74 -10.58 -25.97
CA VAL H 194 -43.70 -9.92 -24.68
C VAL H 194 -42.28 -9.43 -24.48
N LYS H 195 -42.10 -8.23 -23.94
CA LYS H 195 -40.72 -7.86 -23.58
C LYS H 195 -40.56 -7.55 -22.11
N GLU H 196 -39.45 -6.86 -21.78
CA GLU H 196 -38.80 -6.89 -20.46
C GLU H 196 -38.91 -8.36 -19.97
N ARG H 197 -38.59 -9.27 -20.91
CA ARG H 197 -38.71 -10.71 -20.82
C ARG H 197 -37.62 -11.30 -19.90
N GLU H 198 -37.61 -10.95 -18.62
CA GLU H 198 -36.62 -11.49 -17.68
C GLU H 198 -36.95 -12.93 -17.09
N TYR H 199 -35.95 -13.58 -16.52
CA TYR H 199 -36.10 -14.92 -16.00
C TYR H 199 -37.06 -14.98 -14.80
N ILE H 200 -37.45 -16.18 -14.41
CA ILE H 200 -38.33 -16.35 -13.22
C ILE H 200 -37.53 -17.19 -12.25
N ALA H 201 -37.29 -16.68 -11.06
CA ALA H 201 -36.58 -17.41 -10.01
C ALA H 201 -37.35 -18.70 -9.58
N PRO H 202 -36.63 -19.66 -8.96
CA PRO H 202 -37.33 -20.82 -8.45
C PRO H 202 -38.40 -20.44 -7.38
N PHE H 203 -39.52 -21.12 -7.35
CA PHE H 203 -40.56 -20.96 -6.35
C PHE H 203 -40.98 -19.52 -6.21
N SER H 204 -41.30 -18.91 -7.34
CA SER H 204 -41.31 -17.45 -7.36
C SER H 204 -42.10 -17.00 -8.54
N SER H 205 -42.32 -15.71 -8.67
CA SER H 205 -43.13 -15.21 -9.80
C SER H 205 -42.43 -13.99 -10.40
N ARG H 206 -42.77 -13.66 -11.65
CA ARG H 206 -42.26 -12.43 -12.24
C ARG H 206 -43.42 -11.77 -13.00
N GLU H 207 -43.59 -10.45 -12.78
CA GLU H 207 -44.57 -9.67 -13.55
C GLU H 207 -43.94 -9.16 -14.83
N TYR H 208 -44.77 -8.97 -15.85
CA TYR H 208 -44.38 -8.43 -17.17
C TYR H 208 -45.41 -7.35 -17.68
N PRO H 209 -44.93 -6.30 -18.41
CA PRO H 209 -45.93 -5.55 -19.15
C PRO H 209 -46.53 -6.44 -20.23
N LEU H 210 -47.82 -6.22 -20.54
CA LEU H 210 -48.53 -7.07 -21.47
C LEU H 210 -48.83 -6.29 -22.76
N PRO H 211 -49.02 -6.98 -23.91
CA PRO H 211 -49.60 -6.43 -25.17
C PRO H 211 -51.18 -6.33 -25.27
N ALA H 212 -51.70 -5.15 -25.64
CA ALA H 212 -53.15 -4.89 -25.64
C ALA H 212 -53.97 -6.01 -26.31
N GLY H 213 -54.66 -6.84 -25.50
CA GLY H 213 -55.12 -8.18 -25.93
C GLY H 213 -54.00 -9.22 -25.79
N LYS H 217 -53.86 -18.18 -25.46
CA LYS H 217 -52.74 -19.08 -25.75
C LYS H 217 -51.38 -18.42 -25.56
N VAL H 218 -50.77 -18.70 -24.41
CA VAL H 218 -49.40 -18.28 -24.05
C VAL H 218 -48.41 -19.35 -24.51
N GLN H 219 -47.36 -18.90 -25.18
CA GLN H 219 -46.36 -19.78 -25.73
C GLN H 219 -44.97 -19.36 -25.23
N TRP H 220 -44.24 -20.31 -24.63
CA TRP H 220 -42.87 -20.01 -24.13
C TRP H 220 -41.83 -21.08 -24.33
N LYS H 221 -40.60 -20.65 -24.48
CA LYS H 221 -39.44 -21.58 -24.66
C LYS H 221 -38.31 -21.14 -23.68
N VAL H 222 -37.50 -22.09 -23.16
CA VAL H 222 -36.30 -21.73 -22.34
C VAL H 222 -34.99 -22.01 -23.00
N ILE H 223 -33.97 -21.20 -22.67
CA ILE H 223 -32.54 -21.59 -22.92
C ILE H 223 -32.19 -22.77 -22.04
N THR H 224 -31.61 -23.80 -22.62
CA THR H 224 -31.25 -24.99 -21.82
C THR H 224 -29.90 -24.74 -21.15
N ASP H 225 -29.50 -25.63 -20.23
CA ASP H 225 -28.11 -25.69 -19.71
C ASP H 225 -27.03 -25.60 -20.76
N TYR H 226 -27.30 -26.08 -21.97
CA TYR H 226 -26.31 -26.21 -23.05
C TYR H 226 -26.28 -24.97 -23.91
N GLY H 227 -27.16 -24.01 -23.65
CA GLY H 227 -27.14 -22.85 -24.55
C GLY H 227 -28.17 -22.92 -25.66
N GLY H 228 -28.97 -24.01 -25.68
CA GLY H 228 -29.91 -24.28 -26.79
C GLY H 228 -31.29 -23.85 -26.35
N THR H 229 -32.29 -24.24 -27.12
CA THR H 229 -33.65 -23.76 -26.91
C THR H 229 -34.52 -24.96 -26.69
N SER H 230 -35.38 -24.93 -25.66
CA SER H 230 -36.31 -26.06 -25.41
C SER H 230 -37.43 -26.25 -26.48
N LYS H 231 -38.15 -27.38 -26.40
CA LYS H 231 -39.44 -27.60 -27.03
C LYS H 231 -40.38 -26.46 -26.62
N GLN H 232 -41.40 -26.18 -27.44
CA GLN H 232 -42.32 -25.11 -27.14
C GLN H 232 -43.23 -25.60 -26.05
N PHE H 233 -43.58 -24.69 -25.13
CA PHE H 233 -44.61 -24.95 -24.13
C PHE H 233 -45.91 -24.14 -24.32
N GLU H 234 -47.07 -24.76 -24.07
CA GLU H 234 -48.37 -24.10 -24.17
C GLU H 234 -49.29 -24.34 -22.98
N ALA H 235 -49.94 -23.23 -22.57
CA ALA H 235 -51.00 -23.21 -21.55
C ALA H 235 -52.00 -22.10 -21.93
N GLU H 236 -53.13 -21.98 -21.23
CA GLU H 236 -54.12 -20.92 -21.59
C GLU H 236 -54.06 -19.71 -20.62
N LEU H 237 -54.62 -18.56 -21.03
CA LEU H 237 -54.91 -17.41 -20.14
C LEU H 237 -53.67 -16.72 -19.67
#